data_2DGS
#
_entry.id   2DGS
#
_entity_poly.entity_id   1
_entity_poly.type   'polypeptide(L)'
_entity_poly.pdbx_seq_one_letter_code
;GSSGSSGSKSNKIFVGGIPHNCGETELREYFKKFGVVTEVVMIYDAEKQRPRGFGFITFEDEQSVDQAVNMHFHDIMGKK
VEVKRAEPRDSKSSGPSSG
;
_entity_poly.pdbx_strand_id   A
#
# COMPACT_ATOMS: atom_id res chain seq x y z
N GLY A 1 8.36 7.43 -3.59
CA GLY A 1 8.55 6.05 -3.98
C GLY A 1 10.02 5.74 -4.24
N SER A 2 10.53 4.71 -3.57
CA SER A 2 11.92 4.31 -3.72
C SER A 2 12.02 3.00 -4.49
N SER A 3 13.23 2.67 -4.94
CA SER A 3 13.47 1.45 -5.68
C SER A 3 14.54 0.60 -5.01
N GLY A 4 14.11 -0.30 -4.12
CA GLY A 4 15.05 -1.16 -3.42
C GLY A 4 14.36 -2.07 -2.42
N SER A 5 14.09 -3.30 -2.83
CA SER A 5 13.42 -4.26 -1.97
C SER A 5 13.96 -5.67 -2.21
N SER A 6 14.42 -6.31 -1.14
CA SER A 6 14.97 -7.67 -1.24
C SER A 6 13.93 -8.70 -0.84
N GLY A 7 13.23 -8.43 0.26
CA GLY A 7 12.21 -9.34 0.74
C GLY A 7 11.35 -9.89 -0.37
N SER A 8 11.54 -11.16 -0.71
CA SER A 8 10.77 -11.79 -1.78
C SER A 8 9.29 -11.43 -1.67
N LYS A 9 8.78 -11.47 -0.45
CA LYS A 9 7.37 -11.14 -0.20
C LYS A 9 7.11 -9.66 -0.44
N SER A 10 5.97 -9.36 -1.06
CA SER A 10 5.60 -7.98 -1.34
C SER A 10 4.53 -7.49 -0.37
N ASN A 11 4.95 -6.81 0.68
CA ASN A 11 4.02 -6.29 1.68
C ASN A 11 3.53 -4.90 1.30
N LYS A 12 3.29 -4.70 0.00
CA LYS A 12 2.81 -3.42 -0.50
C LYS A 12 1.31 -3.48 -0.78
N ILE A 13 0.62 -2.37 -0.51
CA ILE A 13 -0.82 -2.29 -0.74
C ILE A 13 -1.16 -1.08 -1.60
N PHE A 14 -2.27 -1.19 -2.34
CA PHE A 14 -2.71 -0.10 -3.21
C PHE A 14 -3.78 0.74 -2.52
N VAL A 15 -3.42 1.96 -2.13
CA VAL A 15 -4.36 2.86 -1.46
C VAL A 15 -4.85 3.94 -2.42
N GLY A 16 -6.13 3.89 -2.74
CA GLY A 16 -6.71 4.88 -3.63
C GLY A 16 -7.85 5.64 -3.00
N GLY A 17 -8.39 6.62 -3.73
CA GLY A 17 -9.50 7.41 -3.22
C GLY A 17 -9.07 8.31 -2.08
N ILE A 18 -7.78 8.33 -1.79
CA ILE A 18 -7.25 9.17 -0.71
C ILE A 18 -7.70 10.61 -0.86
N PRO A 19 -8.08 11.23 0.27
CA PRO A 19 -8.54 12.62 0.30
C PRO A 19 -7.41 13.61 0.02
N HIS A 20 -7.77 14.86 -0.23
CA HIS A 20 -6.79 15.90 -0.51
C HIS A 20 -6.21 16.47 0.79
N ASN A 21 -6.52 15.81 1.90
CA ASN A 21 -6.03 16.26 3.21
C ASN A 21 -5.15 15.19 3.84
N CYS A 22 -5.29 13.95 3.38
CA CYS A 22 -4.50 12.85 3.91
C CYS A 22 -3.11 12.82 3.30
N GLY A 23 -2.11 12.49 4.11
CA GLY A 23 -0.74 12.44 3.63
C GLY A 23 0.05 11.30 4.24
N GLU A 24 1.35 11.29 3.99
CA GLU A 24 2.22 10.24 4.52
C GLU A 24 1.97 10.04 6.01
N THR A 25 2.14 11.11 6.78
CA THR A 25 1.95 11.04 8.22
C THR A 25 0.64 10.34 8.57
N GLU A 26 -0.48 10.89 8.09
CA GLU A 26 -1.78 10.30 8.35
C GLU A 26 -1.82 8.83 7.94
N LEU A 27 -1.64 8.58 6.65
CA LEU A 27 -1.65 7.21 6.12
C LEU A 27 -1.05 6.24 7.14
N ARG A 28 0.23 6.44 7.45
CA ARG A 28 0.93 5.58 8.40
C ARG A 28 0.23 5.60 9.76
N GLU A 29 -0.01 6.81 10.28
CA GLU A 29 -0.66 6.96 11.58
C GLU A 29 -1.95 6.15 11.63
N TYR A 30 -2.51 5.84 10.46
CA TYR A 30 -3.74 5.07 10.38
C TYR A 30 -3.46 3.64 9.94
N PHE A 31 -2.31 3.43 9.33
CA PHE A 31 -1.91 2.10 8.86
C PHE A 31 -0.89 1.47 9.81
N LYS A 32 -0.77 2.04 11.00
CA LYS A 32 0.17 1.54 12.00
C LYS A 32 -0.52 0.55 12.95
N LYS A 33 -1.84 0.58 12.95
CA LYS A 33 -2.62 -0.31 13.81
C LYS A 33 -2.64 -1.73 13.25
N PHE A 34 -2.70 -1.83 11.93
CA PHE A 34 -2.72 -3.13 11.26
C PHE A 34 -1.39 -3.86 11.44
N GLY A 35 -0.33 -3.08 11.62
CA GLY A 35 1.00 -3.67 11.80
C GLY A 35 2.08 -2.62 11.93
N VAL A 36 2.99 -2.58 10.95
CA VAL A 36 4.08 -1.61 10.96
C VAL A 36 4.40 -1.13 9.55
N VAL A 37 4.22 0.16 9.31
CA VAL A 37 4.48 0.73 8.00
C VAL A 37 5.98 1.00 7.82
N THR A 38 6.59 0.27 6.89
CA THR A 38 8.02 0.42 6.61
C THR A 38 8.25 1.47 5.54
N GLU A 39 7.36 1.53 4.56
CA GLU A 39 7.48 2.49 3.47
C GLU A 39 6.11 2.99 3.04
N VAL A 40 6.08 4.22 2.52
CA VAL A 40 4.83 4.83 2.06
C VAL A 40 5.00 5.48 0.69
N VAL A 41 4.52 4.80 -0.34
CA VAL A 41 4.61 5.32 -1.70
C VAL A 41 3.41 6.20 -2.04
N MET A 42 3.65 7.25 -2.81
CA MET A 42 2.60 8.17 -3.21
C MET A 42 2.83 8.68 -4.62
N ILE A 43 1.79 8.63 -5.44
CA ILE A 43 1.88 9.10 -6.83
C ILE A 43 1.38 10.53 -6.96
N TYR A 44 2.16 11.38 -7.63
CA TYR A 44 1.80 12.77 -7.82
C TYR A 44 2.73 13.44 -8.83
N ASP A 45 2.31 14.60 -9.32
CA ASP A 45 3.10 15.35 -10.30
C ASP A 45 4.12 16.24 -9.60
N ALA A 46 5.40 15.91 -9.75
CA ALA A 46 6.46 16.68 -9.14
C ALA A 46 6.11 18.17 -9.08
N GLU A 47 5.89 18.77 -10.25
CA GLU A 47 5.55 20.18 -10.32
C GLU A 47 4.64 20.58 -9.16
N LYS A 48 3.64 19.77 -8.89
CA LYS A 48 2.71 20.04 -7.80
C LYS A 48 3.28 19.61 -6.46
N GLN A 49 3.98 18.46 -6.46
CA GLN A 49 4.58 17.94 -5.24
C GLN A 49 3.53 17.69 -4.17
N ARG A 50 2.51 16.91 -4.52
CA ARG A 50 1.44 16.59 -3.60
C ARG A 50 0.60 15.42 -4.11
N PRO A 51 0.24 14.50 -3.19
CA PRO A 51 -0.57 13.33 -3.53
C PRO A 51 -2.00 13.69 -3.90
N ARG A 52 -2.37 13.45 -5.16
CA ARG A 52 -3.71 13.75 -5.64
C ARG A 52 -4.75 13.04 -4.79
N GLY A 53 -4.62 11.72 -4.66
CA GLY A 53 -5.56 10.95 -3.89
C GLY A 53 -5.44 9.45 -4.13
N PHE A 54 -4.20 8.99 -4.26
CA PHE A 54 -3.95 7.57 -4.50
C PHE A 54 -2.47 7.24 -4.35
N GLY A 55 -2.16 5.95 -4.28
CA GLY A 55 -0.77 5.53 -4.13
C GLY A 55 -0.65 4.14 -3.55
N PHE A 56 0.50 3.85 -2.96
CA PHE A 56 0.75 2.54 -2.36
C PHE A 56 1.44 2.68 -1.01
N ILE A 57 1.45 1.59 -0.25
CA ILE A 57 2.09 1.59 1.08
C ILE A 57 2.65 0.22 1.41
N THR A 58 3.88 0.20 1.91
CA THR A 58 4.52 -1.06 2.28
C THR A 58 4.47 -1.28 3.79
N PHE A 59 4.34 -2.54 4.20
CA PHE A 59 4.28 -2.89 5.61
C PHE A 59 5.49 -3.72 6.02
N GLU A 60 5.52 -4.14 7.28
CA GLU A 60 6.62 -4.93 7.80
C GLU A 60 6.38 -6.42 7.54
N ASP A 61 5.14 -6.86 7.76
CA ASP A 61 4.78 -8.26 7.55
C ASP A 61 3.60 -8.38 6.59
N GLU A 62 3.75 -9.21 5.57
CA GLU A 62 2.70 -9.41 4.58
C GLU A 62 1.32 -9.37 5.24
N GLN A 63 1.23 -9.93 6.44
CA GLN A 63 -0.03 -9.95 7.18
C GLN A 63 -0.76 -8.62 7.05
N SER A 64 -0.12 -7.56 7.52
CA SER A 64 -0.70 -6.22 7.48
C SER A 64 -1.51 -6.03 6.19
N VAL A 65 -0.87 -6.30 5.05
CA VAL A 65 -1.53 -6.16 3.75
C VAL A 65 -2.92 -6.77 3.78
N ASP A 66 -2.98 -8.07 4.09
CA ASP A 66 -4.25 -8.77 4.14
C ASP A 66 -5.26 -8.02 4.99
N GLN A 67 -4.88 -7.73 6.23
CA GLN A 67 -5.75 -7.01 7.15
C GLN A 67 -6.41 -5.82 6.46
N ALA A 68 -5.59 -5.00 5.82
CA ALA A 68 -6.08 -3.82 5.11
C ALA A 68 -6.98 -4.21 3.95
N VAL A 69 -6.48 -5.10 3.09
CA VAL A 69 -7.23 -5.57 1.93
C VAL A 69 -8.66 -5.95 2.33
N ASN A 70 -8.78 -6.93 3.22
CA ASN A 70 -10.08 -7.38 3.68
C ASN A 70 -11.02 -6.22 3.91
N MET A 71 -10.56 -5.24 4.70
CA MET A 71 -11.36 -4.06 5.01
C MET A 71 -11.73 -3.31 3.73
N HIS A 72 -10.77 -3.20 2.82
CA HIS A 72 -11.01 -2.49 1.55
C HIS A 72 -11.67 -1.15 1.79
N PHE A 73 -11.43 -0.57 2.95
CA PHE A 73 -12.02 0.73 3.30
C PHE A 73 -11.44 1.24 4.62
N HIS A 74 -11.40 2.56 4.75
CA HIS A 74 -10.88 3.19 5.97
C HIS A 74 -11.37 4.63 6.09
N ASP A 75 -11.55 5.08 7.33
CA ASP A 75 -12.02 6.43 7.59
C ASP A 75 -10.87 7.33 8.01
N ILE A 76 -10.22 7.97 7.04
CA ILE A 76 -9.11 8.86 7.32
C ILE A 76 -9.48 10.31 7.05
N MET A 77 -9.60 11.10 8.12
CA MET A 77 -9.94 12.51 8.00
C MET A 77 -11.34 12.67 7.42
N GLY A 78 -12.29 11.88 7.92
CA GLY A 78 -13.66 11.95 7.43
C GLY A 78 -13.76 11.61 5.97
N LYS A 79 -13.06 10.56 5.54
CA LYS A 79 -13.08 10.13 4.15
C LYS A 79 -12.87 8.63 4.04
N LYS A 80 -13.53 8.02 3.07
CA LYS A 80 -13.41 6.58 2.85
C LYS A 80 -12.28 6.26 1.87
N VAL A 81 -11.18 5.72 2.39
CA VAL A 81 -10.04 5.36 1.57
C VAL A 81 -10.10 3.91 1.12
N GLU A 82 -9.95 3.70 -0.18
CA GLU A 82 -10.00 2.35 -0.75
C GLU A 82 -8.63 1.70 -0.71
N VAL A 83 -8.58 0.43 -0.29
CA VAL A 83 -7.33 -0.31 -0.21
C VAL A 83 -7.46 -1.68 -0.85
N LYS A 84 -6.50 -2.04 -1.69
CA LYS A 84 -6.49 -3.33 -2.36
C LYS A 84 -5.11 -3.96 -2.34
N ARG A 85 -5.06 -5.28 -2.53
CA ARG A 85 -3.79 -6.00 -2.54
C ARG A 85 -2.94 -5.61 -3.74
N ALA A 86 -1.81 -4.97 -3.48
CA ALA A 86 -0.91 -4.55 -4.54
C ALA A 86 0.07 -5.66 -4.91
N GLU A 87 0.66 -5.56 -6.09
CA GLU A 87 1.61 -6.56 -6.56
C GLU A 87 2.94 -5.91 -6.93
N PRO A 88 4.03 -6.68 -6.80
CA PRO A 88 5.39 -6.21 -7.10
C PRO A 88 5.60 -5.99 -8.60
N ARG A 89 6.36 -4.95 -8.94
CA ARG A 89 6.64 -4.64 -10.34
C ARG A 89 7.78 -3.64 -10.45
N ASP A 90 8.67 -3.85 -11.41
CA ASP A 90 9.80 -2.96 -11.63
C ASP A 90 10.25 -2.98 -13.09
N SER A 91 11.00 -1.97 -13.49
CA SER A 91 11.48 -1.86 -14.86
C SER A 91 13.00 -1.94 -14.91
N LYS A 92 13.58 -2.81 -14.09
CA LYS A 92 15.02 -2.98 -14.02
C LYS A 92 15.44 -4.37 -14.49
N SER A 93 16.62 -4.47 -15.08
CA SER A 93 17.12 -5.74 -15.56
C SER A 93 18.64 -5.85 -15.36
N SER A 94 19.17 -7.06 -15.50
CA SER A 94 20.60 -7.30 -15.33
C SER A 94 21.35 -7.06 -16.64
N GLY A 95 22.62 -6.69 -16.53
CA GLY A 95 23.43 -6.44 -17.70
C GLY A 95 24.78 -7.11 -17.62
N PRO A 96 25.30 -7.55 -18.79
CA PRO A 96 26.60 -8.23 -18.86
C PRO A 96 27.76 -7.27 -18.61
N SER A 97 27.75 -6.14 -19.30
CA SER A 97 28.81 -5.14 -19.14
C SER A 97 28.47 -3.86 -19.90
N SER A 98 29.40 -2.92 -19.89
CA SER A 98 29.19 -1.65 -20.58
C SER A 98 29.01 -1.85 -22.08
N GLY A 99 27.91 -1.34 -22.62
CA GLY A 99 27.64 -1.48 -24.04
C GLY A 99 27.45 -0.15 -24.72
N GLY A 1 -4.70 -11.95 -3.45
CA GLY A 1 -3.97 -12.07 -4.70
C GLY A 1 -3.59 -13.49 -5.04
N SER A 2 -3.98 -13.94 -6.23
CA SER A 2 -3.69 -15.30 -6.67
C SER A 2 -2.49 -15.31 -7.60
N SER A 3 -1.30 -15.52 -7.02
CA SER A 3 -0.07 -15.57 -7.81
C SER A 3 0.99 -16.41 -7.11
N GLY A 4 1.86 -17.04 -7.90
CA GLY A 4 2.90 -17.87 -7.34
C GLY A 4 4.12 -17.07 -6.91
N SER A 5 4.62 -17.37 -5.71
CA SER A 5 5.79 -16.67 -5.17
C SER A 5 6.86 -17.66 -4.75
N SER A 6 8.02 -17.58 -5.40
CA SER A 6 9.14 -18.47 -5.09
C SER A 6 10.22 -17.72 -4.31
N GLY A 7 9.81 -16.92 -3.35
CA GLY A 7 10.75 -16.17 -2.55
C GLY A 7 10.49 -14.68 -2.59
N SER A 8 9.88 -14.22 -3.69
CA SER A 8 9.58 -12.81 -3.86
C SER A 8 8.36 -12.40 -3.04
N LYS A 9 8.59 -11.66 -1.97
CA LYS A 9 7.50 -11.20 -1.11
C LYS A 9 7.25 -9.71 -1.30
N SER A 10 5.98 -9.35 -1.46
CA SER A 10 5.60 -7.95 -1.66
C SER A 10 4.55 -7.53 -0.64
N ASN A 11 4.97 -6.81 0.38
CA ASN A 11 4.06 -6.35 1.42
C ASN A 11 3.53 -4.95 1.10
N LYS A 12 3.33 -4.69 -0.19
CA LYS A 12 2.83 -3.39 -0.63
C LYS A 12 1.32 -3.45 -0.89
N ILE A 13 0.64 -2.35 -0.59
CA ILE A 13 -0.80 -2.29 -0.78
C ILE A 13 -1.18 -1.07 -1.62
N PHE A 14 -2.27 -1.20 -2.39
CA PHE A 14 -2.73 -0.11 -3.24
C PHE A 14 -3.83 0.68 -2.55
N VAL A 15 -3.54 1.94 -2.25
CA VAL A 15 -4.50 2.81 -1.58
C VAL A 15 -4.99 3.91 -2.52
N GLY A 16 -6.28 3.89 -2.82
CA GLY A 16 -6.85 4.89 -3.71
C GLY A 16 -7.96 5.67 -3.05
N GLY A 17 -8.55 6.61 -3.81
CA GLY A 17 -9.63 7.42 -3.27
C GLY A 17 -9.19 8.26 -2.08
N ILE A 18 -7.89 8.37 -1.89
CA ILE A 18 -7.34 9.15 -0.79
C ILE A 18 -7.73 10.62 -0.91
N PRO A 19 -8.09 11.22 0.23
CA PRO A 19 -8.49 12.64 0.28
C PRO A 19 -7.32 13.57 0.03
N HIS A 20 -7.63 14.82 -0.35
CA HIS A 20 -6.59 15.81 -0.61
C HIS A 20 -5.87 16.21 0.68
N ASN A 21 -6.34 15.68 1.80
CA ASN A 21 -5.75 15.97 3.10
C ASN A 21 -4.82 14.84 3.54
N CYS A 22 -5.38 13.66 3.72
CA CYS A 22 -4.61 12.50 4.14
C CYS A 22 -3.23 12.51 3.50
N GLY A 23 -2.19 12.52 4.33
CA GLY A 23 -0.83 12.53 3.81
C GLY A 23 0.00 11.38 4.34
N GLU A 24 1.29 11.39 4.05
CA GLU A 24 2.19 10.34 4.49
C GLU A 24 1.96 10.01 5.96
N THR A 25 2.25 10.97 6.84
CA THR A 25 2.07 10.79 8.26
C THR A 25 0.74 10.11 8.57
N GLU A 26 -0.35 10.75 8.16
CA GLU A 26 -1.68 10.21 8.39
C GLU A 26 -1.77 8.75 7.96
N LEU A 27 -1.62 8.52 6.67
CA LEU A 27 -1.68 7.16 6.12
C LEU A 27 -1.08 6.16 7.11
N ARG A 28 0.15 6.41 7.53
CA ARG A 28 0.83 5.53 8.46
C ARG A 28 0.12 5.50 9.81
N GLU A 29 0.01 6.67 10.44
CA GLU A 29 -0.66 6.78 11.73
C GLU A 29 -1.94 5.95 11.75
N TYR A 30 -2.52 5.74 10.58
CA TYR A 30 -3.75 4.97 10.45
C TYR A 30 -3.47 3.54 10.00
N PHE A 31 -2.34 3.36 9.32
CA PHE A 31 -1.94 2.04 8.83
C PHE A 31 -0.95 1.39 9.79
N LYS A 32 -0.82 1.95 10.98
CA LYS A 32 0.09 1.42 11.99
C LYS A 32 -0.62 0.43 12.91
N LYS A 33 -1.91 0.64 13.10
CA LYS A 33 -2.71 -0.23 13.96
C LYS A 33 -2.72 -1.66 13.42
N PHE A 34 -2.70 -1.78 12.10
CA PHE A 34 -2.72 -3.09 11.46
C PHE A 34 -1.41 -3.83 11.71
N GLY A 35 -0.29 -3.11 11.59
CA GLY A 35 1.00 -3.72 11.81
C GLY A 35 2.11 -2.68 11.97
N VAL A 36 2.97 -2.58 10.95
CA VAL A 36 4.06 -1.62 10.99
C VAL A 36 4.44 -1.18 9.58
N VAL A 37 4.15 0.09 9.26
CA VAL A 37 4.46 0.64 7.95
C VAL A 37 5.95 0.93 7.82
N THR A 38 6.59 0.28 6.86
CA THR A 38 8.01 0.48 6.63
C THR A 38 8.27 1.54 5.56
N GLU A 39 7.40 1.58 4.56
CA GLU A 39 7.52 2.55 3.47
C GLU A 39 6.15 3.08 3.06
N VAL A 40 6.13 4.30 2.53
CA VAL A 40 4.88 4.92 2.09
C VAL A 40 5.05 5.54 0.71
N VAL A 41 4.54 4.86 -0.31
CA VAL A 41 4.63 5.34 -1.69
C VAL A 41 3.43 6.22 -2.03
N MET A 42 3.67 7.29 -2.78
CA MET A 42 2.61 8.21 -3.18
C MET A 42 2.84 8.73 -4.59
N ILE A 43 1.78 8.81 -5.37
CA ILE A 43 1.86 9.29 -6.74
C ILE A 43 1.32 10.71 -6.87
N TYR A 44 2.06 11.58 -7.53
CA TYR A 44 1.65 12.96 -7.73
C TYR A 44 2.59 13.68 -8.69
N ASP A 45 2.15 14.84 -9.18
CA ASP A 45 2.96 15.63 -10.11
C ASP A 45 3.95 16.51 -9.36
N ALA A 46 5.23 16.22 -9.53
CA ALA A 46 6.28 16.99 -8.87
C ALA A 46 5.88 18.45 -8.73
N GLU A 47 5.60 19.10 -9.86
CA GLU A 47 5.22 20.50 -9.86
C GLU A 47 4.22 20.79 -8.73
N LYS A 48 3.25 19.90 -8.56
CA LYS A 48 2.25 20.06 -7.52
C LYS A 48 2.81 19.69 -6.16
N GLN A 49 3.58 18.60 -6.12
CA GLN A 49 4.19 18.13 -4.87
C GLN A 49 3.12 17.79 -3.84
N ARG A 50 2.10 17.05 -4.28
CA ARG A 50 1.01 16.66 -3.41
C ARG A 50 0.25 15.46 -3.97
N PRO A 51 -0.10 14.51 -3.09
CA PRO A 51 -0.84 13.30 -3.49
C PRO A 51 -2.28 13.61 -3.90
N ARG A 52 -2.57 13.46 -5.18
CA ARG A 52 -3.90 13.71 -5.70
C ARG A 52 -4.96 12.98 -4.87
N GLY A 53 -4.80 11.67 -4.75
CA GLY A 53 -5.74 10.87 -3.99
C GLY A 53 -5.59 9.39 -4.25
N PHE A 54 -4.35 8.92 -4.31
CA PHE A 54 -4.07 7.52 -4.56
C PHE A 54 -2.59 7.22 -4.41
N GLY A 55 -2.25 5.95 -4.21
CA GLY A 55 -0.87 5.55 -4.06
C GLY A 55 -0.72 4.15 -3.49
N PHE A 56 0.45 3.86 -2.93
CA PHE A 56 0.71 2.54 -2.35
C PHE A 56 1.48 2.68 -1.04
N ILE A 57 1.45 1.61 -0.25
CA ILE A 57 2.14 1.59 1.04
C ILE A 57 2.72 0.22 1.34
N THR A 58 3.93 0.19 1.88
CA THR A 58 4.60 -1.06 2.22
C THR A 58 4.58 -1.30 3.72
N PHE A 59 4.38 -2.56 4.11
CA PHE A 59 4.35 -2.93 5.53
C PHE A 59 5.55 -3.80 5.90
N GLU A 60 5.68 -4.09 7.18
CA GLU A 60 6.79 -4.91 7.67
C GLU A 60 6.51 -6.39 7.43
N ASP A 61 5.26 -6.79 7.66
CA ASP A 61 4.87 -8.19 7.48
C ASP A 61 3.66 -8.28 6.55
N GLU A 62 3.82 -9.05 5.47
CA GLU A 62 2.74 -9.22 4.51
C GLU A 62 1.39 -9.26 5.20
N GLN A 63 1.32 -9.92 6.34
CA GLN A 63 0.08 -10.02 7.10
C GLN A 63 -0.73 -8.73 7.01
N SER A 64 -0.13 -7.64 7.48
CA SER A 64 -0.79 -6.33 7.45
C SER A 64 -1.57 -6.15 6.15
N VAL A 65 -0.86 -6.22 5.03
CA VAL A 65 -1.48 -6.06 3.73
C VAL A 65 -2.89 -6.67 3.71
N ASP A 66 -3.01 -7.88 4.22
CA ASP A 66 -4.29 -8.57 4.26
C ASP A 66 -5.26 -7.84 5.19
N GLN A 67 -4.82 -7.59 6.42
CA GLN A 67 -5.65 -6.90 7.41
C GLN A 67 -6.38 -5.71 6.77
N ALA A 68 -5.63 -4.87 6.08
CA ALA A 68 -6.20 -3.70 5.42
C ALA A 68 -7.11 -4.11 4.27
N VAL A 69 -6.52 -4.69 3.23
CA VAL A 69 -7.26 -5.13 2.06
C VAL A 69 -8.63 -5.69 2.46
N ASN A 70 -8.63 -6.63 3.40
CA ASN A 70 -9.86 -7.24 3.87
C ASN A 70 -10.98 -6.20 3.95
N MET A 71 -10.83 -5.23 4.84
CA MET A 71 -11.82 -4.18 5.02
C MET A 71 -12.06 -3.44 3.70
N HIS A 72 -11.01 -3.33 2.89
CA HIS A 72 -11.10 -2.63 1.62
C HIS A 72 -11.74 -1.25 1.78
N PHE A 73 -11.60 -0.68 2.98
CA PHE A 73 -12.16 0.62 3.26
C PHE A 73 -11.65 1.16 4.60
N HIS A 74 -11.56 2.48 4.70
CA HIS A 74 -11.08 3.12 5.92
C HIS A 74 -11.51 4.58 5.98
N ASP A 75 -11.70 5.09 7.18
CA ASP A 75 -12.10 6.48 7.38
C ASP A 75 -10.94 7.33 7.88
N ILE A 76 -10.24 7.97 6.95
CA ILE A 76 -9.11 8.81 7.29
C ILE A 76 -9.41 10.28 7.04
N MET A 77 -9.46 11.07 8.10
CA MET A 77 -9.74 12.49 8.00
C MET A 77 -11.13 12.74 7.41
N GLY A 78 -12.09 11.91 7.82
CA GLY A 78 -13.44 12.05 7.32
C GLY A 78 -13.55 11.77 5.83
N LYS A 79 -13.07 10.60 5.42
CA LYS A 79 -13.10 10.21 4.02
C LYS A 79 -12.84 8.71 3.86
N LYS A 80 -13.53 8.10 2.92
CA LYS A 80 -13.38 6.67 2.66
C LYS A 80 -12.18 6.40 1.75
N VAL A 81 -11.21 5.68 2.27
CA VAL A 81 -10.00 5.35 1.51
C VAL A 81 -10.02 3.89 1.04
N GLU A 82 -9.93 3.68 -0.26
CA GLU A 82 -9.94 2.34 -0.82
C GLU A 82 -8.56 1.70 -0.72
N VAL A 83 -8.53 0.42 -0.36
CA VAL A 83 -7.28 -0.30 -0.22
C VAL A 83 -7.40 -1.72 -0.77
N LYS A 84 -6.40 -2.16 -1.53
CA LYS A 84 -6.39 -3.49 -2.12
C LYS A 84 -4.97 -4.03 -2.21
N ARG A 85 -4.85 -5.32 -2.53
CA ARG A 85 -3.55 -5.96 -2.65
C ARG A 85 -2.80 -5.44 -3.88
N ALA A 86 -1.70 -4.75 -3.64
CA ALA A 86 -0.89 -4.20 -4.73
C ALA A 86 0.00 -5.28 -5.34
N GLU A 87 0.74 -4.89 -6.38
CA GLU A 87 1.63 -5.83 -7.06
C GLU A 87 3.00 -5.20 -7.30
N PRO A 88 4.05 -6.04 -7.24
CA PRO A 88 5.42 -5.59 -7.45
C PRO A 88 5.70 -5.19 -8.90
N ARG A 89 6.66 -4.29 -9.08
CA ARG A 89 7.01 -3.82 -10.41
C ARG A 89 8.10 -4.69 -11.03
N ASP A 90 7.78 -5.96 -11.26
CA ASP A 90 8.74 -6.90 -11.84
C ASP A 90 8.02 -7.99 -12.61
N SER A 91 8.50 -8.27 -13.82
CA SER A 91 7.90 -9.30 -14.66
C SER A 91 8.55 -10.66 -14.41
N LYS A 92 9.86 -10.74 -14.62
CA LYS A 92 10.59 -11.98 -14.43
C LYS A 92 11.28 -11.99 -13.06
N SER A 93 11.48 -13.18 -12.50
CA SER A 93 12.12 -13.32 -11.21
C SER A 93 13.38 -14.18 -11.33
N SER A 94 14.53 -13.57 -11.08
CA SER A 94 15.80 -14.28 -11.16
C SER A 94 15.87 -15.39 -10.11
N GLY A 95 15.66 -15.01 -8.85
CA GLY A 95 15.70 -15.99 -7.77
C GLY A 95 16.56 -15.53 -6.61
N PRO A 96 16.29 -16.07 -5.42
CA PRO A 96 17.04 -15.72 -4.20
C PRO A 96 18.46 -16.26 -4.23
N SER A 97 18.68 -17.32 -5.00
CA SER A 97 20.01 -17.92 -5.11
C SER A 97 21.09 -16.85 -5.16
N SER A 98 20.94 -15.91 -6.07
CA SER A 98 21.92 -14.83 -6.22
C SER A 98 23.34 -15.37 -6.20
N GLY A 99 23.60 -16.37 -7.05
CA GLY A 99 24.92 -16.96 -7.10
C GLY A 99 25.02 -18.25 -6.31
N GLY A 1 8.79 -21.03 -20.78
CA GLY A 1 7.56 -20.57 -21.38
C GLY A 1 7.11 -19.23 -20.85
N SER A 2 6.41 -19.25 -19.72
CA SER A 2 5.91 -18.02 -19.11
C SER A 2 6.36 -17.92 -17.65
N SER A 3 6.96 -16.80 -17.30
CA SER A 3 7.43 -16.57 -15.93
C SER A 3 6.28 -16.17 -15.01
N GLY A 4 6.46 -16.42 -13.72
CA GLY A 4 5.42 -16.08 -12.76
C GLY A 4 5.88 -16.26 -11.33
N SER A 5 5.97 -17.51 -10.89
CA SER A 5 6.40 -17.82 -9.53
C SER A 5 7.78 -17.22 -9.25
N SER A 6 7.80 -16.08 -8.55
CA SER A 6 9.05 -15.42 -8.21
C SER A 6 9.04 -14.96 -6.76
N GLY A 7 10.23 -14.79 -6.19
CA GLY A 7 10.35 -14.35 -4.81
C GLY A 7 10.25 -12.84 -4.67
N SER A 8 9.19 -12.28 -5.23
CA SER A 8 8.98 -10.84 -5.16
C SER A 8 8.11 -10.46 -3.97
N LYS A 9 8.35 -11.13 -2.84
CA LYS A 9 7.59 -10.87 -1.63
C LYS A 9 7.60 -9.38 -1.28
N SER A 10 6.46 -8.72 -1.44
CA SER A 10 6.35 -7.30 -1.14
C SER A 10 5.05 -7.00 -0.40
N ASN A 11 5.18 -6.49 0.82
CA ASN A 11 4.01 -6.16 1.62
C ASN A 11 3.45 -4.79 1.24
N LYS A 12 3.39 -4.53 -0.07
CA LYS A 12 2.87 -3.26 -0.57
C LYS A 12 1.37 -3.36 -0.84
N ILE A 13 0.66 -2.27 -0.58
CA ILE A 13 -0.78 -2.24 -0.80
C ILE A 13 -1.18 -1.03 -1.63
N PHE A 14 -2.23 -1.19 -2.44
CA PHE A 14 -2.72 -0.11 -3.29
C PHE A 14 -3.81 0.70 -2.59
N VAL A 15 -3.49 1.95 -2.28
CA VAL A 15 -4.43 2.83 -1.60
C VAL A 15 -4.94 3.92 -2.55
N GLY A 16 -6.24 3.91 -2.81
CA GLY A 16 -6.83 4.91 -3.69
C GLY A 16 -7.93 5.70 -3.02
N GLY A 17 -8.56 6.59 -3.78
CA GLY A 17 -9.63 7.40 -3.24
C GLY A 17 -9.19 8.21 -2.03
N ILE A 18 -7.89 8.45 -1.92
CA ILE A 18 -7.35 9.21 -0.80
C ILE A 18 -7.74 10.68 -0.89
N PRO A 19 -8.13 11.26 0.26
CA PRO A 19 -8.53 12.67 0.34
C PRO A 19 -7.37 13.62 0.12
N HIS A 20 -7.68 14.91 -0.03
CA HIS A 20 -6.65 15.92 -0.24
C HIS A 20 -6.04 16.35 1.09
N ASN A 21 -6.46 15.70 2.16
CA ASN A 21 -5.94 16.01 3.49
C ASN A 21 -5.06 14.87 4.02
N CYS A 22 -5.33 13.67 3.55
CA CYS A 22 -4.57 12.50 3.98
C CYS A 22 -3.19 12.49 3.32
N GLY A 23 -2.14 12.43 4.14
CA GLY A 23 -0.79 12.41 3.63
C GLY A 23 0.03 11.27 4.18
N GLU A 24 1.32 11.26 3.87
CA GLU A 24 2.22 10.21 4.34
C GLU A 24 2.05 10.00 5.84
N THR A 25 2.36 11.03 6.62
CA THR A 25 2.25 10.96 8.07
C THR A 25 0.96 10.26 8.49
N GLU A 26 -0.18 10.86 8.15
CA GLU A 26 -1.48 10.29 8.50
C GLU A 26 -1.54 8.82 8.09
N LEU A 27 -1.42 8.55 6.80
CA LEU A 27 -1.48 7.19 6.29
C LEU A 27 -0.84 6.22 7.27
N ARG A 28 0.34 6.55 7.75
CA ARG A 28 1.06 5.70 8.69
C ARG A 28 0.33 5.67 10.03
N GLU A 29 0.03 6.85 10.57
CA GLU A 29 -0.66 6.95 11.84
C GLU A 29 -1.96 6.17 11.83
N TYR A 30 -2.43 5.84 10.63
CA TYR A 30 -3.67 5.09 10.48
C TYR A 30 -3.39 3.66 10.01
N PHE A 31 -2.21 3.44 9.44
CA PHE A 31 -1.82 2.13 8.95
C PHE A 31 -0.79 1.50 9.88
N LYS A 32 -0.68 2.03 11.09
CA LYS A 32 0.26 1.53 12.08
C LYS A 32 -0.41 0.52 13.01
N LYS A 33 -1.72 0.67 13.17
CA LYS A 33 -2.48 -0.22 14.05
C LYS A 33 -2.54 -1.62 13.46
N PHE A 34 -2.67 -1.71 12.15
CA PHE A 34 -2.74 -3.00 11.46
C PHE A 34 -1.44 -3.78 11.64
N GLY A 35 -0.33 -3.06 11.68
CA GLY A 35 0.96 -3.70 11.85
C GLY A 35 2.09 -2.71 12.02
N VAL A 36 2.80 -2.42 10.94
CA VAL A 36 3.91 -1.47 10.97
C VAL A 36 4.26 -0.99 9.56
N VAL A 37 3.96 0.28 9.30
CA VAL A 37 4.25 0.87 7.99
C VAL A 37 5.73 1.17 7.84
N THR A 38 6.37 0.45 6.91
CA THR A 38 7.80 0.63 6.66
C THR A 38 8.04 1.68 5.59
N GLU A 39 7.17 1.69 4.57
CA GLU A 39 7.29 2.64 3.48
C GLU A 39 5.92 3.14 3.04
N VAL A 40 5.88 4.34 2.49
CA VAL A 40 4.64 4.94 2.02
C VAL A 40 4.79 5.56 0.64
N VAL A 41 4.35 4.83 -0.38
CA VAL A 41 4.45 5.31 -1.76
C VAL A 41 3.26 6.19 -2.12
N MET A 42 3.52 7.25 -2.89
CA MET A 42 2.47 8.17 -3.30
C MET A 42 2.72 8.69 -4.72
N ILE A 43 1.69 8.66 -5.55
CA ILE A 43 1.81 9.14 -6.93
C ILE A 43 1.31 10.56 -7.06
N TYR A 44 2.04 11.38 -7.80
CA TYR A 44 1.68 12.77 -8.02
C TYR A 44 2.62 13.44 -9.02
N ASP A 45 2.22 14.61 -9.52
CA ASP A 45 3.01 15.35 -10.48
C ASP A 45 4.02 16.25 -9.77
N ALA A 46 5.30 15.94 -9.93
CA ALA A 46 6.36 16.72 -9.30
C ALA A 46 5.97 18.20 -9.21
N GLU A 47 5.78 18.82 -10.36
CA GLU A 47 5.40 20.23 -10.41
C GLU A 47 4.47 20.59 -9.27
N LYS A 48 3.45 19.76 -9.05
CA LYS A 48 2.49 19.99 -7.98
C LYS A 48 3.07 19.58 -6.63
N GLN A 49 3.79 18.46 -6.61
CA GLN A 49 4.40 17.98 -5.38
C GLN A 49 3.33 17.69 -4.32
N ARG A 50 2.32 16.93 -4.70
CA ARG A 50 1.24 16.58 -3.77
C ARG A 50 0.43 15.40 -4.29
N PRO A 51 0.06 14.48 -3.39
CA PRO A 51 -0.72 13.30 -3.74
C PRO A 51 -2.15 13.63 -4.13
N ARG A 52 -2.48 13.47 -5.41
CA ARG A 52 -3.82 13.76 -5.90
C ARG A 52 -4.87 13.06 -5.04
N GLY A 53 -4.71 11.76 -4.86
CA GLY A 53 -5.65 10.99 -4.06
C GLY A 53 -5.54 9.51 -4.29
N PHE A 54 -4.30 9.02 -4.41
CA PHE A 54 -4.06 7.59 -4.64
C PHE A 54 -2.58 7.27 -4.48
N GLY A 55 -2.27 5.99 -4.31
CA GLY A 55 -0.89 5.57 -4.16
C GLY A 55 -0.78 4.17 -3.59
N PHE A 56 0.32 3.92 -2.88
CA PHE A 56 0.55 2.61 -2.27
C PHE A 56 1.29 2.76 -0.94
N ILE A 57 1.35 1.66 -0.19
CA ILE A 57 2.04 1.66 1.10
C ILE A 57 2.59 0.27 1.43
N THR A 58 3.80 0.25 1.97
CA THR A 58 4.45 -1.01 2.33
C THR A 58 4.40 -1.24 3.84
N PHE A 59 4.22 -2.50 4.24
CA PHE A 59 4.15 -2.84 5.65
C PHE A 59 5.34 -3.70 6.05
N GLU A 60 5.50 -3.91 7.36
CA GLU A 60 6.60 -4.71 7.88
C GLU A 60 6.37 -6.20 7.61
N ASP A 61 5.12 -6.62 7.75
CA ASP A 61 4.76 -8.02 7.53
C ASP A 61 3.55 -8.13 6.62
N GLU A 62 3.61 -9.07 5.67
CA GLU A 62 2.51 -9.28 4.73
C GLU A 62 1.17 -9.27 5.45
N GLN A 63 1.09 -10.00 6.55
CA GLN A 63 -0.14 -10.08 7.34
C GLN A 63 -0.89 -8.75 7.31
N SER A 64 -0.16 -7.66 7.57
CA SER A 64 -0.75 -6.33 7.58
C SER A 64 -1.56 -6.09 6.32
N VAL A 65 -0.97 -6.42 5.17
CA VAL A 65 -1.64 -6.24 3.89
C VAL A 65 -3.04 -6.84 3.90
N ASP A 66 -3.11 -8.14 4.23
CA ASP A 66 -4.39 -8.84 4.29
C ASP A 66 -5.37 -8.09 5.18
N GLN A 67 -4.92 -7.71 6.36
CA GLN A 67 -5.77 -6.99 7.32
C GLN A 67 -6.48 -5.82 6.63
N ALA A 68 -5.70 -4.94 6.02
CA ALA A 68 -6.27 -3.78 5.33
C ALA A 68 -7.11 -4.21 4.14
N VAL A 69 -6.50 -4.93 3.21
CA VAL A 69 -7.20 -5.41 2.02
C VAL A 69 -8.57 -5.96 2.38
N ASN A 70 -8.58 -7.00 3.20
CA ASN A 70 -9.84 -7.63 3.61
C ASN A 70 -10.93 -6.58 3.78
N MET A 71 -10.60 -5.49 4.46
CA MET A 71 -11.56 -4.41 4.70
C MET A 71 -11.88 -3.69 3.40
N HIS A 72 -10.84 -3.40 2.61
CA HIS A 72 -11.03 -2.70 1.34
C HIS A 72 -11.67 -1.33 1.56
N PHE A 73 -11.46 -0.77 2.74
CA PHE A 73 -12.01 0.54 3.08
C PHE A 73 -11.46 1.04 4.41
N HIS A 74 -11.45 2.36 4.57
CA HIS A 74 -10.94 2.97 5.80
C HIS A 74 -11.47 4.40 5.95
N ASP A 75 -11.38 4.94 7.16
CA ASP A 75 -11.84 6.29 7.44
C ASP A 75 -10.68 7.18 7.89
N ILE A 76 -10.04 7.86 6.94
CA ILE A 76 -8.92 8.73 7.26
C ILE A 76 -9.29 10.19 7.02
N MET A 77 -9.07 11.03 8.03
CA MET A 77 -9.38 12.45 7.93
C MET A 77 -10.81 12.67 7.47
N GLY A 78 -11.70 11.77 7.86
CA GLY A 78 -13.09 11.89 7.49
C GLY A 78 -13.31 11.62 6.00
N LYS A 79 -12.80 10.51 5.51
CA LYS A 79 -12.93 10.14 4.11
C LYS A 79 -12.74 8.65 3.91
N LYS A 80 -13.47 8.09 2.95
CA LYS A 80 -13.37 6.66 2.66
C LYS A 80 -12.19 6.37 1.75
N VAL A 81 -11.19 5.70 2.30
CA VAL A 81 -9.98 5.36 1.54
C VAL A 81 -10.02 3.90 1.08
N GLU A 82 -9.95 3.70 -0.23
CA GLU A 82 -9.97 2.35 -0.80
C GLU A 82 -8.60 1.69 -0.71
N VAL A 83 -8.59 0.39 -0.49
CA VAL A 83 -7.34 -0.36 -0.38
C VAL A 83 -7.46 -1.72 -1.06
N LYS A 84 -6.48 -2.05 -1.89
CA LYS A 84 -6.46 -3.33 -2.59
C LYS A 84 -5.05 -3.88 -2.69
N ARG A 85 -4.93 -5.20 -2.61
CA ARG A 85 -3.62 -5.86 -2.69
C ARG A 85 -2.85 -5.37 -3.92
N ALA A 86 -1.68 -4.80 -3.68
CA ALA A 86 -0.84 -4.30 -4.77
C ALA A 86 -0.02 -5.42 -5.40
N GLU A 87 -0.42 -6.67 -5.13
CA GLU A 87 0.28 -7.82 -5.67
C GLU A 87 -0.60 -8.59 -6.65
N PRO A 88 0.04 -9.27 -7.61
CA PRO A 88 -0.67 -10.06 -8.62
C PRO A 88 -1.34 -11.29 -8.05
N ARG A 89 -2.36 -11.80 -8.74
CA ARG A 89 -3.08 -12.98 -8.29
C ARG A 89 -2.75 -14.18 -9.18
N ASP A 90 -1.68 -14.88 -8.84
CA ASP A 90 -1.25 -16.06 -9.60
C ASP A 90 -1.12 -17.27 -8.69
N SER A 91 -0.51 -17.08 -7.52
CA SER A 91 -0.31 -18.16 -6.57
C SER A 91 -1.28 -18.02 -5.39
N LYS A 92 -2.44 -18.67 -5.51
CA LYS A 92 -3.44 -18.62 -4.46
C LYS A 92 -2.82 -18.89 -3.09
N SER A 93 -3.35 -18.24 -2.06
CA SER A 93 -2.85 -18.41 -0.70
C SER A 93 -3.51 -19.61 -0.03
N SER A 94 -4.83 -19.66 -0.11
CA SER A 94 -5.60 -20.74 0.51
C SER A 94 -4.83 -22.06 0.41
N GLY A 95 -4.95 -22.88 1.46
CA GLY A 95 -4.28 -24.16 1.47
C GLY A 95 -3.70 -24.49 2.84
N PRO A 96 -3.33 -25.77 3.04
CA PRO A 96 -2.77 -26.24 4.31
C PRO A 96 -1.37 -25.70 4.55
N SER A 97 -0.65 -25.40 3.46
CA SER A 97 0.71 -24.88 3.56
C SER A 97 0.70 -23.46 4.12
N SER A 98 1.76 -23.12 4.84
CA SER A 98 1.89 -21.79 5.44
C SER A 98 3.14 -21.08 4.93
N GLY A 99 2.98 -20.22 3.94
CA GLY A 99 4.10 -19.50 3.38
C GLY A 99 3.69 -18.51 2.32
N GLY A 1 -4.90 1.09 -10.60
CA GLY A 1 -4.37 -0.20 -11.01
C GLY A 1 -3.70 -0.15 -12.37
N SER A 2 -2.40 -0.43 -12.40
CA SER A 2 -1.65 -0.40 -13.64
C SER A 2 -0.41 -1.29 -13.55
N SER A 3 -0.13 -2.02 -14.63
CA SER A 3 1.02 -2.92 -14.66
C SER A 3 2.32 -2.14 -14.74
N GLY A 4 2.88 -1.82 -13.57
CA GLY A 4 4.12 -1.08 -13.52
C GLY A 4 5.32 -1.96 -13.23
N SER A 5 5.66 -2.11 -11.95
CA SER A 5 6.79 -2.93 -11.55
C SER A 5 6.34 -4.34 -11.20
N SER A 6 7.31 -5.24 -11.05
CA SER A 6 7.01 -6.63 -10.72
C SER A 6 7.84 -7.10 -9.53
N GLY A 7 7.23 -7.09 -8.35
CA GLY A 7 7.93 -7.51 -7.15
C GLY A 7 7.87 -9.02 -6.94
N SER A 8 7.87 -9.44 -5.68
CA SER A 8 7.82 -10.85 -5.35
C SER A 8 7.61 -11.06 -3.85
N LYS A 9 6.44 -11.53 -3.48
CA LYS A 9 6.11 -11.78 -2.09
C LYS A 9 6.37 -10.54 -1.25
N SER A 10 6.02 -9.38 -1.78
CA SER A 10 6.22 -8.11 -1.09
C SER A 10 5.04 -7.81 -0.17
N ASN A 11 5.15 -6.72 0.58
CA ASN A 11 4.09 -6.32 1.51
C ASN A 11 3.56 -4.95 1.15
N LYS A 12 3.42 -4.67 -0.14
CA LYS A 12 2.91 -3.40 -0.61
C LYS A 12 1.40 -3.46 -0.83
N ILE A 13 0.75 -2.30 -0.69
CA ILE A 13 -0.70 -2.23 -0.88
C ILE A 13 -1.08 -1.03 -1.72
N PHE A 14 -2.21 -1.13 -2.43
CA PHE A 14 -2.68 -0.05 -3.28
C PHE A 14 -3.76 0.76 -2.58
N VAL A 15 -3.42 1.99 -2.19
CA VAL A 15 -4.36 2.87 -1.50
C VAL A 15 -4.87 3.96 -2.44
N GLY A 16 -6.17 3.91 -2.73
CA GLY A 16 -6.76 4.89 -3.62
C GLY A 16 -7.93 5.62 -2.97
N GLY A 17 -8.41 6.66 -3.63
CA GLY A 17 -9.52 7.44 -3.09
C GLY A 17 -9.11 8.28 -1.91
N ILE A 18 -7.81 8.44 -1.71
CA ILE A 18 -7.31 9.24 -0.60
C ILE A 18 -7.74 10.70 -0.73
N PRO A 19 -8.14 11.29 0.41
CA PRO A 19 -8.59 12.68 0.45
C PRO A 19 -7.45 13.67 0.24
N HIS A 20 -7.79 14.90 -0.13
CA HIS A 20 -6.78 15.94 -0.36
C HIS A 20 -6.21 16.45 0.96
N ASN A 21 -6.67 15.86 2.07
CA ASN A 21 -6.21 16.27 3.39
C ASN A 21 -5.29 15.20 3.99
N CYS A 22 -5.43 13.96 3.51
CA CYS A 22 -4.62 12.86 4.00
C CYS A 22 -3.26 12.83 3.31
N GLY A 23 -2.22 12.48 4.06
CA GLY A 23 -0.89 12.42 3.51
C GLY A 23 -0.05 11.30 4.10
N GLU A 24 1.24 11.29 3.77
CA GLU A 24 2.14 10.27 4.28
C GLU A 24 1.90 10.02 5.78
N THR A 25 2.19 11.03 6.59
CA THR A 25 1.99 10.92 8.03
C THR A 25 0.70 10.17 8.36
N GLU A 26 -0.42 10.78 8.01
CA GLU A 26 -1.72 10.16 8.28
C GLU A 26 -1.74 8.70 7.83
N LEU A 27 -1.55 8.50 6.53
CA LEU A 27 -1.55 7.16 5.96
C LEU A 27 -0.96 6.15 6.95
N ARG A 28 0.22 6.47 7.48
CA ARG A 28 0.89 5.60 8.44
C ARG A 28 0.17 5.60 9.78
N GLU A 29 -0.04 6.80 10.32
CA GLU A 29 -0.72 6.94 11.60
C GLU A 29 -1.98 6.10 11.66
N TYR A 30 -2.51 5.76 10.48
CA TYR A 30 -3.72 4.96 10.39
C TYR A 30 -3.38 3.52 9.99
N PHE A 31 -2.39 3.37 9.11
CA PHE A 31 -1.98 2.05 8.66
C PHE A 31 -0.98 1.42 9.64
N LYS A 32 -0.84 2.05 10.80
CA LYS A 32 0.08 1.55 11.82
C LYS A 32 -0.63 0.60 12.78
N LYS A 33 -1.93 0.82 12.96
CA LYS A 33 -2.72 -0.02 13.85
C LYS A 33 -2.92 -1.41 13.26
N PHE A 34 -2.67 -1.54 11.95
CA PHE A 34 -2.81 -2.81 11.27
C PHE A 34 -1.50 -3.59 11.31
N GLY A 35 -0.41 -2.89 11.55
CA GLY A 35 0.90 -3.54 11.61
C GLY A 35 2.03 -2.55 11.78
N VAL A 36 2.93 -2.50 10.80
CA VAL A 36 4.07 -1.60 10.84
C VAL A 36 4.43 -1.10 9.45
N VAL A 37 4.12 0.16 9.17
CA VAL A 37 4.42 0.75 7.87
C VAL A 37 5.91 1.04 7.73
N THR A 38 6.56 0.29 6.85
CA THR A 38 7.99 0.44 6.61
C THR A 38 8.25 1.50 5.53
N GLU A 39 7.42 1.50 4.50
CA GLU A 39 7.56 2.45 3.40
C GLU A 39 6.21 3.00 2.99
N VAL A 40 6.20 4.24 2.47
CA VAL A 40 4.98 4.88 2.03
C VAL A 40 5.17 5.55 0.68
N VAL A 41 4.60 4.93 -0.36
CA VAL A 41 4.70 5.46 -1.71
C VAL A 41 3.46 6.29 -2.07
N MET A 42 3.68 7.41 -2.75
CA MET A 42 2.59 8.29 -3.15
C MET A 42 2.83 8.85 -4.55
N ILE A 43 1.82 8.75 -5.41
CA ILE A 43 1.93 9.25 -6.77
C ILE A 43 1.45 10.70 -6.87
N TYR A 44 2.19 11.52 -7.60
CA TYR A 44 1.84 12.92 -7.78
C TYR A 44 2.75 13.59 -8.79
N ASP A 45 2.36 14.78 -9.25
CA ASP A 45 3.15 15.52 -10.22
C ASP A 45 4.20 16.37 -9.52
N ALA A 46 5.46 16.03 -9.74
CA ALA A 46 6.57 16.75 -9.13
C ALA A 46 6.24 18.24 -8.99
N GLU A 47 5.95 18.88 -10.11
CA GLU A 47 5.62 20.31 -10.12
C GLU A 47 4.70 20.64 -8.94
N LYS A 48 3.71 19.80 -8.71
CA LYS A 48 2.76 20.02 -7.62
C LYS A 48 3.38 19.60 -6.28
N GLN A 49 4.10 18.49 -6.28
CA GLN A 49 4.73 17.99 -5.07
C GLN A 49 3.69 17.70 -3.99
N ARG A 50 2.64 16.99 -4.37
CA ARG A 50 1.57 16.65 -3.44
C ARG A 50 0.73 15.50 -3.97
N PRO A 51 0.37 14.56 -3.07
CA PRO A 51 -0.43 13.39 -3.44
C PRO A 51 -1.87 13.76 -3.77
N ARG A 52 -2.24 13.57 -5.04
CA ARG A 52 -3.59 13.88 -5.49
C ARG A 52 -4.64 13.15 -4.64
N GLY A 53 -4.54 11.83 -4.59
CA GLY A 53 -5.47 11.04 -3.82
C GLY A 53 -5.37 9.57 -4.12
N PHE A 54 -4.15 9.07 -4.25
CA PHE A 54 -3.92 7.66 -4.55
C PHE A 54 -2.43 7.32 -4.46
N GLY A 55 -2.13 6.04 -4.23
CA GLY A 55 -0.76 5.60 -4.14
C GLY A 55 -0.62 4.20 -3.59
N PHE A 56 0.52 3.91 -2.98
CA PHE A 56 0.77 2.59 -2.41
C PHE A 56 1.50 2.70 -1.08
N ILE A 57 1.53 1.61 -0.32
CA ILE A 57 2.20 1.58 0.98
C ILE A 57 2.73 0.19 1.29
N THR A 58 3.91 0.15 1.91
CA THR A 58 4.54 -1.12 2.27
C THR A 58 4.52 -1.34 3.78
N PHE A 59 4.28 -2.58 4.18
CA PHE A 59 4.24 -2.92 5.60
C PHE A 59 5.43 -3.77 5.99
N GLU A 60 5.53 -4.09 7.28
CA GLU A 60 6.63 -4.90 7.79
C GLU A 60 6.36 -6.39 7.58
N ASP A 61 5.09 -6.78 7.71
CA ASP A 61 4.69 -8.17 7.53
C ASP A 61 3.47 -8.27 6.61
N GLU A 62 3.56 -9.16 5.63
CA GLU A 62 2.46 -9.35 4.69
C GLU A 62 1.11 -9.32 5.40
N GLN A 63 1.05 -9.96 6.57
CA GLN A 63 -0.17 -10.01 7.35
C GLN A 63 -0.92 -8.68 7.27
N SER A 64 -0.23 -7.59 7.59
CA SER A 64 -0.83 -6.27 7.55
C SER A 64 -1.62 -6.07 6.27
N VAL A 65 -0.97 -6.28 5.14
CA VAL A 65 -1.61 -6.12 3.83
C VAL A 65 -3.03 -6.68 3.85
N ASP A 66 -3.15 -7.95 4.21
CA ASP A 66 -4.45 -8.60 4.27
C ASP A 66 -5.40 -7.84 5.19
N GLN A 67 -5.06 -7.79 6.47
CA GLN A 67 -5.88 -7.10 7.45
C GLN A 67 -6.54 -5.87 6.83
N ALA A 68 -5.76 -5.11 6.07
CA ALA A 68 -6.26 -3.90 5.42
C ALA A 68 -7.14 -4.25 4.22
N VAL A 69 -6.54 -4.90 3.23
CA VAL A 69 -7.27 -5.28 2.02
C VAL A 69 -8.65 -5.84 2.37
N ASN A 70 -8.67 -6.85 3.25
CA ASN A 70 -9.92 -7.47 3.67
C ASN A 70 -11.01 -6.41 3.87
N MET A 71 -10.69 -5.40 4.66
CA MET A 71 -11.64 -4.33 4.94
C MET A 71 -11.98 -3.55 3.67
N HIS A 72 -11.01 -3.46 2.76
CA HIS A 72 -11.21 -2.74 1.51
C HIS A 72 -11.82 -1.37 1.75
N PHE A 73 -11.58 -0.83 2.95
CA PHE A 73 -12.11 0.49 3.31
C PHE A 73 -11.48 0.99 4.59
N HIS A 74 -11.34 2.31 4.70
CA HIS A 74 -10.75 2.93 5.89
C HIS A 74 -11.24 4.36 6.06
N ASP A 75 -11.27 4.82 7.30
CA ASP A 75 -11.71 6.19 7.60
C ASP A 75 -10.53 7.06 8.00
N ILE A 76 -10.11 7.92 7.08
CA ILE A 76 -8.99 8.82 7.34
C ILE A 76 -9.37 10.27 7.06
N MET A 77 -9.42 11.08 8.11
CA MET A 77 -9.77 12.49 7.98
C MET A 77 -11.17 12.65 7.41
N GLY A 78 -12.10 11.82 7.89
CA GLY A 78 -13.47 11.89 7.41
C GLY A 78 -13.58 11.57 5.93
N LYS A 79 -12.93 10.50 5.51
CA LYS A 79 -12.96 10.08 4.11
C LYS A 79 -12.73 8.58 3.98
N LYS A 80 -13.37 7.97 3.00
CA LYS A 80 -13.23 6.54 2.77
C LYS A 80 -12.04 6.24 1.86
N VAL A 81 -11.00 5.63 2.43
CA VAL A 81 -9.80 5.30 1.67
C VAL A 81 -9.83 3.84 1.22
N GLU A 82 -9.88 3.64 -0.09
CA GLU A 82 -9.92 2.29 -0.65
C GLU A 82 -8.54 1.66 -0.62
N VAL A 83 -8.49 0.36 -0.33
CA VAL A 83 -7.22 -0.37 -0.25
C VAL A 83 -7.35 -1.75 -0.90
N LYS A 84 -6.40 -2.08 -1.77
CA LYS A 84 -6.40 -3.36 -2.45
C LYS A 84 -5.00 -3.94 -2.52
N ARG A 85 -4.91 -5.27 -2.52
CA ARG A 85 -3.62 -5.96 -2.58
C ARG A 85 -2.79 -5.45 -3.75
N ALA A 86 -1.59 -4.98 -3.46
CA ALA A 86 -0.69 -4.47 -4.49
C ALA A 86 0.18 -5.58 -5.06
N GLU A 87 -0.20 -6.82 -4.80
CA GLU A 87 0.56 -7.98 -5.28
C GLU A 87 0.20 -8.28 -6.73
N PRO A 88 1.16 -8.89 -7.45
CA PRO A 88 0.98 -9.24 -8.86
C PRO A 88 -0.02 -10.38 -9.05
N ARG A 89 0.07 -11.39 -8.18
CA ARG A 89 -0.82 -12.53 -8.26
C ARG A 89 -1.14 -13.05 -6.86
N ASP A 90 -2.42 -13.32 -6.61
CA ASP A 90 -2.87 -13.83 -5.32
C ASP A 90 -1.86 -14.83 -4.75
N SER A 91 -1.51 -14.64 -3.48
CA SER A 91 -0.55 -15.53 -2.83
C SER A 91 -1.17 -16.89 -2.54
N LYS A 92 -0.37 -17.95 -2.69
CA LYS A 92 -0.85 -19.29 -2.45
C LYS A 92 0.29 -20.19 -1.96
N SER A 93 -0.07 -21.28 -1.30
CA SER A 93 0.92 -22.22 -0.78
C SER A 93 1.00 -23.48 -1.65
N SER A 94 1.72 -23.38 -2.77
CA SER A 94 1.86 -24.51 -3.67
C SER A 94 2.91 -25.49 -3.16
N GLY A 95 2.74 -26.76 -3.51
CA GLY A 95 3.67 -27.78 -3.09
C GLY A 95 3.99 -27.68 -1.60
N PRO A 96 5.02 -28.43 -1.16
CA PRO A 96 5.45 -28.45 0.23
C PRO A 96 6.10 -27.13 0.65
N SER A 97 5.66 -26.58 1.79
CA SER A 97 6.20 -25.33 2.28
C SER A 97 7.21 -25.58 3.40
N SER A 98 6.84 -26.45 4.34
CA SER A 98 7.71 -26.78 5.46
C SER A 98 9.02 -27.42 4.97
N GLY A 99 8.88 -28.50 4.22
CA GLY A 99 10.04 -29.19 3.70
C GLY A 99 9.69 -30.54 3.08
N GLY A 1 -10.25 -16.42 -5.78
CA GLY A 1 -9.29 -17.19 -6.54
C GLY A 1 -7.99 -17.41 -5.79
N SER A 2 -7.61 -18.67 -5.62
CA SER A 2 -6.38 -19.01 -4.91
C SER A 2 -5.32 -19.57 -5.86
N SER A 3 -4.34 -18.74 -6.21
CA SER A 3 -3.28 -19.15 -7.12
C SER A 3 -1.91 -18.77 -6.57
N GLY A 4 -1.11 -19.79 -6.27
CA GLY A 4 0.22 -19.56 -5.73
C GLY A 4 1.31 -19.69 -6.78
N SER A 5 1.07 -19.14 -7.96
CA SER A 5 2.03 -19.21 -9.05
C SER A 5 3.44 -18.90 -8.56
N SER A 6 3.60 -17.73 -7.96
CA SER A 6 4.90 -17.30 -7.45
C SER A 6 4.77 -16.74 -6.04
N GLY A 7 5.89 -16.62 -5.34
CA GLY A 7 5.88 -16.10 -3.99
C GLY A 7 5.89 -14.58 -3.95
N SER A 8 4.79 -14.00 -3.50
CA SER A 8 4.68 -12.54 -3.42
C SER A 8 4.98 -12.06 -2.01
N LYS A 9 6.26 -11.82 -1.73
CA LYS A 9 6.68 -11.34 -0.42
C LYS A 9 6.46 -9.84 -0.28
N SER A 10 6.36 -9.15 -1.41
CA SER A 10 6.14 -7.71 -1.42
C SER A 10 4.89 -7.34 -0.63
N ASN A 11 5.09 -6.71 0.52
CA ASN A 11 3.98 -6.30 1.37
C ASN A 11 3.50 -4.90 1.01
N LYS A 12 3.30 -4.66 -0.28
CA LYS A 12 2.84 -3.36 -0.75
C LYS A 12 1.35 -3.38 -1.04
N ILE A 13 0.66 -2.32 -0.63
CA ILE A 13 -0.79 -2.22 -0.83
C ILE A 13 -1.13 -1.00 -1.69
N PHE A 14 -2.25 -1.08 -2.39
CA PHE A 14 -2.70 0.02 -3.24
C PHE A 14 -3.81 0.82 -2.57
N VAL A 15 -3.47 2.03 -2.12
CA VAL A 15 -4.44 2.89 -1.45
C VAL A 15 -4.92 4.00 -2.39
N GLY A 16 -6.22 3.99 -2.67
CA GLY A 16 -6.79 5.00 -3.56
C GLY A 16 -7.93 5.76 -2.90
N GLY A 17 -8.54 6.67 -3.65
CA GLY A 17 -9.63 7.46 -3.13
C GLY A 17 -9.21 8.31 -1.95
N ILE A 18 -7.91 8.45 -1.76
CA ILE A 18 -7.38 9.25 -0.66
C ILE A 18 -7.80 10.72 -0.78
N PRO A 19 -8.20 11.32 0.34
CA PRO A 19 -8.64 12.72 0.38
C PRO A 19 -7.48 13.68 0.15
N HIS A 20 -7.81 14.92 -0.20
CA HIS A 20 -6.80 15.94 -0.44
C HIS A 20 -6.25 16.49 0.87
N ASN A 21 -6.62 15.85 1.97
CA ASN A 21 -6.17 16.28 3.29
C ASN A 21 -5.33 15.18 3.96
N CYS A 22 -5.40 13.98 3.41
CA CYS A 22 -4.65 12.85 3.95
C CYS A 22 -3.23 12.85 3.41
N GLY A 23 -2.30 12.26 4.18
CA GLY A 23 -0.92 12.20 3.75
C GLY A 23 -0.15 11.11 4.46
N GLU A 24 1.07 10.83 4.00
CA GLU A 24 1.90 9.80 4.59
C GLU A 24 1.72 9.76 6.11
N THR A 25 2.00 10.87 6.77
CA THR A 25 1.87 10.96 8.22
C THR A 25 0.58 10.29 8.69
N GLU A 26 -0.54 10.70 8.11
CA GLU A 26 -1.84 10.14 8.48
C GLU A 26 -1.93 8.67 8.10
N LEU A 27 -1.69 8.39 6.82
CA LEU A 27 -1.74 7.01 6.32
C LEU A 27 -1.05 6.06 7.30
N ARG A 28 0.22 6.31 7.56
CA ARG A 28 0.99 5.46 8.47
C ARG A 28 0.29 5.35 9.82
N GLU A 29 0.03 6.50 10.45
CA GLU A 29 -0.62 6.54 11.74
C GLU A 29 -1.91 5.71 11.73
N TYR A 30 -2.57 5.69 10.58
CA TYR A 30 -3.81 4.93 10.43
C TYR A 30 -3.53 3.51 9.97
N PHE A 31 -2.35 3.30 9.39
CA PHE A 31 -1.96 1.99 8.90
C PHE A 31 -0.93 1.34 9.84
N LYS A 32 -0.85 1.86 11.05
CA LYS A 32 0.08 1.34 12.05
C LYS A 32 -0.57 0.28 12.92
N LYS A 33 -1.84 0.50 13.26
CA LYS A 33 -2.59 -0.43 14.09
C LYS A 33 -2.63 -1.81 13.45
N PHE A 34 -2.62 -1.84 12.11
CA PHE A 34 -2.65 -3.09 11.37
C PHE A 34 -1.31 -3.81 11.45
N GLY A 35 -0.24 -3.03 11.52
CA GLY A 35 1.10 -3.61 11.59
C GLY A 35 2.17 -2.56 11.78
N VAL A 36 3.09 -2.49 10.82
CA VAL A 36 4.19 -1.52 10.87
C VAL A 36 4.53 -1.01 9.47
N VAL A 37 4.15 0.23 9.20
CA VAL A 37 4.43 0.84 7.90
C VAL A 37 5.92 1.10 7.72
N THR A 38 6.56 0.31 6.86
CA THR A 38 7.99 0.47 6.60
C THR A 38 8.25 1.52 5.53
N GLU A 39 7.39 1.55 4.52
CA GLU A 39 7.53 2.51 3.43
C GLU A 39 6.16 3.05 3.00
N VAL A 40 6.16 4.24 2.42
CA VAL A 40 4.93 4.87 1.97
C VAL A 40 5.10 5.50 0.59
N VAL A 41 4.53 4.86 -0.42
CA VAL A 41 4.63 5.36 -1.79
C VAL A 41 3.42 6.23 -2.15
N MET A 42 3.67 7.32 -2.85
CA MET A 42 2.61 8.24 -3.26
C MET A 42 2.84 8.73 -4.68
N ILE A 43 1.76 8.75 -5.46
CA ILE A 43 1.84 9.21 -6.84
C ILE A 43 1.32 10.64 -6.99
N TYR A 44 2.10 11.48 -7.66
CA TYR A 44 1.71 12.88 -7.87
C TYR A 44 2.65 13.56 -8.86
N ASP A 45 2.23 14.71 -9.37
CA ASP A 45 3.04 15.47 -10.32
C ASP A 45 4.04 16.37 -9.60
N ALA A 46 5.32 16.04 -9.74
CA ALA A 46 6.38 16.81 -9.11
C ALA A 46 6.00 18.29 -9.03
N GLU A 47 5.80 18.90 -10.20
CA GLU A 47 5.44 20.31 -10.26
C GLU A 47 4.49 20.69 -9.12
N LYS A 48 3.48 19.85 -8.91
CA LYS A 48 2.49 20.09 -7.86
C LYS A 48 3.06 19.69 -6.49
N GLN A 49 3.77 18.58 -6.45
CA GLN A 49 4.36 18.09 -5.21
C GLN A 49 3.28 17.81 -4.16
N ARG A 50 2.29 17.02 -4.55
CA ARG A 50 1.20 16.68 -3.64
C ARG A 50 0.41 15.49 -4.18
N PRO A 51 0.03 14.57 -3.27
CA PRO A 51 -0.73 13.37 -3.63
C PRO A 51 -2.16 13.70 -4.02
N ARG A 52 -2.48 13.52 -5.30
CA ARG A 52 -3.82 13.80 -5.81
C ARG A 52 -4.88 13.08 -4.97
N GLY A 53 -4.68 11.78 -4.75
CA GLY A 53 -5.63 11.01 -3.97
C GLY A 53 -5.51 9.53 -4.21
N PHE A 54 -4.28 9.05 -4.34
CA PHE A 54 -4.02 7.63 -4.59
C PHE A 54 -2.53 7.32 -4.46
N GLY A 55 -2.22 6.05 -4.27
CA GLY A 55 -0.84 5.63 -4.13
C GLY A 55 -0.70 4.22 -3.58
N PHE A 56 0.40 3.97 -2.88
CA PHE A 56 0.64 2.64 -2.30
C PHE A 56 1.39 2.77 -0.98
N ILE A 57 1.42 1.67 -0.22
CA ILE A 57 2.09 1.66 1.07
C ILE A 57 2.63 0.26 1.39
N THR A 58 3.86 0.20 1.90
CA THR A 58 4.48 -1.06 2.25
C THR A 58 4.47 -1.28 3.76
N PHE A 59 4.28 -2.53 4.16
CA PHE A 59 4.25 -2.87 5.58
C PHE A 59 5.46 -3.73 5.96
N GLU A 60 5.58 -4.04 7.25
CA GLU A 60 6.68 -4.85 7.74
C GLU A 60 6.45 -6.32 7.43
N ASP A 61 5.21 -6.77 7.56
CA ASP A 61 4.85 -8.16 7.30
C ASP A 61 3.60 -8.25 6.44
N GLU A 62 3.55 -9.26 5.57
CA GLU A 62 2.40 -9.44 4.68
C GLU A 62 1.10 -9.39 5.48
N GLN A 63 1.07 -10.05 6.62
CA GLN A 63 -0.11 -10.08 7.47
C GLN A 63 -0.86 -8.75 7.41
N SER A 64 -0.12 -7.65 7.59
CA SER A 64 -0.71 -6.33 7.56
C SER A 64 -1.50 -6.10 6.27
N VAL A 65 -0.85 -6.37 5.14
CA VAL A 65 -1.48 -6.21 3.84
C VAL A 65 -2.86 -6.85 3.82
N ASP A 66 -2.95 -8.08 4.32
CA ASP A 66 -4.21 -8.80 4.36
C ASP A 66 -5.22 -8.09 5.27
N GLN A 67 -4.80 -7.80 6.49
CA GLN A 67 -5.66 -7.13 7.46
C GLN A 67 -6.33 -5.91 6.83
N ALA A 68 -5.53 -5.05 6.21
CA ALA A 68 -6.04 -3.84 5.57
C ALA A 68 -6.86 -4.20 4.33
N VAL A 69 -6.24 -4.92 3.40
CA VAL A 69 -6.91 -5.31 2.17
C VAL A 69 -8.33 -5.81 2.45
N ASN A 70 -8.44 -6.82 3.29
CA ASN A 70 -9.73 -7.39 3.66
C ASN A 70 -10.79 -6.29 3.80
N MET A 71 -10.56 -5.39 4.75
CA MET A 71 -11.50 -4.29 4.99
C MET A 71 -11.85 -3.59 3.68
N HIS A 72 -10.84 -3.37 2.84
CA HIS A 72 -11.05 -2.71 1.56
C HIS A 72 -11.75 -1.37 1.75
N PHE A 73 -11.58 -0.78 2.92
CA PHE A 73 -12.20 0.51 3.23
C PHE A 73 -11.69 1.04 4.57
N HIS A 74 -11.54 2.36 4.66
CA HIS A 74 -11.07 3.00 5.88
C HIS A 74 -11.53 4.45 5.95
N ASP A 75 -11.56 5.00 7.15
CA ASP A 75 -11.97 6.39 7.35
C ASP A 75 -10.79 7.26 7.75
N ILE A 76 -10.29 8.05 6.81
CA ILE A 76 -9.17 8.94 7.06
C ILE A 76 -9.46 10.36 6.59
N MET A 77 -9.19 11.32 7.45
CA MET A 77 -9.43 12.73 7.12
C MET A 77 -10.90 12.98 6.86
N GLY A 78 -11.76 12.16 7.45
CA GLY A 78 -13.20 12.31 7.28
C GLY A 78 -13.67 11.80 5.93
N LYS A 79 -12.80 11.07 5.24
CA LYS A 79 -13.13 10.52 3.93
C LYS A 79 -12.84 9.02 3.88
N LYS A 80 -13.43 8.34 2.91
CA LYS A 80 -13.22 6.90 2.75
C LYS A 80 -12.01 6.62 1.86
N VAL A 81 -11.11 5.78 2.35
CA VAL A 81 -9.91 5.42 1.61
C VAL A 81 -9.94 3.95 1.18
N GLU A 82 -9.86 3.73 -0.14
CA GLU A 82 -9.88 2.37 -0.68
C GLU A 82 -8.51 1.73 -0.57
N VAL A 83 -8.48 0.41 -0.34
CA VAL A 83 -7.24 -0.32 -0.22
C VAL A 83 -7.36 -1.71 -0.84
N LYS A 84 -6.43 -2.03 -1.74
CA LYS A 84 -6.43 -3.32 -2.42
C LYS A 84 -5.01 -3.87 -2.52
N ARG A 85 -4.89 -5.18 -2.40
CA ARG A 85 -3.59 -5.84 -2.47
C ARG A 85 -2.90 -5.52 -3.81
N ALA A 86 -1.74 -4.88 -3.72
CA ALA A 86 -0.98 -4.51 -4.90
C ALA A 86 -0.25 -5.73 -5.48
N GLU A 87 0.30 -5.56 -6.69
CA GLU A 87 1.02 -6.64 -7.34
C GLU A 87 2.52 -6.32 -7.43
N PRO A 88 3.35 -7.36 -7.38
CA PRO A 88 4.81 -7.22 -7.44
C PRO A 88 5.28 -6.80 -8.83
N ARG A 89 6.02 -5.69 -8.88
CA ARG A 89 6.53 -5.18 -10.16
C ARG A 89 6.91 -6.32 -11.09
N ASP A 90 6.34 -6.30 -12.29
CA ASP A 90 6.61 -7.34 -13.29
C ASP A 90 8.11 -7.53 -13.47
N SER A 91 8.51 -8.79 -13.66
CA SER A 91 9.93 -9.12 -13.85
C SER A 91 10.15 -9.82 -15.18
N LYS A 92 10.81 -9.13 -16.10
CA LYS A 92 11.09 -9.69 -17.42
C LYS A 92 12.48 -9.29 -17.90
N SER A 93 13.13 -10.19 -18.62
CA SER A 93 14.47 -9.92 -19.14
C SER A 93 14.73 -10.72 -20.42
N SER A 94 15.79 -10.36 -21.12
CA SER A 94 16.15 -11.03 -22.36
C SER A 94 17.52 -11.69 -22.25
N GLY A 95 17.60 -12.94 -22.70
CA GLY A 95 18.86 -13.67 -22.65
C GLY A 95 19.13 -14.26 -21.28
N PRO A 96 20.00 -15.26 -21.23
CA PRO A 96 20.36 -15.95 -19.98
C PRO A 96 21.19 -15.05 -19.06
N SER A 97 21.59 -15.61 -17.92
CA SER A 97 22.39 -14.86 -16.94
C SER A 97 23.44 -14.00 -17.65
N SER A 98 23.51 -12.73 -17.25
CA SER A 98 24.46 -11.80 -17.84
C SER A 98 25.78 -11.82 -17.07
N GLY A 99 26.79 -12.46 -17.66
CA GLY A 99 28.09 -12.54 -17.03
C GLY A 99 28.79 -11.20 -16.97
N GLY A 1 2.79 7.08 -14.09
CA GLY A 1 2.33 5.72 -14.30
C GLY A 1 2.70 4.81 -13.15
N SER A 2 2.41 3.52 -13.31
CA SER A 2 2.72 2.53 -12.28
C SER A 2 4.19 2.19 -12.27
N SER A 3 4.66 1.65 -11.15
CA SER A 3 6.07 1.28 -11.01
C SER A 3 6.28 0.34 -9.82
N GLY A 4 7.15 -0.64 -9.99
CA GLY A 4 7.42 -1.58 -8.92
C GLY A 4 6.90 -2.98 -9.23
N SER A 5 6.40 -3.66 -8.21
CA SER A 5 5.88 -5.01 -8.38
C SER A 5 6.90 -5.91 -9.05
N SER A 6 8.16 -5.79 -8.63
CA SER A 6 9.24 -6.59 -9.19
C SER A 6 9.43 -7.88 -8.40
N GLY A 7 9.42 -7.76 -7.08
CA GLY A 7 9.59 -8.92 -6.22
C GLY A 7 8.39 -9.86 -6.26
N SER A 8 8.60 -11.10 -5.83
CA SER A 8 7.53 -12.08 -5.82
C SER A 8 6.64 -11.92 -4.59
N LYS A 9 7.27 -11.92 -3.42
CA LYS A 9 6.53 -11.77 -2.17
C LYS A 9 6.82 -10.41 -1.54
N SER A 10 6.03 -9.41 -1.90
CA SER A 10 6.20 -8.07 -1.37
C SER A 10 5.00 -7.66 -0.51
N ASN A 11 5.27 -6.95 0.57
CA ASN A 11 4.22 -6.49 1.47
C ASN A 11 3.78 -5.07 1.13
N LYS A 12 3.25 -4.88 -0.07
CA LYS A 12 2.80 -3.58 -0.52
C LYS A 12 1.30 -3.59 -0.80
N ILE A 13 0.65 -2.45 -0.58
CA ILE A 13 -0.78 -2.33 -0.82
C ILE A 13 -1.10 -1.12 -1.69
N PHE A 14 -2.23 -1.17 -2.37
CA PHE A 14 -2.65 -0.07 -3.24
C PHE A 14 -3.78 0.73 -2.60
N VAL A 15 -3.42 1.89 -2.05
CA VAL A 15 -4.41 2.75 -1.40
C VAL A 15 -4.96 3.79 -2.37
N GLY A 16 -6.28 3.83 -2.51
CA GLY A 16 -6.91 4.78 -3.40
C GLY A 16 -8.00 5.58 -2.73
N GLY A 17 -8.67 6.44 -3.49
CA GLY A 17 -9.73 7.26 -2.95
C GLY A 17 -9.23 8.18 -1.84
N ILE A 18 -7.91 8.24 -1.67
CA ILE A 18 -7.32 9.08 -0.65
C ILE A 18 -7.70 10.54 -0.85
N PRO A 19 -8.02 11.23 0.27
CA PRO A 19 -8.40 12.64 0.23
C PRO A 19 -7.23 13.55 -0.11
N HIS A 20 -7.53 14.82 -0.36
CA HIS A 20 -6.50 15.80 -0.70
C HIS A 20 -5.88 16.41 0.56
N ASN A 21 -6.13 15.76 1.70
CA ASN A 21 -5.60 16.23 2.98
C ASN A 21 -4.78 15.15 3.67
N CYS A 22 -5.09 13.90 3.35
CA CYS A 22 -4.38 12.77 3.94
C CYS A 22 -2.97 12.65 3.36
N GLY A 23 -1.97 12.76 4.21
CA GLY A 23 -0.59 12.68 3.76
C GLY A 23 0.15 11.52 4.40
N GLU A 24 1.45 11.43 4.13
CA GLU A 24 2.27 10.36 4.68
C GLU A 24 1.92 10.10 6.15
N THR A 25 2.15 11.10 7.00
CA THR A 25 1.86 10.99 8.42
C THR A 25 0.52 10.29 8.65
N GLU A 26 -0.53 10.82 8.04
CA GLU A 26 -1.86 10.25 8.18
C GLU A 26 -1.86 8.76 7.80
N LEU A 27 -1.60 8.47 6.53
CA LEU A 27 -1.57 7.10 6.05
C LEU A 27 -1.02 6.16 7.11
N ARG A 28 0.22 6.40 7.52
CA ARG A 28 0.87 5.59 8.52
C ARG A 28 0.08 5.59 9.83
N GLU A 29 -0.16 6.78 10.37
CA GLU A 29 -0.91 6.93 11.61
C GLU A 29 -2.17 6.09 11.59
N TYR A 30 -2.67 5.82 10.38
CA TYR A 30 -3.88 5.03 10.21
C TYR A 30 -3.55 3.61 9.77
N PHE A 31 -2.36 3.43 9.23
CA PHE A 31 -1.91 2.11 8.77
C PHE A 31 -0.89 1.52 9.74
N LYS A 32 -0.74 2.16 10.89
CA LYS A 32 0.19 1.68 11.91
C LYS A 32 -0.49 0.74 12.88
N LYS A 33 -1.82 0.78 12.90
CA LYS A 33 -2.59 -0.09 13.78
C LYS A 33 -2.63 -1.53 13.26
N PHE A 34 -2.74 -1.66 11.94
CA PHE A 34 -2.77 -2.98 11.32
C PHE A 34 -1.42 -3.68 11.42
N GLY A 35 -0.36 -2.89 11.48
CA GLY A 35 0.98 -3.45 11.59
C GLY A 35 2.04 -2.38 11.73
N VAL A 36 3.03 -2.41 10.84
CA VAL A 36 4.11 -1.44 10.87
C VAL A 36 4.46 -0.94 9.47
N VAL A 37 4.06 0.28 9.15
CA VAL A 37 4.34 0.86 7.85
C VAL A 37 5.82 1.07 7.64
N THR A 38 6.41 0.27 6.74
CA THR A 38 7.83 0.36 6.46
C THR A 38 8.11 1.39 5.37
N GLU A 39 7.22 1.43 4.37
CA GLU A 39 7.37 2.37 3.26
C GLU A 39 6.03 3.00 2.90
N VAL A 40 6.07 4.25 2.45
CA VAL A 40 4.86 4.97 2.08
C VAL A 40 5.01 5.63 0.71
N VAL A 41 4.58 4.93 -0.34
CA VAL A 41 4.67 5.46 -1.69
C VAL A 41 3.42 6.25 -2.06
N MET A 42 3.62 7.39 -2.72
CA MET A 42 2.51 8.24 -3.13
C MET A 42 2.72 8.75 -4.56
N ILE A 43 1.63 8.85 -5.31
CA ILE A 43 1.69 9.32 -6.68
C ILE A 43 1.12 10.74 -6.81
N TYR A 44 1.84 11.59 -7.50
CA TYR A 44 1.41 12.97 -7.70
C TYR A 44 2.31 13.70 -8.70
N ASP A 45 1.86 14.84 -9.17
CA ASP A 45 2.62 15.63 -10.13
C ASP A 45 3.60 16.57 -9.41
N ALA A 46 4.89 16.30 -9.58
CA ALA A 46 5.92 17.12 -8.95
C ALA A 46 5.48 18.57 -8.84
N GLU A 47 5.25 19.20 -9.98
CA GLU A 47 4.83 20.60 -10.01
C GLU A 47 3.89 20.91 -8.84
N LYS A 48 2.92 20.03 -8.62
CA LYS A 48 1.96 20.21 -7.54
C LYS A 48 2.57 19.78 -6.21
N GLN A 49 3.31 18.68 -6.22
CA GLN A 49 3.95 18.18 -5.01
C GLN A 49 2.90 17.84 -3.95
N ARG A 50 1.87 17.12 -4.35
CA ARG A 50 0.80 16.73 -3.44
C ARG A 50 0.04 15.51 -3.97
N PRO A 51 -0.28 14.57 -3.06
CA PRO A 51 -0.99 13.35 -3.41
C PRO A 51 -2.44 13.62 -3.79
N ARG A 52 -2.76 13.44 -5.07
CA ARG A 52 -4.11 13.67 -5.56
C ARG A 52 -5.14 12.90 -4.71
N GLY A 53 -4.92 11.60 -4.56
CA GLY A 53 -5.82 10.79 -3.78
C GLY A 53 -5.66 9.30 -4.06
N PHE A 54 -4.41 8.86 -4.18
CA PHE A 54 -4.11 7.46 -4.45
C PHE A 54 -2.63 7.19 -4.32
N GLY A 55 -2.27 5.92 -4.15
CA GLY A 55 -0.88 5.54 -4.02
C GLY A 55 -0.71 4.13 -3.47
N PHE A 56 0.47 3.85 -2.93
CA PHE A 56 0.75 2.54 -2.37
C PHE A 56 1.50 2.65 -1.04
N ILE A 57 1.47 1.58 -0.26
CA ILE A 57 2.14 1.56 1.04
C ILE A 57 2.65 0.16 1.37
N THR A 58 3.84 0.10 1.97
CA THR A 58 4.45 -1.17 2.34
C THR A 58 4.40 -1.38 3.85
N PHE A 59 4.21 -2.62 4.26
CA PHE A 59 4.14 -2.96 5.68
C PHE A 59 5.33 -3.82 6.10
N GLU A 60 5.52 -3.98 7.40
CA GLU A 60 6.62 -4.78 7.92
C GLU A 60 6.38 -6.26 7.66
N ASP A 61 5.15 -6.71 7.89
CA ASP A 61 4.79 -8.10 7.68
C ASP A 61 3.64 -8.22 6.67
N GLU A 62 3.73 -9.23 5.81
CA GLU A 62 2.70 -9.45 4.80
C GLU A 62 1.32 -9.45 5.42
N GLN A 63 1.17 -10.15 6.54
CA GLN A 63 -0.11 -10.23 7.23
C GLN A 63 -0.83 -8.89 7.21
N SER A 64 -0.12 -7.84 7.61
CA SER A 64 -0.69 -6.49 7.64
C SER A 64 -1.47 -6.20 6.34
N VAL A 65 -0.78 -6.33 5.21
CA VAL A 65 -1.40 -6.10 3.92
C VAL A 65 -2.83 -6.61 3.89
N ASP A 66 -3.01 -7.89 4.14
CA ASP A 66 -4.33 -8.50 4.15
C ASP A 66 -5.29 -7.72 5.03
N GLN A 67 -4.97 -7.63 6.31
CA GLN A 67 -5.80 -6.90 7.27
C GLN A 67 -6.42 -5.66 6.62
N ALA A 68 -5.59 -4.88 5.94
CA ALA A 68 -6.05 -3.67 5.27
C ALA A 68 -6.90 -4.01 4.05
N VAL A 69 -6.32 -4.76 3.12
CA VAL A 69 -7.01 -5.15 1.91
C VAL A 69 -8.41 -5.69 2.23
N ASN A 70 -8.46 -6.76 3.01
CA ASN A 70 -9.74 -7.36 3.39
C ASN A 70 -10.82 -6.30 3.57
N MET A 71 -10.59 -5.38 4.52
CA MET A 71 -11.54 -4.32 4.78
C MET A 71 -11.92 -3.59 3.49
N HIS A 72 -10.93 -3.35 2.64
CA HIS A 72 -11.16 -2.66 1.38
C HIS A 72 -11.82 -1.31 1.61
N PHE A 73 -11.60 -0.74 2.79
CA PHE A 73 -12.18 0.55 3.13
C PHE A 73 -11.61 1.07 4.45
N HIS A 74 -11.50 2.39 4.57
CA HIS A 74 -10.97 3.02 5.78
C HIS A 74 -11.50 4.44 5.92
N ASP A 75 -11.51 4.93 7.16
CA ASP A 75 -11.99 6.29 7.44
C ASP A 75 -10.85 7.18 7.90
N ILE A 76 -10.13 7.77 6.94
CA ILE A 76 -9.01 8.64 7.26
C ILE A 76 -9.44 10.11 7.24
N MET A 77 -9.16 10.81 8.33
CA MET A 77 -9.51 12.22 8.45
C MET A 77 -10.87 12.49 7.81
N GLY A 78 -11.86 11.67 8.15
CA GLY A 78 -13.19 11.84 7.61
C GLY A 78 -13.23 11.64 6.11
N LYS A 79 -13.00 10.41 5.66
CA LYS A 79 -13.00 10.10 4.24
C LYS A 79 -12.82 8.60 4.00
N LYS A 80 -13.52 8.07 3.00
CA LYS A 80 -13.43 6.65 2.69
C LYS A 80 -12.24 6.37 1.78
N VAL A 81 -11.17 5.84 2.35
CA VAL A 81 -9.97 5.52 1.59
C VAL A 81 -9.96 4.06 1.15
N GLU A 82 -9.97 3.84 -0.16
CA GLU A 82 -9.97 2.49 -0.70
C GLU A 82 -8.60 1.84 -0.53
N VAL A 83 -8.57 0.51 -0.64
CA VAL A 83 -7.32 -0.23 -0.51
C VAL A 83 -7.44 -1.63 -1.12
N LYS A 84 -6.46 -1.99 -1.95
CA LYS A 84 -6.45 -3.29 -2.60
C LYS A 84 -5.06 -3.90 -2.57
N ARG A 85 -5.00 -5.22 -2.40
CA ARG A 85 -3.73 -5.93 -2.36
C ARG A 85 -2.92 -5.68 -3.62
N ALA A 86 -1.79 -5.00 -3.47
CA ALA A 86 -0.92 -4.70 -4.60
C ALA A 86 -0.13 -5.93 -5.03
N GLU A 87 -0.62 -6.62 -6.06
CA GLU A 87 0.05 -7.81 -6.56
C GLU A 87 -0.65 -8.33 -7.82
N PRO A 88 0.10 -9.06 -8.65
CA PRO A 88 -0.43 -9.63 -9.90
C PRO A 88 -1.42 -10.76 -9.64
N ARG A 89 -1.96 -11.33 -10.72
CA ARG A 89 -2.92 -12.42 -10.61
C ARG A 89 -2.32 -13.72 -11.14
N ASP A 90 -1.94 -13.71 -12.42
CA ASP A 90 -1.36 -14.89 -13.05
C ASP A 90 0.14 -14.99 -12.75
N SER A 91 0.48 -15.83 -11.78
CA SER A 91 1.88 -16.02 -11.40
C SER A 91 2.24 -17.50 -11.36
N LYS A 92 3.33 -17.84 -12.05
CA LYS A 92 3.79 -19.23 -12.10
C LYS A 92 4.79 -19.51 -10.99
N SER A 93 4.29 -19.86 -9.81
CA SER A 93 5.15 -20.15 -8.66
C SER A 93 4.40 -20.98 -7.63
N SER A 94 5.15 -21.76 -6.85
CA SER A 94 4.56 -22.60 -5.82
C SER A 94 5.18 -22.30 -4.45
N GLY A 95 4.67 -21.27 -3.79
CA GLY A 95 5.18 -20.91 -2.48
C GLY A 95 6.52 -20.18 -2.57
N PRO A 96 7.27 -20.20 -1.47
CA PRO A 96 8.59 -19.55 -1.40
C PRO A 96 9.64 -20.27 -2.25
N SER A 97 10.33 -19.50 -3.09
CA SER A 97 11.35 -20.06 -3.96
C SER A 97 12.72 -20.02 -3.28
N SER A 98 13.19 -21.18 -2.83
CA SER A 98 14.48 -21.26 -2.17
C SER A 98 15.53 -21.88 -3.09
N GLY A 99 16.79 -21.55 -2.84
CA GLY A 99 17.87 -22.08 -3.66
C GLY A 99 19.13 -21.24 -3.57
N GLY A 1 8.73 3.07 -12.72
CA GLY A 1 8.04 3.51 -11.53
C GLY A 1 8.13 2.49 -10.40
N SER A 2 7.41 1.38 -10.55
CA SER A 2 7.40 0.33 -9.55
C SER A 2 8.76 -0.34 -9.45
N SER A 3 9.54 0.04 -8.43
CA SER A 3 10.87 -0.53 -8.23
C SER A 3 10.78 -1.99 -7.82
N GLY A 4 10.68 -2.88 -8.81
CA GLY A 4 10.59 -4.29 -8.52
C GLY A 4 9.93 -5.06 -9.65
N SER A 5 10.74 -5.64 -10.53
CA SER A 5 10.21 -6.40 -11.66
C SER A 5 9.63 -7.73 -11.19
N SER A 6 10.47 -8.55 -10.56
CA SER A 6 10.03 -9.86 -10.06
C SER A 6 9.35 -9.73 -8.71
N GLY A 7 8.06 -9.44 -8.73
CA GLY A 7 7.30 -9.29 -7.50
C GLY A 7 7.03 -10.63 -6.83
N SER A 8 7.98 -11.10 -6.03
CA SER A 8 7.83 -12.37 -5.33
C SER A 8 7.45 -12.15 -3.88
N LYS A 9 8.33 -11.49 -3.12
CA LYS A 9 8.08 -11.22 -1.72
C LYS A 9 8.01 -9.71 -1.46
N SER A 10 6.80 -9.17 -1.42
CA SER A 10 6.61 -7.75 -1.18
C SER A 10 5.32 -7.49 -0.41
N ASN A 11 5.41 -6.67 0.63
CA ASN A 11 4.25 -6.35 1.45
C ASN A 11 3.74 -4.95 1.14
N LYS A 12 3.41 -4.72 -0.13
CA LYS A 12 2.90 -3.42 -0.56
C LYS A 12 1.40 -3.48 -0.82
N ILE A 13 0.72 -2.36 -0.61
CA ILE A 13 -0.72 -2.30 -0.82
C ILE A 13 -1.09 -1.09 -1.69
N PHE A 14 -2.25 -1.17 -2.33
CA PHE A 14 -2.71 -0.09 -3.20
C PHE A 14 -3.83 0.70 -2.52
N VAL A 15 -3.50 1.90 -2.07
CA VAL A 15 -4.48 2.76 -1.41
C VAL A 15 -4.97 3.86 -2.35
N GLY A 16 -6.26 3.80 -2.68
CA GLY A 16 -6.83 4.80 -3.56
C GLY A 16 -7.94 5.60 -2.90
N GLY A 17 -8.56 6.50 -3.66
CA GLY A 17 -9.63 7.32 -3.12
C GLY A 17 -9.19 8.12 -1.92
N ILE A 18 -7.90 8.42 -1.85
CA ILE A 18 -7.36 9.20 -0.74
C ILE A 18 -7.72 10.68 -0.87
N PRO A 19 -8.09 11.30 0.27
CA PRO A 19 -8.47 12.72 0.29
C PRO A 19 -7.27 13.64 0.07
N HIS A 20 -7.55 14.90 -0.21
CA HIS A 20 -6.50 15.88 -0.45
C HIS A 20 -5.87 16.34 0.88
N ASN A 21 -6.36 15.77 1.98
CA ASN A 21 -5.86 16.12 3.30
C ASN A 21 -4.99 15.01 3.85
N CYS A 22 -5.32 13.77 3.51
CA CYS A 22 -4.56 12.61 3.98
C CYS A 22 -3.18 12.58 3.34
N GLY A 23 -2.14 12.65 4.18
CA GLY A 23 -0.78 12.63 3.68
C GLY A 23 0.03 11.49 4.27
N GLU A 24 1.30 11.41 3.88
CA GLU A 24 2.18 10.36 4.37
C GLU A 24 1.95 10.11 5.85
N THR A 25 2.30 11.09 6.69
CA THR A 25 2.13 10.96 8.13
C THR A 25 0.80 10.29 8.47
N GLU A 26 -0.29 10.92 8.05
CA GLU A 26 -1.62 10.37 8.32
C GLU A 26 -1.70 8.90 7.92
N LEU A 27 -1.49 8.63 6.64
CA LEU A 27 -1.54 7.27 6.12
C LEU A 27 -0.98 6.28 7.15
N ARG A 28 0.25 6.52 7.58
CA ARG A 28 0.90 5.66 8.56
C ARG A 28 0.16 5.70 9.90
N GLU A 29 -0.02 6.90 10.43
CA GLU A 29 -0.72 7.07 11.71
C GLU A 29 -2.02 6.26 11.72
N TYR A 30 -2.51 5.92 10.54
CA TYR A 30 -3.75 5.15 10.43
C TYR A 30 -3.46 3.72 10.00
N PHE A 31 -2.33 3.52 9.32
CA PHE A 31 -1.94 2.19 8.86
C PHE A 31 -0.93 1.56 9.81
N LYS A 32 -0.84 2.11 11.01
CA LYS A 32 0.08 1.61 12.02
C LYS A 32 -0.63 0.65 12.97
N LYS A 33 -1.95 0.60 12.88
CA LYS A 33 -2.75 -0.27 13.73
C LYS A 33 -2.78 -1.69 13.17
N PHE A 34 -2.77 -1.80 11.85
CA PHE A 34 -2.80 -3.10 11.18
C PHE A 34 -1.45 -3.82 11.33
N GLY A 35 -0.40 -3.04 11.57
CA GLY A 35 0.92 -3.62 11.74
C GLY A 35 2.00 -2.55 11.88
N VAL A 36 2.95 -2.55 10.95
CA VAL A 36 4.04 -1.59 10.98
C VAL A 36 4.37 -1.09 9.58
N VAL A 37 4.16 0.21 9.35
CA VAL A 37 4.44 0.81 8.06
C VAL A 37 5.92 1.11 7.89
N THR A 38 6.57 0.38 7.00
CA THR A 38 8.00 0.56 6.74
C THR A 38 8.24 1.60 5.66
N GLU A 39 7.33 1.64 4.68
CA GLU A 39 7.46 2.59 3.58
C GLU A 39 6.08 3.11 3.17
N VAL A 40 6.06 4.27 2.53
CA VAL A 40 4.81 4.88 2.08
C VAL A 40 4.97 5.49 0.69
N VAL A 41 4.41 4.81 -0.32
CA VAL A 41 4.49 5.30 -1.69
C VAL A 41 3.28 6.18 -2.03
N MET A 42 3.54 7.26 -2.76
CA MET A 42 2.49 8.18 -3.15
C MET A 42 2.72 8.70 -4.56
N ILE A 43 1.67 8.69 -5.37
CA ILE A 43 1.76 9.17 -6.75
C ILE A 43 1.24 10.59 -6.88
N TYR A 44 2.00 11.43 -7.58
CA TYR A 44 1.61 12.82 -7.78
C TYR A 44 2.54 13.51 -8.77
N ASP A 45 2.13 14.68 -9.24
CA ASP A 45 2.93 15.44 -10.20
C ASP A 45 3.96 16.30 -9.49
N ALA A 46 5.23 15.98 -9.67
CA ALA A 46 6.31 16.71 -9.04
C ALA A 46 5.97 18.19 -8.90
N GLU A 47 5.68 18.83 -10.03
CA GLU A 47 5.32 20.25 -10.02
C GLU A 47 4.38 20.57 -8.88
N LYS A 48 3.37 19.72 -8.68
CA LYS A 48 2.40 19.92 -7.61
C LYS A 48 2.99 19.51 -6.26
N GLN A 49 3.73 18.41 -6.24
CA GLN A 49 4.34 17.92 -5.02
C GLN A 49 3.29 17.61 -3.97
N ARG A 50 2.21 16.97 -4.40
CA ARG A 50 1.12 16.60 -3.49
C ARG A 50 0.33 15.42 -4.03
N PRO A 51 -0.03 14.48 -3.14
CA PRO A 51 -0.79 13.29 -3.50
C PRO A 51 -2.23 13.61 -3.89
N ARG A 52 -2.54 13.45 -5.17
CA ARG A 52 -3.88 13.72 -5.66
C ARG A 52 -4.94 13.01 -4.82
N GLY A 53 -4.80 11.69 -4.69
CA GLY A 53 -5.74 10.92 -3.90
C GLY A 53 -5.62 9.43 -4.15
N PHE A 54 -4.39 8.95 -4.25
CA PHE A 54 -4.14 7.53 -4.48
C PHE A 54 -2.65 7.21 -4.35
N GLY A 55 -2.33 5.93 -4.20
CA GLY A 55 -0.95 5.51 -4.07
C GLY A 55 -0.82 4.11 -3.50
N PHE A 56 0.32 3.84 -2.87
CA PHE A 56 0.57 2.53 -2.27
C PHE A 56 1.31 2.66 -0.94
N ILE A 57 1.36 1.57 -0.19
CA ILE A 57 2.04 1.56 1.10
C ILE A 57 2.60 0.19 1.42
N THR A 58 3.80 0.15 1.99
CA THR A 58 4.45 -1.10 2.35
C THR A 58 4.42 -1.32 3.85
N PHE A 59 4.28 -2.57 4.26
CA PHE A 59 4.25 -2.91 5.68
C PHE A 59 5.46 -3.77 6.06
N GLU A 60 5.58 -4.06 7.36
CA GLU A 60 6.69 -4.87 7.85
C GLU A 60 6.44 -6.35 7.60
N ASP A 61 5.20 -6.79 7.85
CA ASP A 61 4.83 -8.18 7.65
C ASP A 61 3.63 -8.29 6.71
N GLU A 62 3.79 -9.07 5.65
CA GLU A 62 2.72 -9.26 4.68
C GLU A 62 1.36 -9.26 5.36
N GLN A 63 1.29 -9.87 6.53
CA GLN A 63 0.05 -9.94 7.29
C GLN A 63 -0.76 -8.66 7.12
N SER A 64 -0.17 -7.54 7.51
CA SER A 64 -0.84 -6.24 7.41
C SER A 64 -1.58 -6.12 6.09
N VAL A 65 -0.85 -6.26 4.98
CA VAL A 65 -1.44 -6.15 3.66
C VAL A 65 -2.84 -6.77 3.64
N ASP A 66 -2.94 -8.01 4.07
CA ASP A 66 -4.23 -8.71 4.09
C ASP A 66 -5.23 -7.95 4.96
N GLN A 67 -4.90 -7.79 6.24
CA GLN A 67 -5.77 -7.09 7.17
C GLN A 67 -6.42 -5.87 6.51
N ALA A 68 -5.59 -5.07 5.85
CA ALA A 68 -6.08 -3.87 5.18
C ALA A 68 -6.94 -4.23 3.96
N VAL A 69 -6.38 -5.04 3.07
CA VAL A 69 -7.09 -5.46 1.86
C VAL A 69 -8.50 -5.92 2.20
N ASN A 70 -8.61 -6.95 3.03
CA ASN A 70 -9.91 -7.48 3.43
C ASN A 70 -10.93 -6.36 3.57
N MET A 71 -10.73 -5.52 4.58
CA MET A 71 -11.64 -4.41 4.84
C MET A 71 -11.95 -3.66 3.55
N HIS A 72 -10.93 -3.45 2.72
CA HIS A 72 -11.11 -2.76 1.45
C HIS A 72 -11.76 -1.39 1.66
N PHE A 73 -11.49 -0.79 2.81
CA PHE A 73 -12.05 0.52 3.15
C PHE A 73 -11.47 1.05 4.46
N HIS A 74 -11.48 2.36 4.61
CA HIS A 74 -10.95 2.99 5.81
C HIS A 74 -11.50 4.41 5.97
N ASP A 75 -11.38 4.96 7.17
CA ASP A 75 -11.86 6.31 7.45
C ASP A 75 -10.71 7.21 7.90
N ILE A 76 -10.09 7.89 6.95
CA ILE A 76 -8.97 8.77 7.25
C ILE A 76 -9.35 10.23 7.00
N MET A 77 -8.99 11.10 7.94
CA MET A 77 -9.30 12.53 7.80
C MET A 77 -10.73 12.74 7.36
N GLY A 78 -11.65 11.95 7.92
CA GLY A 78 -13.06 12.07 7.56
C GLY A 78 -13.30 11.79 6.10
N LYS A 79 -12.91 10.61 5.64
CA LYS A 79 -13.10 10.23 4.24
C LYS A 79 -12.88 8.73 4.06
N LYS A 80 -13.55 8.16 3.06
CA LYS A 80 -13.43 6.74 2.78
C LYS A 80 -12.22 6.45 1.89
N VAL A 81 -11.27 5.70 2.43
CA VAL A 81 -10.06 5.36 1.68
C VAL A 81 -10.09 3.91 1.22
N GLU A 82 -10.01 3.71 -0.09
CA GLU A 82 -10.03 2.37 -0.65
C GLU A 82 -8.65 1.74 -0.61
N VAL A 83 -8.60 0.42 -0.42
CA VAL A 83 -7.34 -0.31 -0.35
C VAL A 83 -7.46 -1.69 -1.00
N LYS A 84 -6.48 -2.04 -1.83
CA LYS A 84 -6.48 -3.33 -2.50
C LYS A 84 -5.07 -3.93 -2.51
N ARG A 85 -5.01 -5.26 -2.49
CA ARG A 85 -3.73 -5.96 -2.50
C ARG A 85 -2.93 -5.61 -3.75
N ALA A 86 -1.75 -5.04 -3.55
CA ALA A 86 -0.89 -4.65 -4.66
C ALA A 86 -0.09 -5.85 -5.16
N GLU A 87 -0.51 -7.04 -4.78
CA GLU A 87 0.17 -8.27 -5.19
C GLU A 87 -0.68 -9.06 -6.18
N PRO A 88 -0.01 -9.75 -7.12
CA PRO A 88 -0.69 -10.55 -8.14
C PRO A 88 -1.34 -11.80 -7.55
N ARG A 89 -2.13 -12.49 -8.37
CA ARG A 89 -2.81 -13.70 -7.93
C ARG A 89 -1.91 -14.93 -8.08
N ASP A 90 -1.35 -15.38 -6.96
CA ASP A 90 -0.46 -16.54 -6.97
C ASP A 90 -1.17 -17.78 -6.45
N SER A 91 -0.62 -18.95 -6.73
CA SER A 91 -1.21 -20.20 -6.29
C SER A 91 -0.30 -20.91 -5.29
N LYS A 92 1.00 -20.89 -5.57
CA LYS A 92 1.98 -21.53 -4.70
C LYS A 92 3.36 -20.90 -4.90
N SER A 93 4.12 -20.84 -3.80
CA SER A 93 5.47 -20.26 -3.85
C SER A 93 6.47 -21.26 -4.41
N SER A 94 7.71 -20.80 -4.62
CA SER A 94 8.75 -21.65 -5.16
C SER A 94 10.11 -21.30 -4.54
N GLY A 95 10.90 -22.33 -4.24
CA GLY A 95 12.21 -22.11 -3.64
C GLY A 95 12.25 -22.53 -2.20
N PRO A 96 13.43 -23.00 -1.75
CA PRO A 96 13.64 -23.45 -0.37
C PRO A 96 13.62 -22.29 0.62
N SER A 97 12.77 -22.41 1.64
CA SER A 97 12.66 -21.37 2.66
C SER A 97 14.00 -21.10 3.32
N SER A 98 14.25 -19.85 3.69
CA SER A 98 15.50 -19.46 4.33
C SER A 98 15.26 -19.07 5.79
N GLY A 99 15.77 -19.89 6.70
CA GLY A 99 15.61 -19.61 8.12
C GLY A 99 16.91 -19.24 8.80
N GLY A 1 -5.15 -24.88 4.55
CA GLY A 1 -4.19 -25.94 4.33
C GLY A 1 -2.77 -25.41 4.19
N SER A 2 -2.01 -25.99 3.27
CA SER A 2 -0.62 -25.59 3.05
C SER A 2 -0.29 -25.58 1.56
N SER A 3 0.31 -24.48 1.10
CA SER A 3 0.68 -24.35 -0.30
C SER A 3 1.73 -23.26 -0.48
N GLY A 4 2.79 -23.58 -1.21
CA GLY A 4 3.86 -22.62 -1.45
C GLY A 4 4.74 -22.42 -0.23
N SER A 5 5.96 -22.95 -0.30
CA SER A 5 6.91 -22.83 0.81
C SER A 5 7.65 -21.51 0.75
N SER A 6 8.20 -21.20 -0.43
CA SER A 6 8.94 -19.96 -0.63
C SER A 6 8.94 -19.55 -2.09
N GLY A 7 8.60 -18.29 -2.34
CA GLY A 7 8.56 -17.79 -3.71
C GLY A 7 8.98 -16.34 -3.81
N SER A 8 8.03 -15.46 -4.13
CA SER A 8 8.30 -14.04 -4.25
C SER A 8 7.02 -13.22 -4.09
N LYS A 9 7.02 -12.32 -3.12
CA LYS A 9 5.86 -11.48 -2.86
C LYS A 9 6.28 -10.16 -2.20
N SER A 10 5.38 -9.19 -2.22
CA SER A 10 5.66 -7.88 -1.63
C SER A 10 4.55 -7.46 -0.67
N ASN A 11 4.92 -6.81 0.42
CA ASN A 11 3.96 -6.35 1.41
C ASN A 11 3.44 -4.96 1.07
N LYS A 12 3.32 -4.68 -0.22
CA LYS A 12 2.84 -3.39 -0.68
C LYS A 12 1.33 -3.41 -0.89
N ILE A 13 0.69 -2.27 -0.71
CA ILE A 13 -0.75 -2.16 -0.89
C ILE A 13 -1.12 -0.96 -1.76
N PHE A 14 -2.28 -1.03 -2.40
CA PHE A 14 -2.74 0.04 -3.26
C PHE A 14 -3.83 0.85 -2.58
N VAL A 15 -3.48 2.05 -2.13
CA VAL A 15 -4.45 2.92 -1.46
C VAL A 15 -4.95 4.01 -2.41
N GLY A 16 -6.24 3.97 -2.71
CA GLY A 16 -6.83 4.96 -3.59
C GLY A 16 -7.97 5.71 -2.95
N GLY A 17 -8.54 6.67 -3.68
CA GLY A 17 -9.63 7.46 -3.15
C GLY A 17 -9.21 8.34 -2.00
N ILE A 18 -7.90 8.46 -1.79
CA ILE A 18 -7.36 9.27 -0.71
C ILE A 18 -7.83 10.72 -0.83
N PRO A 19 -8.18 11.32 0.31
CA PRO A 19 -8.65 12.71 0.37
C PRO A 19 -7.54 13.71 0.07
N HIS A 20 -7.91 14.98 -0.07
CA HIS A 20 -6.93 16.03 -0.36
C HIS A 20 -6.15 16.40 0.90
N ASN A 21 -6.53 15.81 2.03
CA ASN A 21 -5.86 16.07 3.29
C ASN A 21 -4.91 14.94 3.65
N CYS A 22 -5.47 13.75 3.86
CA CYS A 22 -4.68 12.58 4.22
C CYS A 22 -3.31 12.63 3.53
N GLY A 23 -2.25 12.45 4.32
CA GLY A 23 -0.91 12.47 3.77
C GLY A 23 -0.11 11.24 4.15
N GLU A 24 1.21 11.38 4.17
CA GLU A 24 2.09 10.27 4.51
C GLU A 24 1.92 9.88 5.98
N THR A 25 2.20 10.82 6.88
CA THR A 25 2.07 10.57 8.31
C THR A 25 0.73 9.93 8.64
N GLU A 26 -0.36 10.61 8.28
CA GLU A 26 -1.70 10.10 8.55
C GLU A 26 -1.81 8.63 8.14
N LEU A 27 -1.61 8.37 6.85
CA LEU A 27 -1.70 7.01 6.34
C LEU A 27 -1.07 6.01 7.30
N ARG A 28 0.17 6.30 7.70
CA ARG A 28 0.89 5.43 8.64
C ARG A 28 0.14 5.30 9.95
N GLU A 29 -0.21 6.45 10.55
CA GLU A 29 -0.93 6.47 11.81
C GLU A 29 -2.20 5.62 11.73
N TYR A 30 -2.74 5.50 10.53
CA TYR A 30 -3.96 4.72 10.31
C TYR A 30 -3.63 3.32 9.83
N PHE A 31 -2.41 3.15 9.32
CA PHE A 31 -1.97 1.85 8.81
C PHE A 31 -0.93 1.23 9.75
N LYS A 32 -0.74 1.87 10.91
CA LYS A 32 0.22 1.38 11.88
C LYS A 32 -0.44 0.42 12.87
N LYS A 33 -1.74 0.62 13.09
CA LYS A 33 -2.49 -0.23 14.01
C LYS A 33 -2.59 -1.66 13.48
N PHE A 34 -2.50 -1.80 12.16
CA PHE A 34 -2.57 -3.11 11.51
C PHE A 34 -1.25 -3.85 11.64
N GLY A 35 -0.15 -3.11 11.53
CA GLY A 35 1.17 -3.71 11.62
C GLY A 35 2.28 -2.69 11.76
N VAL A 36 3.10 -2.58 10.74
CA VAL A 36 4.21 -1.62 10.74
C VAL A 36 4.49 -1.10 9.34
N VAL A 37 4.22 0.18 9.12
CA VAL A 37 4.45 0.80 7.82
C VAL A 37 5.95 1.05 7.59
N THR A 38 6.55 0.21 6.76
CA THR A 38 7.98 0.34 6.46
C THR A 38 8.22 1.43 5.42
N GLU A 39 7.34 1.50 4.42
CA GLU A 39 7.47 2.51 3.37
C GLU A 39 6.10 3.05 2.97
N VAL A 40 6.07 4.28 2.48
CA VAL A 40 4.83 4.92 2.07
C VAL A 40 4.97 5.56 0.70
N VAL A 41 4.44 4.89 -0.33
CA VAL A 41 4.51 5.40 -1.69
C VAL A 41 3.31 6.29 -2.00
N MET A 42 3.55 7.35 -2.79
CA MET A 42 2.48 8.26 -3.16
C MET A 42 2.70 8.79 -4.58
N ILE A 43 1.64 8.79 -5.37
CA ILE A 43 1.71 9.28 -6.75
C ILE A 43 1.20 10.71 -6.86
N TYR A 44 1.99 11.56 -7.51
CA TYR A 44 1.62 12.97 -7.68
C TYR A 44 2.56 13.65 -8.67
N ASP A 45 2.16 14.82 -9.15
CA ASP A 45 2.96 15.58 -10.09
C ASP A 45 4.02 16.41 -9.36
N ALA A 46 5.28 16.06 -9.58
CA ALA A 46 6.39 16.76 -8.94
C ALA A 46 6.09 18.25 -8.83
N GLU A 47 5.73 18.87 -9.95
CA GLU A 47 5.42 20.30 -9.97
C GLU A 47 4.47 20.67 -8.84
N LYS A 48 3.47 19.82 -8.61
CA LYS A 48 2.49 20.06 -7.56
C LYS A 48 3.06 19.66 -6.20
N GLN A 49 3.80 18.56 -6.17
CA GLN A 49 4.41 18.07 -4.93
C GLN A 49 3.32 17.79 -3.89
N ARG A 50 2.32 17.03 -4.28
CA ARG A 50 1.23 16.68 -3.37
C ARG A 50 0.40 15.52 -3.91
N PRO A 51 0.03 14.59 -3.03
CA PRO A 51 -0.76 13.41 -3.40
C PRO A 51 -2.19 13.77 -3.78
N ARG A 52 -2.53 13.57 -5.05
CA ARG A 52 -3.87 13.88 -5.54
C ARG A 52 -4.94 13.16 -4.71
N GLY A 53 -4.81 11.83 -4.61
CA GLY A 53 -5.76 11.05 -3.85
C GLY A 53 -5.61 9.56 -4.09
N PHE A 54 -4.37 9.10 -4.18
CA PHE A 54 -4.10 7.68 -4.41
C PHE A 54 -2.61 7.38 -4.25
N GLY A 55 -2.28 6.11 -4.13
CA GLY A 55 -0.89 5.71 -3.98
C GLY A 55 -0.76 4.30 -3.44
N PHE A 56 0.42 3.99 -2.91
CA PHE A 56 0.69 2.65 -2.37
C PHE A 56 1.45 2.75 -1.04
N ILE A 57 1.44 1.66 -0.28
CA ILE A 57 2.12 1.62 1.00
C ILE A 57 2.68 0.22 1.28
N THR A 58 3.88 0.18 1.85
CA THR A 58 4.52 -1.09 2.17
C THR A 58 4.56 -1.32 3.68
N PHE A 59 4.32 -2.57 4.08
CA PHE A 59 4.32 -2.92 5.50
C PHE A 59 5.53 -3.77 5.84
N GLU A 60 5.72 -4.04 7.13
CA GLU A 60 6.84 -4.84 7.59
C GLU A 60 6.57 -6.33 7.38
N ASP A 61 5.29 -6.70 7.43
CA ASP A 61 4.89 -8.10 7.25
C ASP A 61 3.66 -8.19 6.37
N GLU A 62 3.57 -9.26 5.59
CA GLU A 62 2.44 -9.47 4.69
C GLU A 62 1.12 -9.44 5.47
N GLN A 63 1.09 -10.13 6.60
CA GLN A 63 -0.11 -10.17 7.43
C GLN A 63 -0.76 -8.80 7.52
N SER A 64 0.07 -7.77 7.69
CA SER A 64 -0.44 -6.40 7.79
C SER A 64 -1.29 -6.03 6.58
N VAL A 65 -0.72 -6.21 5.39
CA VAL A 65 -1.43 -5.90 4.15
C VAL A 65 -2.83 -6.49 4.17
N ASP A 66 -2.92 -7.79 4.47
CA ASP A 66 -4.21 -8.47 4.51
C ASP A 66 -5.19 -7.74 5.41
N GLN A 67 -4.76 -7.46 6.64
CA GLN A 67 -5.60 -6.75 7.60
C GLN A 67 -6.34 -5.60 6.94
N ALA A 68 -5.62 -4.83 6.12
CA ALA A 68 -6.22 -3.70 5.42
C ALA A 68 -7.05 -4.16 4.24
N VAL A 69 -6.39 -4.77 3.26
CA VAL A 69 -7.07 -5.25 2.06
C VAL A 69 -8.44 -5.84 2.41
N ASN A 70 -8.45 -6.73 3.39
CA ASN A 70 -9.70 -7.36 3.83
C ASN A 70 -10.85 -6.36 3.82
N MET A 71 -10.79 -5.39 4.73
CA MET A 71 -11.83 -4.37 4.82
C MET A 71 -12.03 -3.68 3.48
N HIS A 72 -10.94 -3.35 2.81
CA HIS A 72 -11.00 -2.68 1.52
C HIS A 72 -11.69 -1.32 1.63
N PHE A 73 -11.62 -0.74 2.83
CA PHE A 73 -12.25 0.56 3.07
C PHE A 73 -11.86 1.10 4.44
N HIS A 74 -11.50 2.38 4.49
CA HIS A 74 -11.11 3.02 5.74
C HIS A 74 -11.55 4.47 5.78
N ASP A 75 -11.60 5.04 6.97
CA ASP A 75 -12.01 6.44 7.13
C ASP A 75 -10.85 7.29 7.64
N ILE A 76 -10.19 7.98 6.72
CA ILE A 76 -9.06 8.84 7.07
C ILE A 76 -9.35 10.30 6.71
N MET A 77 -9.14 11.18 7.67
CA MET A 77 -9.36 12.61 7.46
C MET A 77 -10.75 12.85 6.87
N GLY A 78 -11.74 12.14 7.38
CA GLY A 78 -13.11 12.29 6.89
C GLY A 78 -13.23 11.95 5.42
N LYS A 79 -12.97 10.69 5.07
CA LYS A 79 -13.06 10.24 3.69
C LYS A 79 -12.85 8.74 3.60
N LYS A 80 -13.49 8.11 2.61
CA LYS A 80 -13.37 6.67 2.41
C LYS A 80 -12.15 6.34 1.57
N VAL A 81 -11.09 5.87 2.23
CA VAL A 81 -9.86 5.52 1.54
C VAL A 81 -9.87 4.05 1.12
N GLU A 82 -9.85 3.82 -0.20
CA GLU A 82 -9.87 2.47 -0.73
C GLU A 82 -8.49 1.83 -0.63
N VAL A 83 -8.47 0.52 -0.37
CA VAL A 83 -7.21 -0.21 -0.25
C VAL A 83 -7.33 -1.61 -0.82
N LYS A 84 -6.40 -1.97 -1.70
CA LYS A 84 -6.41 -3.29 -2.33
C LYS A 84 -5.01 -3.92 -2.29
N ARG A 85 -4.97 -5.24 -2.26
CA ARG A 85 -3.69 -5.95 -2.23
C ARG A 85 -2.93 -5.75 -3.53
N ALA A 86 -1.85 -4.99 -3.46
CA ALA A 86 -1.03 -4.71 -4.63
C ALA A 86 -0.36 -5.98 -5.14
N GLU A 87 0.29 -5.88 -6.31
CA GLU A 87 0.96 -7.03 -6.90
C GLU A 87 2.47 -6.90 -6.76
N PRO A 88 3.15 -8.05 -6.59
CA PRO A 88 4.60 -8.10 -6.45
C PRO A 88 5.33 -7.75 -7.73
N ARG A 89 6.33 -6.87 -7.63
CA ARG A 89 7.10 -6.45 -8.78
C ARG A 89 8.01 -7.58 -9.28
N ASP A 90 7.79 -8.01 -10.51
CA ASP A 90 8.59 -9.08 -11.10
C ASP A 90 9.55 -8.54 -12.15
N SER A 91 10.62 -7.90 -11.69
CA SER A 91 11.60 -7.32 -12.59
C SER A 91 12.34 -8.42 -13.36
N LYS A 92 12.82 -8.08 -14.56
CA LYS A 92 13.54 -9.03 -15.39
C LYS A 92 14.90 -8.48 -15.79
N SER A 93 15.94 -8.86 -15.04
CA SER A 93 17.29 -8.40 -15.32
C SER A 93 17.89 -9.16 -16.50
N SER A 94 18.32 -8.41 -17.52
CA SER A 94 18.91 -9.00 -18.70
C SER A 94 19.87 -8.02 -19.38
N GLY A 95 21.04 -8.53 -19.77
CA GLY A 95 22.03 -7.70 -20.42
C GLY A 95 23.17 -8.50 -21.00
N PRO A 96 23.68 -8.06 -22.17
CA PRO A 96 24.79 -8.73 -22.84
C PRO A 96 26.11 -8.58 -22.09
N SER A 97 26.64 -9.70 -21.61
CA SER A 97 27.90 -9.69 -20.88
C SER A 97 28.93 -10.58 -21.56
N SER A 98 29.91 -9.95 -22.21
CA SER A 98 30.96 -10.68 -22.91
C SER A 98 31.93 -11.32 -21.92
N GLY A 99 32.54 -10.49 -21.07
CA GLY A 99 33.47 -11.00 -20.09
C GLY A 99 32.79 -11.42 -18.80
N GLY A 1 12.99 -4.87 -18.29
CA GLY A 1 14.42 -4.71 -18.11
C GLY A 1 14.82 -4.69 -16.64
N SER A 2 15.33 -5.82 -16.15
CA SER A 2 15.74 -5.92 -14.77
C SER A 2 16.43 -7.26 -14.50
N SER A 3 17.26 -7.29 -13.46
CA SER A 3 17.99 -8.51 -13.11
C SER A 3 17.57 -9.01 -11.72
N GLY A 4 16.27 -8.97 -11.45
CA GLY A 4 15.75 -9.42 -10.17
C GLY A 4 16.20 -8.53 -9.03
N SER A 5 15.26 -8.16 -8.16
CA SER A 5 15.57 -7.31 -7.02
C SER A 5 15.52 -8.10 -5.72
N SER A 6 16.55 -7.95 -4.90
CA SER A 6 16.62 -8.65 -3.62
C SER A 6 15.37 -8.40 -2.78
N GLY A 7 14.59 -9.45 -2.57
CA GLY A 7 13.37 -9.32 -1.78
C GLY A 7 12.24 -10.17 -2.32
N SER A 8 11.61 -10.94 -1.45
CA SER A 8 10.51 -11.81 -1.85
C SER A 8 9.16 -11.19 -1.48
N LYS A 9 9.03 -10.77 -0.22
CA LYS A 9 7.80 -10.16 0.27
C LYS A 9 7.80 -8.67 0.00
N SER A 10 6.74 -8.18 -0.65
CA SER A 10 6.62 -6.76 -0.96
C SER A 10 5.75 -6.05 0.05
N ASN A 11 4.90 -6.82 0.73
CA ASN A 11 4.00 -6.26 1.73
C ASN A 11 3.53 -4.87 1.33
N LYS A 12 3.21 -4.70 0.05
CA LYS A 12 2.76 -3.42 -0.47
C LYS A 12 1.25 -3.45 -0.72
N ILE A 13 0.59 -2.32 -0.50
CA ILE A 13 -0.84 -2.22 -0.71
C ILE A 13 -1.18 -1.03 -1.62
N PHE A 14 -2.33 -1.12 -2.29
CA PHE A 14 -2.77 -0.06 -3.19
C PHE A 14 -3.88 0.76 -2.55
N VAL A 15 -3.55 1.97 -2.12
CA VAL A 15 -4.53 2.87 -1.50
C VAL A 15 -4.98 3.94 -2.47
N GLY A 16 -6.30 4.01 -2.70
CA GLY A 16 -6.85 5.01 -3.61
C GLY A 16 -7.93 5.84 -2.96
N GLY A 17 -8.56 6.70 -3.76
CA GLY A 17 -9.61 7.55 -3.24
C GLY A 17 -9.16 8.39 -2.06
N ILE A 18 -7.84 8.50 -1.89
CA ILE A 18 -7.28 9.28 -0.80
C ILE A 18 -7.63 10.76 -0.94
N PRO A 19 -7.98 11.40 0.19
CA PRO A 19 -8.35 12.82 0.22
C PRO A 19 -7.14 13.73 -0.03
N HIS A 20 -7.41 14.99 -0.29
CA HIS A 20 -6.35 15.97 -0.55
C HIS A 20 -5.74 16.46 0.77
N ASN A 21 -6.22 15.92 1.88
CA ASN A 21 -5.73 16.31 3.19
C ASN A 21 -4.86 15.21 3.80
N CYS A 22 -5.15 13.96 3.43
CA CYS A 22 -4.40 12.83 3.93
C CYS A 22 -3.01 12.76 3.31
N GLY A 23 -2.01 12.51 4.14
CA GLY A 23 -0.64 12.43 3.64
C GLY A 23 0.15 11.31 4.29
N GLU A 24 1.38 11.12 3.82
CA GLU A 24 2.23 10.06 4.36
C GLU A 24 1.98 9.86 5.85
N THR A 25 2.41 10.85 6.65
CA THR A 25 2.23 10.78 8.09
C THR A 25 0.91 10.11 8.46
N GLU A 26 -0.19 10.77 8.11
CA GLU A 26 -1.52 10.24 8.39
C GLU A 26 -1.62 8.76 8.00
N LEU A 27 -1.47 8.49 6.71
CA LEU A 27 -1.54 7.12 6.20
C LEU A 27 -0.96 6.15 7.21
N ARG A 28 0.19 6.49 7.78
CA ARG A 28 0.84 5.63 8.76
C ARG A 28 0.02 5.55 10.05
N GLU A 29 -0.25 6.71 10.64
CA GLU A 29 -1.03 6.77 11.88
C GLU A 29 -2.28 5.91 11.77
N TYR A 30 -2.76 5.71 10.56
CA TYR A 30 -3.95 4.90 10.33
C TYR A 30 -3.57 3.48 9.91
N PHE A 31 -2.44 3.35 9.21
CA PHE A 31 -1.97 2.05 8.75
C PHE A 31 -0.94 1.49 9.71
N LYS A 32 -0.89 2.02 10.92
CA LYS A 32 0.06 1.58 11.93
C LYS A 32 -0.59 0.55 12.87
N LYS A 33 -1.91 0.66 13.02
CA LYS A 33 -2.64 -0.26 13.88
C LYS A 33 -2.66 -1.67 13.29
N PHE A 34 -2.69 -1.75 11.97
CA PHE A 34 -2.70 -3.04 11.28
C PHE A 34 -1.38 -3.78 11.50
N GLY A 35 -0.29 -3.02 11.63
CA GLY A 35 1.01 -3.62 11.84
C GLY A 35 2.11 -2.59 12.00
N VAL A 36 2.93 -2.44 10.96
CA VAL A 36 4.03 -1.48 11.00
C VAL A 36 4.36 -0.99 9.59
N VAL A 37 4.08 0.28 9.33
CA VAL A 37 4.35 0.88 8.03
C VAL A 37 5.84 1.19 7.87
N THR A 38 6.49 0.50 6.94
CA THR A 38 7.91 0.71 6.68
C THR A 38 8.14 1.76 5.60
N GLU A 39 7.28 1.73 4.58
CA GLU A 39 7.38 2.68 3.48
C GLU A 39 5.99 3.15 3.04
N VAL A 40 5.94 4.35 2.46
CA VAL A 40 4.68 4.91 1.98
C VAL A 40 4.84 5.51 0.59
N VAL A 41 4.39 4.77 -0.42
CA VAL A 41 4.48 5.23 -1.80
C VAL A 41 3.32 6.14 -2.15
N MET A 42 3.59 7.17 -2.95
CA MET A 42 2.56 8.12 -3.35
C MET A 42 2.82 8.61 -4.77
N ILE A 43 1.76 8.66 -5.57
CA ILE A 43 1.87 9.12 -6.96
C ILE A 43 1.38 10.56 -7.10
N TYR A 44 2.13 11.36 -7.85
CA TYR A 44 1.77 12.76 -8.07
C TYR A 44 2.71 13.41 -9.07
N ASP A 45 2.32 14.58 -9.56
CA ASP A 45 3.12 15.32 -10.53
C ASP A 45 4.11 16.24 -9.83
N ALA A 46 5.40 15.94 -9.96
CA ALA A 46 6.44 16.74 -9.34
C ALA A 46 6.05 18.22 -9.29
N GLU A 47 5.79 18.79 -10.46
CA GLU A 47 5.40 20.19 -10.55
C GLU A 47 4.49 20.58 -9.39
N LYS A 48 3.51 19.73 -9.10
CA LYS A 48 2.58 19.99 -8.01
C LYS A 48 3.17 19.56 -6.67
N GLN A 49 3.89 18.44 -6.67
CA GLN A 49 4.52 17.93 -5.45
C GLN A 49 3.47 17.64 -4.38
N ARG A 50 2.40 16.96 -4.78
CA ARG A 50 1.33 16.61 -3.86
C ARG A 50 0.53 15.42 -4.37
N PRO A 51 0.16 14.51 -3.46
CA PRO A 51 -0.60 13.30 -3.79
C PRO A 51 -2.04 13.62 -4.18
N ARG A 52 -2.36 13.46 -5.46
CA ARG A 52 -3.69 13.73 -5.95
C ARG A 52 -4.74 13.05 -5.08
N GLY A 53 -4.60 11.74 -4.90
CA GLY A 53 -5.54 11.00 -4.08
C GLY A 53 -5.46 9.51 -4.32
N PHE A 54 -4.24 8.99 -4.41
CA PHE A 54 -4.02 7.57 -4.64
C PHE A 54 -2.53 7.22 -4.54
N GLY A 55 -2.25 5.93 -4.31
CA GLY A 55 -0.87 5.50 -4.20
C GLY A 55 -0.76 4.11 -3.60
N PHE A 56 0.37 3.84 -2.95
CA PHE A 56 0.60 2.54 -2.33
C PHE A 56 1.34 2.69 -1.00
N ILE A 57 1.38 1.62 -0.23
CA ILE A 57 2.06 1.64 1.07
C ILE A 57 2.63 0.26 1.39
N THR A 58 3.85 0.25 1.94
CA THR A 58 4.51 -1.00 2.31
C THR A 58 4.45 -1.23 3.82
N PHE A 59 4.41 -2.50 4.21
CA PHE A 59 4.34 -2.86 5.62
C PHE A 59 5.55 -3.70 6.02
N GLU A 60 5.65 -4.01 7.31
CA GLU A 60 6.75 -4.82 7.83
C GLU A 60 6.51 -6.30 7.55
N ASP A 61 5.28 -6.75 7.78
CA ASP A 61 4.92 -8.14 7.56
C ASP A 61 3.70 -8.25 6.64
N GLU A 62 3.79 -9.16 5.67
CA GLU A 62 2.70 -9.36 4.72
C GLU A 62 1.35 -9.37 5.43
N GLN A 63 1.28 -10.07 6.57
CA GLN A 63 0.05 -10.15 7.34
C GLN A 63 -0.72 -8.84 7.29
N SER A 64 0.00 -7.73 7.47
CA SER A 64 -0.63 -6.41 7.44
C SER A 64 -1.46 -6.22 6.18
N VAL A 65 -0.82 -6.41 5.03
CA VAL A 65 -1.51 -6.27 3.74
C VAL A 65 -2.91 -6.87 3.80
N ASP A 66 -2.98 -8.15 4.13
CA ASP A 66 -4.26 -8.85 4.22
C ASP A 66 -5.26 -8.06 5.08
N GLN A 67 -4.82 -7.69 6.28
CA GLN A 67 -5.67 -6.94 7.20
C GLN A 67 -6.32 -5.76 6.48
N ALA A 68 -5.50 -4.88 5.91
CA ALA A 68 -6.00 -3.71 5.20
C ALA A 68 -6.90 -4.12 4.04
N VAL A 69 -6.34 -4.90 3.11
CA VAL A 69 -7.09 -5.36 1.95
C VAL A 69 -8.49 -5.83 2.35
N ASN A 70 -8.54 -6.88 3.17
CA ASN A 70 -9.81 -7.43 3.62
C ASN A 70 -10.84 -6.32 3.82
N MET A 71 -10.50 -5.34 4.63
CA MET A 71 -11.41 -4.22 4.89
C MET A 71 -11.80 -3.52 3.59
N HIS A 72 -10.81 -3.32 2.72
CA HIS A 72 -11.06 -2.66 1.44
C HIS A 72 -11.73 -1.30 1.64
N PHE A 73 -11.48 -0.70 2.80
CA PHE A 73 -12.06 0.60 3.13
C PHE A 73 -11.49 1.15 4.43
N HIS A 74 -11.50 2.47 4.57
CA HIS A 74 -10.98 3.11 5.77
C HIS A 74 -11.54 4.52 5.91
N ASP A 75 -11.53 5.04 7.14
CA ASP A 75 -12.04 6.39 7.41
C ASP A 75 -10.92 7.29 7.90
N ILE A 76 -10.17 7.87 6.97
CA ILE A 76 -9.08 8.76 7.32
C ILE A 76 -9.51 10.22 7.23
N MET A 77 -9.63 10.86 8.38
CA MET A 77 -10.04 12.26 8.45
C MET A 77 -11.43 12.45 7.84
N GLY A 78 -12.35 11.56 8.19
CA GLY A 78 -13.70 11.65 7.67
C GLY A 78 -13.76 11.43 6.18
N LYS A 79 -12.94 10.51 5.69
CA LYS A 79 -12.91 10.22 4.25
C LYS A 79 -12.78 8.71 4.02
N LYS A 80 -13.55 8.20 3.06
CA LYS A 80 -13.53 6.78 2.74
C LYS A 80 -12.37 6.45 1.81
N VAL A 81 -11.29 5.91 2.37
CA VAL A 81 -10.11 5.55 1.60
C VAL A 81 -10.18 4.09 1.15
N GLU A 82 -9.96 3.87 -0.15
CA GLU A 82 -9.99 2.52 -0.70
C GLU A 82 -8.62 1.86 -0.61
N VAL A 83 -8.61 0.54 -0.43
CA VAL A 83 -7.37 -0.21 -0.33
C VAL A 83 -7.52 -1.61 -0.91
N LYS A 84 -6.50 -2.05 -1.63
CA LYS A 84 -6.51 -3.38 -2.25
C LYS A 84 -5.14 -4.03 -2.17
N ARG A 85 -5.09 -5.32 -2.50
CA ARG A 85 -3.83 -6.07 -2.46
C ARG A 85 -3.00 -5.80 -3.71
N ALA A 86 -1.85 -5.15 -3.52
CA ALA A 86 -0.96 -4.83 -4.63
C ALA A 86 -0.08 -6.02 -4.99
N GLU A 87 0.57 -5.95 -6.14
CA GLU A 87 1.45 -7.02 -6.60
C GLU A 87 2.88 -6.53 -6.75
N PRO A 88 3.85 -7.42 -6.49
CA PRO A 88 5.27 -7.10 -6.59
C PRO A 88 5.72 -6.91 -8.04
N ARG A 89 6.99 -6.55 -8.23
CA ARG A 89 7.54 -6.32 -9.56
C ARG A 89 7.83 -7.64 -10.26
N ASP A 90 8.17 -7.56 -11.53
CA ASP A 90 8.48 -8.76 -12.32
C ASP A 90 9.96 -9.09 -12.24
N SER A 91 10.28 -10.30 -11.77
CA SER A 91 11.67 -10.73 -11.65
C SER A 91 11.78 -12.23 -11.92
N LYS A 92 12.85 -12.62 -12.62
CA LYS A 92 13.08 -14.02 -12.95
C LYS A 92 13.10 -14.87 -11.68
N SER A 93 12.40 -16.00 -11.73
CA SER A 93 12.33 -16.90 -10.58
C SER A 93 13.74 -17.24 -10.07
N SER A 94 14.01 -16.87 -8.83
CA SER A 94 15.31 -17.12 -8.22
C SER A 94 15.23 -18.27 -7.21
N GLY A 95 16.33 -18.97 -7.02
CA GLY A 95 16.37 -20.07 -6.09
C GLY A 95 17.36 -19.86 -4.97
N PRO A 96 17.02 -20.36 -3.76
CA PRO A 96 17.87 -20.23 -2.58
C PRO A 96 19.15 -21.08 -2.69
N SER A 97 20.29 -20.43 -2.49
CA SER A 97 21.58 -21.12 -2.56
C SER A 97 22.32 -21.03 -1.23
N SER A 98 21.99 -21.91 -0.31
CA SER A 98 22.62 -21.93 1.00
C SER A 98 23.86 -22.82 1.00
N GLY A 99 24.98 -22.26 1.45
CA GLY A 99 26.23 -23.01 1.48
C GLY A 99 27.41 -22.14 1.87
N GLY A 1 1.30 -27.35 -5.37
CA GLY A 1 1.71 -26.51 -6.48
C GLY A 1 1.44 -25.04 -6.22
N SER A 2 2.13 -24.17 -6.96
CA SER A 2 1.96 -22.74 -6.81
C SER A 2 1.77 -22.05 -8.17
N SER A 3 0.53 -21.97 -8.61
CA SER A 3 0.22 -21.35 -9.89
C SER A 3 -0.77 -20.19 -9.71
N GLY A 4 -0.22 -18.98 -9.65
CA GLY A 4 -1.07 -17.80 -9.48
C GLY A 4 -0.26 -16.52 -9.33
N SER A 5 -0.49 -15.80 -8.24
CA SER A 5 0.22 -14.56 -7.98
C SER A 5 1.09 -14.67 -6.73
N SER A 6 1.76 -15.81 -6.59
CA SER A 6 2.63 -16.05 -5.44
C SER A 6 4.09 -15.87 -5.81
N GLY A 7 4.55 -14.61 -5.80
CA GLY A 7 5.93 -14.32 -6.14
C GLY A 7 6.67 -13.65 -5.01
N SER A 8 7.81 -13.03 -5.32
CA SER A 8 8.63 -12.36 -4.32
C SER A 8 7.74 -11.70 -3.26
N LYS A 9 7.84 -12.19 -2.03
CA LYS A 9 7.07 -11.65 -0.92
C LYS A 9 6.95 -10.13 -1.02
N SER A 10 5.75 -9.65 -1.29
CA SER A 10 5.52 -8.21 -1.42
C SER A 10 4.48 -7.74 -0.40
N ASN A 11 4.91 -6.88 0.52
CA ASN A 11 4.02 -6.36 1.55
C ASN A 11 3.54 -4.96 1.19
N LYS A 12 3.30 -4.74 -0.09
CA LYS A 12 2.83 -3.44 -0.56
C LYS A 12 1.32 -3.46 -0.84
N ILE A 13 0.66 -2.34 -0.58
CA ILE A 13 -0.77 -2.24 -0.81
C ILE A 13 -1.10 -1.04 -1.70
N PHE A 14 -2.23 -1.12 -2.40
CA PHE A 14 -2.66 -0.05 -3.29
C PHE A 14 -3.81 0.75 -2.66
N VAL A 15 -3.47 1.92 -2.13
CA VAL A 15 -4.46 2.79 -1.49
C VAL A 15 -4.97 3.84 -2.48
N GLY A 16 -6.28 3.80 -2.74
CA GLY A 16 -6.87 4.77 -3.65
C GLY A 16 -7.97 5.58 -3.00
N GLY A 17 -8.54 6.52 -3.76
CA GLY A 17 -9.59 7.35 -3.23
C GLY A 17 -9.16 8.14 -2.01
N ILE A 18 -7.87 8.44 -1.93
CA ILE A 18 -7.32 9.20 -0.81
C ILE A 18 -7.67 10.68 -0.92
N PRO A 19 -8.07 11.28 0.21
CA PRO A 19 -8.43 12.70 0.26
C PRO A 19 -7.23 13.61 0.08
N HIS A 20 -7.50 14.90 -0.14
CA HIS A 20 -6.44 15.88 -0.34
C HIS A 20 -5.81 16.27 1.00
N ASN A 21 -6.35 15.72 2.08
CA ASN A 21 -5.85 16.02 3.42
C ASN A 21 -4.97 14.87 3.92
N CYS A 22 -5.35 13.65 3.60
CA CYS A 22 -4.60 12.47 4.02
C CYS A 22 -3.25 12.42 3.31
N GLY A 23 -2.18 12.32 4.11
CA GLY A 23 -0.84 12.26 3.55
C GLY A 23 -0.02 11.11 4.11
N GLU A 24 1.29 11.15 3.89
CA GLU A 24 2.17 10.11 4.37
C GLU A 24 2.00 9.89 5.87
N THR A 25 2.33 10.92 6.66
CA THR A 25 2.20 10.83 8.11
C THR A 25 0.88 10.20 8.52
N GLU A 26 -0.22 10.76 8.01
CA GLU A 26 -1.55 10.24 8.32
C GLU A 26 -1.67 8.77 7.94
N LEU A 27 -1.54 8.49 6.64
CA LEU A 27 -1.64 7.12 6.15
C LEU A 27 -1.05 6.13 7.16
N ARG A 28 0.13 6.45 7.67
CA ARG A 28 0.80 5.60 8.65
C ARG A 28 0.06 5.63 9.98
N GLU A 29 -0.21 6.82 10.49
CA GLU A 29 -0.91 6.97 11.76
C GLU A 29 -2.19 6.13 11.78
N TYR A 30 -2.66 5.74 10.59
CA TYR A 30 -3.87 4.94 10.49
C TYR A 30 -3.53 3.51 10.05
N PHE A 31 -2.39 3.35 9.39
CA PHE A 31 -1.95 2.04 8.92
C PHE A 31 -0.94 1.43 9.90
N LYS A 32 -0.79 2.05 11.06
CA LYS A 32 0.14 1.57 12.07
C LYS A 32 -0.53 0.52 12.96
N LYS A 33 -1.85 0.60 13.07
CA LYS A 33 -2.61 -0.34 13.89
C LYS A 33 -2.59 -1.74 13.28
N PHE A 34 -2.70 -1.80 11.95
CA PHE A 34 -2.69 -3.08 11.24
C PHE A 34 -1.35 -3.78 11.40
N GLY A 35 -0.31 -3.00 11.63
CA GLY A 35 1.02 -3.56 11.80
C GLY A 35 2.09 -2.50 11.97
N VAL A 36 2.99 -2.41 10.99
CA VAL A 36 4.06 -1.42 11.05
C VAL A 36 4.44 -0.94 9.65
N VAL A 37 4.04 0.28 9.31
CA VAL A 37 4.34 0.85 8.01
C VAL A 37 5.81 1.18 7.88
N THR A 38 6.49 0.52 6.95
CA THR A 38 7.91 0.74 6.71
C THR A 38 8.13 1.77 5.61
N GLU A 39 7.27 1.75 4.61
CA GLU A 39 7.37 2.70 3.50
C GLU A 39 5.99 3.18 3.07
N VAL A 40 5.94 4.39 2.51
CA VAL A 40 4.69 4.97 2.05
C VAL A 40 4.84 5.59 0.66
N VAL A 41 4.45 4.85 -0.37
CA VAL A 41 4.55 5.32 -1.73
C VAL A 41 3.37 6.22 -2.09
N MET A 42 3.63 7.26 -2.88
CA MET A 42 2.58 8.20 -3.28
C MET A 42 2.84 8.70 -4.70
N ILE A 43 1.77 8.75 -5.49
CA ILE A 43 1.88 9.22 -6.88
C ILE A 43 1.32 10.63 -7.02
N TYR A 44 2.10 11.50 -7.66
CA TYR A 44 1.68 12.88 -7.87
C TYR A 44 2.64 13.60 -8.82
N ASP A 45 2.22 14.77 -9.30
CA ASP A 45 3.04 15.55 -10.21
C ASP A 45 3.92 16.54 -9.44
N ALA A 46 5.22 16.29 -9.42
CA ALA A 46 6.16 17.15 -8.72
C ALA A 46 5.73 18.61 -8.81
N GLU A 47 5.36 19.05 -10.02
CA GLU A 47 4.93 20.42 -10.23
C GLU A 47 4.16 20.95 -9.02
N LYS A 48 3.23 20.15 -8.54
CA LYS A 48 2.42 20.53 -7.38
C LYS A 48 2.95 19.89 -6.10
N GLN A 49 3.57 18.72 -6.26
CA GLN A 49 4.13 17.99 -5.11
C GLN A 49 3.04 17.66 -4.10
N ARG A 50 1.95 17.07 -4.59
CA ARG A 50 0.84 16.70 -3.73
C ARG A 50 0.11 15.47 -4.28
N PRO A 51 -0.26 14.55 -3.38
CA PRO A 51 -0.95 13.32 -3.75
C PRO A 51 -2.39 13.58 -4.22
N ARG A 52 -2.64 13.38 -5.50
CA ARG A 52 -3.95 13.59 -6.07
C ARG A 52 -5.03 12.88 -5.25
N GLY A 53 -4.83 11.58 -5.05
CA GLY A 53 -5.79 10.80 -4.28
C GLY A 53 -5.62 9.31 -4.49
N PHE A 54 -4.38 8.86 -4.54
CA PHE A 54 -4.09 7.44 -4.74
C PHE A 54 -2.59 7.17 -4.58
N GLY A 55 -2.26 5.91 -4.33
CA GLY A 55 -0.86 5.54 -4.16
C GLY A 55 -0.70 4.13 -3.61
N PHE A 56 0.44 3.89 -2.96
CA PHE A 56 0.72 2.57 -2.38
C PHE A 56 1.45 2.71 -1.04
N ILE A 57 1.44 1.64 -0.26
CA ILE A 57 2.10 1.65 1.03
C ILE A 57 2.68 0.27 1.36
N THR A 58 3.87 0.26 1.93
CA THR A 58 4.54 -0.98 2.29
C THR A 58 4.52 -1.20 3.80
N PHE A 59 4.29 -2.45 4.21
CA PHE A 59 4.24 -2.79 5.63
C PHE A 59 5.47 -3.61 6.04
N GLU A 60 5.54 -3.97 7.31
CA GLU A 60 6.66 -4.76 7.82
C GLU A 60 6.40 -6.25 7.64
N ASP A 61 5.15 -6.66 7.83
CA ASP A 61 4.77 -8.06 7.68
C ASP A 61 3.56 -8.20 6.77
N GLU A 62 3.69 -9.05 5.75
CA GLU A 62 2.61 -9.28 4.81
C GLU A 62 1.25 -9.22 5.51
N GLN A 63 1.17 -9.83 6.68
CA GLN A 63 -0.06 -9.84 7.45
C GLN A 63 -0.81 -8.52 7.31
N SER A 64 -0.18 -7.45 7.74
CA SER A 64 -0.79 -6.12 7.67
C SER A 64 -1.58 -5.95 6.37
N VAL A 65 -0.88 -6.09 5.24
CA VAL A 65 -1.51 -5.97 3.93
C VAL A 65 -2.91 -6.60 3.93
N ASP A 66 -2.96 -7.91 4.15
CA ASP A 66 -4.23 -8.63 4.18
C ASP A 66 -5.28 -7.86 4.96
N GLN A 67 -5.00 -7.63 6.25
CA GLN A 67 -5.92 -6.90 7.11
C GLN A 67 -6.56 -5.73 6.37
N ALA A 68 -5.71 -4.87 5.79
CA ALA A 68 -6.19 -3.71 5.05
C ALA A 68 -7.00 -4.13 3.84
N VAL A 69 -6.41 -4.96 2.99
CA VAL A 69 -7.08 -5.44 1.79
C VAL A 69 -8.48 -5.93 2.10
N ASN A 70 -8.57 -6.96 2.94
CA ASN A 70 -9.87 -7.52 3.33
C ASN A 70 -10.91 -6.43 3.49
N MET A 71 -10.70 -5.54 4.46
CA MET A 71 -11.63 -4.45 4.71
C MET A 71 -11.96 -3.70 3.42
N HIS A 72 -10.92 -3.41 2.64
CA HIS A 72 -11.09 -2.70 1.38
C HIS A 72 -11.72 -1.33 1.61
N PHE A 73 -11.48 -0.76 2.79
CA PHE A 73 -12.02 0.54 3.13
C PHE A 73 -11.43 1.04 4.45
N HIS A 74 -11.40 2.37 4.62
CA HIS A 74 -10.86 2.97 5.83
C HIS A 74 -11.39 4.40 6.00
N ASP A 75 -11.39 4.87 7.24
CA ASP A 75 -11.86 6.22 7.54
C ASP A 75 -10.72 7.11 8.01
N ILE A 76 -10.09 7.80 7.06
CA ILE A 76 -8.97 8.69 7.38
C ILE A 76 -9.36 10.15 7.17
N MET A 77 -9.01 10.99 8.15
CA MET A 77 -9.32 12.42 8.07
C MET A 77 -10.78 12.63 7.67
N GLY A 78 -11.66 11.77 8.16
CA GLY A 78 -13.07 11.88 7.85
C GLY A 78 -13.36 11.65 6.38
N LYS A 79 -12.77 10.60 5.83
CA LYS A 79 -12.97 10.27 4.41
C LYS A 79 -12.77 8.79 4.17
N LYS A 80 -13.52 8.23 3.22
CA LYS A 80 -13.42 6.83 2.88
C LYS A 80 -12.26 6.57 1.92
N VAL A 81 -11.25 5.85 2.40
CA VAL A 81 -10.08 5.53 1.58
C VAL A 81 -10.11 4.08 1.13
N GLU A 82 -9.97 3.87 -0.18
CA GLU A 82 -9.98 2.52 -0.74
C GLU A 82 -8.60 1.89 -0.65
N VAL A 83 -8.57 0.56 -0.54
CA VAL A 83 -7.31 -0.16 -0.45
C VAL A 83 -7.44 -1.57 -1.02
N LYS A 84 -6.49 -1.95 -1.87
CA LYS A 84 -6.50 -3.26 -2.50
C LYS A 84 -5.10 -3.88 -2.49
N ARG A 85 -5.04 -5.20 -2.41
CA ARG A 85 -3.77 -5.91 -2.40
C ARG A 85 -3.01 -5.69 -3.70
N ALA A 86 -1.78 -5.21 -3.59
CA ALA A 86 -0.94 -4.95 -4.75
C ALA A 86 -0.25 -6.22 -5.22
N GLU A 87 0.24 -6.21 -6.46
CA GLU A 87 0.92 -7.36 -7.03
C GLU A 87 2.43 -7.18 -6.99
N PRO A 88 3.17 -8.29 -7.10
CA PRO A 88 4.63 -8.28 -7.08
C PRO A 88 5.23 -7.63 -8.33
N ARG A 89 4.78 -8.08 -9.49
CA ARG A 89 5.27 -7.54 -10.76
C ARG A 89 6.74 -7.17 -10.66
N ASP A 90 7.51 -7.99 -9.96
CA ASP A 90 8.94 -7.75 -9.79
C ASP A 90 9.62 -7.50 -11.14
N SER A 91 10.63 -6.65 -11.13
CA SER A 91 11.36 -6.32 -12.35
C SER A 91 12.78 -5.87 -12.03
N LYS A 92 13.72 -6.23 -12.90
CA LYS A 92 15.12 -5.86 -12.71
C LYS A 92 15.96 -6.26 -13.92
N SER A 93 16.85 -5.37 -14.34
CA SER A 93 17.71 -5.62 -15.49
C SER A 93 19.16 -5.81 -15.05
N SER A 94 19.59 -7.06 -14.96
CA SER A 94 20.95 -7.38 -14.55
C SER A 94 21.39 -8.72 -15.10
N GLY A 95 22.57 -8.76 -15.70
CA GLY A 95 23.10 -9.99 -16.26
C GLY A 95 24.53 -10.25 -15.86
N PRO A 96 24.73 -10.75 -14.64
CA PRO A 96 26.07 -11.04 -14.12
C PRO A 96 26.71 -12.25 -14.81
N SER A 97 25.93 -12.92 -15.64
CA SER A 97 26.41 -14.09 -16.36
C SER A 97 26.57 -13.78 -17.85
N SER A 98 27.81 -13.89 -18.34
CA SER A 98 28.10 -13.62 -19.74
C SER A 98 28.89 -14.76 -20.36
N GLY A 99 28.18 -15.76 -20.88
CA GLY A 99 28.84 -16.90 -21.49
C GLY A 99 29.26 -17.94 -20.48
N GLY A 1 15.84 -5.90 -11.08
CA GLY A 1 16.35 -6.38 -9.81
C GLY A 1 16.45 -7.88 -9.75
N SER A 2 17.60 -8.38 -9.30
CA SER A 2 17.82 -9.82 -9.19
C SER A 2 17.47 -10.33 -7.80
N SER A 3 16.23 -10.78 -7.63
CA SER A 3 15.76 -11.28 -6.35
C SER A 3 15.76 -10.17 -5.30
N GLY A 4 15.30 -8.99 -5.69
CA GLY A 4 15.25 -7.87 -4.77
C GLY A 4 13.85 -7.35 -4.57
N SER A 5 13.70 -6.03 -4.61
CA SER A 5 12.40 -5.40 -4.42
C SER A 5 11.30 -6.20 -5.11
N SER A 6 11.58 -6.64 -6.33
CA SER A 6 10.62 -7.42 -7.11
C SER A 6 10.96 -8.91 -7.06
N GLY A 7 9.93 -9.74 -7.12
CA GLY A 7 10.13 -11.18 -7.09
C GLY A 7 9.58 -11.81 -5.83
N SER A 8 10.23 -11.56 -4.70
CA SER A 8 9.80 -12.12 -3.43
C SER A 8 8.52 -11.45 -2.95
N LYS A 9 7.77 -12.15 -2.10
CA LYS A 9 6.52 -11.63 -1.57
C LYS A 9 6.65 -10.14 -1.24
N SER A 10 5.75 -9.33 -1.80
CA SER A 10 5.77 -7.89 -1.58
C SER A 10 4.63 -7.48 -0.65
N ASN A 11 4.98 -6.88 0.48
CA ASN A 11 3.99 -6.43 1.45
C ASN A 11 3.49 -5.02 1.12
N LYS A 12 3.26 -4.77 -0.16
CA LYS A 12 2.80 -3.47 -0.61
C LYS A 12 1.28 -3.48 -0.85
N ILE A 13 0.65 -2.33 -0.67
CA ILE A 13 -0.79 -2.22 -0.87
C ILE A 13 -1.13 -1.01 -1.74
N PHE A 14 -2.28 -1.07 -2.41
CA PHE A 14 -2.72 0.01 -3.27
C PHE A 14 -3.82 0.83 -2.61
N VAL A 15 -3.45 2.00 -2.09
CA VAL A 15 -4.41 2.87 -1.42
C VAL A 15 -4.91 3.96 -2.37
N GLY A 16 -6.20 3.90 -2.72
CA GLY A 16 -6.78 4.88 -3.61
C GLY A 16 -7.92 5.64 -2.97
N GLY A 17 -8.43 6.64 -3.68
CA GLY A 17 -9.53 7.44 -3.15
C GLY A 17 -9.10 8.33 -1.99
N ILE A 18 -7.80 8.38 -1.74
CA ILE A 18 -7.27 9.19 -0.65
C ILE A 18 -7.72 10.64 -0.78
N PRO A 19 -8.10 11.25 0.35
CA PRO A 19 -8.56 12.64 0.39
C PRO A 19 -7.42 13.63 0.13
N HIS A 20 -7.79 14.87 -0.18
CA HIS A 20 -6.81 15.92 -0.46
C HIS A 20 -6.05 16.29 0.81
N ASN A 21 -6.48 15.73 1.94
CA ASN A 21 -5.84 16.02 3.22
C ASN A 21 -4.90 14.89 3.61
N CYS A 22 -5.45 13.70 3.84
CA CYS A 22 -4.65 12.55 4.22
C CYS A 22 -3.29 12.56 3.53
N GLY A 23 -2.23 12.45 4.32
CA GLY A 23 -0.89 12.47 3.77
C GLY A 23 -0.06 11.30 4.26
N GLU A 24 1.26 11.40 4.07
CA GLU A 24 2.17 10.35 4.49
C GLU A 24 1.98 10.01 5.97
N THR A 25 2.31 10.97 6.83
CA THR A 25 2.18 10.79 8.27
C THR A 25 0.86 10.09 8.62
N GLU A 26 -0.24 10.73 8.26
CA GLU A 26 -1.56 10.17 8.54
C GLU A 26 -1.64 8.72 8.08
N LEU A 27 -1.51 8.51 6.77
CA LEU A 27 -1.56 7.17 6.20
C LEU A 27 -0.89 6.15 7.13
N ARG A 28 0.36 6.41 7.47
CA ARG A 28 1.11 5.53 8.34
C ARG A 28 0.38 5.32 9.67
N GLU A 29 0.09 6.41 10.35
CA GLU A 29 -0.62 6.35 11.63
C GLU A 29 -1.87 5.47 11.52
N TYR A 30 -2.63 5.67 10.44
CA TYR A 30 -3.84 4.91 10.23
C TYR A 30 -3.53 3.47 9.81
N PHE A 31 -2.33 3.28 9.27
CA PHE A 31 -1.90 1.96 8.82
C PHE A 31 -0.89 1.36 9.80
N LYS A 32 -0.81 1.93 10.99
CA LYS A 32 0.12 1.46 12.01
C LYS A 32 -0.55 0.40 12.89
N LYS A 33 -1.83 0.59 13.17
CA LYS A 33 -2.58 -0.35 14.01
C LYS A 33 -2.61 -1.74 13.37
N PHE A 34 -2.73 -1.77 12.05
CA PHE A 34 -2.77 -3.02 11.30
C PHE A 34 -1.43 -3.74 11.38
N GLY A 35 -0.35 -2.97 11.50
CA GLY A 35 0.97 -3.55 11.59
C GLY A 35 2.06 -2.51 11.76
N VAL A 36 2.95 -2.40 10.78
CA VAL A 36 4.04 -1.43 10.85
C VAL A 36 4.42 -0.94 9.45
N VAL A 37 4.04 0.30 9.14
CA VAL A 37 4.35 0.88 7.84
C VAL A 37 5.84 1.15 7.70
N THR A 38 6.45 0.52 6.71
CA THR A 38 7.87 0.68 6.46
C THR A 38 8.13 1.66 5.31
N GLU A 39 7.27 1.60 4.29
CA GLU A 39 7.39 2.49 3.14
C GLU A 39 6.04 3.09 2.77
N VAL A 40 6.05 4.36 2.38
CA VAL A 40 4.83 5.06 1.99
C VAL A 40 4.98 5.71 0.63
N VAL A 41 4.57 5.00 -0.41
CA VAL A 41 4.65 5.51 -1.78
C VAL A 41 3.39 6.28 -2.16
N MET A 42 3.57 7.44 -2.76
CA MET A 42 2.45 8.27 -3.17
C MET A 42 2.67 8.82 -4.58
N ILE A 43 1.63 8.72 -5.42
CA ILE A 43 1.72 9.21 -6.79
C ILE A 43 1.24 10.66 -6.89
N TYR A 44 1.99 11.48 -7.59
CA TYR A 44 1.64 12.88 -7.77
C TYR A 44 2.57 13.56 -8.78
N ASP A 45 2.17 14.75 -9.23
CA ASP A 45 2.97 15.50 -10.19
C ASP A 45 4.05 16.31 -9.48
N ALA A 46 5.31 15.95 -9.69
CA ALA A 46 6.42 16.64 -9.07
C ALA A 46 6.12 18.13 -8.92
N GLU A 47 5.87 18.80 -10.04
CA GLU A 47 5.57 20.22 -10.03
C GLU A 47 4.65 20.58 -8.87
N LYS A 48 3.60 19.78 -8.68
CA LYS A 48 2.65 20.01 -7.61
C LYS A 48 3.23 19.58 -6.27
N GLN A 49 3.93 18.44 -6.25
CA GLN A 49 4.55 17.93 -5.04
C GLN A 49 3.49 17.66 -3.97
N ARG A 50 2.42 16.97 -4.37
CA ARG A 50 1.33 16.64 -3.45
C ARG A 50 0.50 15.48 -4.00
N PRO A 51 0.12 14.56 -3.10
CA PRO A 51 -0.69 13.38 -3.45
C PRO A 51 -2.11 13.76 -3.82
N ARG A 52 -2.49 13.50 -5.08
CA ARG A 52 -3.82 13.81 -5.55
C ARG A 52 -4.88 13.08 -4.72
N GLY A 53 -4.75 11.76 -4.64
CA GLY A 53 -5.69 10.96 -3.89
C GLY A 53 -5.55 9.47 -4.15
N PHE A 54 -4.30 9.02 -4.26
CA PHE A 54 -4.02 7.61 -4.52
C PHE A 54 -2.53 7.32 -4.36
N GLY A 55 -2.20 6.04 -4.18
CA GLY A 55 -0.81 5.65 -4.04
C GLY A 55 -0.65 4.23 -3.51
N PHE A 56 0.50 3.94 -2.93
CA PHE A 56 0.76 2.61 -2.39
C PHE A 56 1.49 2.70 -1.05
N ILE A 57 1.45 1.62 -0.29
CA ILE A 57 2.11 1.58 1.01
C ILE A 57 2.63 0.18 1.33
N THR A 58 3.83 0.11 1.90
CA THR A 58 4.43 -1.17 2.26
C THR A 58 4.45 -1.37 3.76
N PHE A 59 4.17 -2.61 4.19
CA PHE A 59 4.16 -2.93 5.61
C PHE A 59 5.36 -3.80 5.98
N GLU A 60 5.57 -3.98 7.28
CA GLU A 60 6.69 -4.78 7.77
C GLU A 60 6.40 -6.28 7.59
N ASP A 61 5.14 -6.64 7.75
CA ASP A 61 4.73 -8.04 7.61
C ASP A 61 3.54 -8.16 6.66
N GLU A 62 3.54 -9.21 5.85
CA GLU A 62 2.46 -9.45 4.90
C GLU A 62 1.10 -9.41 5.59
N GLN A 63 1.02 -10.08 6.74
CA GLN A 63 -0.23 -10.12 7.50
C GLN A 63 -0.91 -8.76 7.51
N SER A 64 -0.13 -7.72 7.73
CA SER A 64 -0.67 -6.36 7.76
C SER A 64 -1.45 -6.05 6.49
N VAL A 65 -0.90 -6.48 5.36
CA VAL A 65 -1.54 -6.25 4.06
C VAL A 65 -2.95 -6.86 4.03
N ASP A 66 -3.01 -8.18 4.25
CA ASP A 66 -4.28 -8.89 4.25
C ASP A 66 -5.30 -8.19 5.14
N GLN A 67 -4.84 -7.75 6.31
CA GLN A 67 -5.72 -7.07 7.27
C GLN A 67 -6.39 -5.86 6.61
N ALA A 68 -5.58 -4.96 6.06
CA ALA A 68 -6.09 -3.77 5.41
C ALA A 68 -6.92 -4.13 4.18
N VAL A 69 -6.32 -4.87 3.25
CA VAL A 69 -7.01 -5.27 2.04
C VAL A 69 -8.38 -5.85 2.35
N ASN A 70 -8.43 -6.71 3.37
CA ASN A 70 -9.69 -7.34 3.77
C ASN A 70 -10.79 -6.30 3.95
N MET A 71 -10.49 -5.26 4.73
CA MET A 71 -11.46 -4.19 4.97
C MET A 71 -11.82 -3.48 3.67
N HIS A 72 -10.83 -3.32 2.79
CA HIS A 72 -11.04 -2.65 1.51
C HIS A 72 -11.75 -1.31 1.72
N PHE A 73 -11.59 -0.74 2.90
CA PHE A 73 -12.22 0.54 3.22
C PHE A 73 -11.69 1.08 4.54
N HIS A 74 -11.59 2.41 4.64
CA HIS A 74 -11.10 3.05 5.84
C HIS A 74 -11.61 4.49 5.93
N ASP A 75 -11.53 5.07 7.13
CA ASP A 75 -11.99 6.44 7.34
C ASP A 75 -10.84 7.31 7.83
N ILE A 76 -10.18 8.00 6.90
CA ILE A 76 -9.06 8.87 7.24
C ILE A 76 -9.41 10.33 6.96
N MET A 77 -9.36 11.15 8.00
CA MET A 77 -9.66 12.58 7.86
C MET A 77 -11.08 12.78 7.36
N GLY A 78 -11.98 11.91 7.77
CA GLY A 78 -13.37 12.00 7.36
C GLY A 78 -13.56 11.71 5.87
N LYS A 79 -12.94 10.63 5.41
CA LYS A 79 -13.04 10.24 4.00
C LYS A 79 -12.85 8.73 3.85
N LYS A 80 -13.51 8.17 2.84
CA LYS A 80 -13.41 6.74 2.57
C LYS A 80 -12.23 6.43 1.68
N VAL A 81 -11.19 5.82 2.25
CA VAL A 81 -10.00 5.47 1.50
C VAL A 81 -10.02 4.00 1.08
N GLU A 82 -9.95 3.77 -0.23
CA GLU A 82 -9.97 2.41 -0.78
C GLU A 82 -8.57 1.79 -0.72
N VAL A 83 -8.53 0.47 -0.53
CA VAL A 83 -7.26 -0.24 -0.46
C VAL A 83 -7.38 -1.61 -1.12
N LYS A 84 -6.41 -1.94 -1.96
CA LYS A 84 -6.39 -3.22 -2.65
C LYS A 84 -4.99 -3.82 -2.66
N ARG A 85 -4.91 -5.12 -2.40
CA ARG A 85 -3.62 -5.81 -2.37
C ARG A 85 -2.84 -5.55 -3.66
N ALA A 86 -1.63 -5.03 -3.52
CA ALA A 86 -0.78 -4.74 -4.67
C ALA A 86 -0.05 -5.99 -5.15
N GLU A 87 -0.53 -7.15 -4.72
CA GLU A 87 0.07 -8.42 -5.10
C GLU A 87 -0.89 -9.24 -5.96
N PRO A 88 -0.33 -9.97 -6.94
CA PRO A 88 -1.11 -10.82 -7.84
C PRO A 88 -1.69 -12.03 -7.14
N ARG A 89 -3.00 -12.23 -7.28
CA ARG A 89 -3.68 -13.36 -6.66
C ARG A 89 -4.27 -14.28 -7.72
N ASP A 90 -3.49 -15.27 -8.14
CA ASP A 90 -3.95 -16.23 -9.14
C ASP A 90 -3.50 -17.64 -8.80
N SER A 91 -4.14 -18.63 -9.40
CA SER A 91 -3.81 -20.03 -9.14
C SER A 91 -2.29 -20.24 -9.18
N LYS A 92 -1.86 -21.41 -8.73
CA LYS A 92 -0.44 -21.74 -8.71
C LYS A 92 -0.07 -22.64 -9.89
N SER A 93 0.93 -22.22 -10.66
CA SER A 93 1.39 -22.98 -11.82
C SER A 93 2.87 -22.75 -12.08
N SER A 94 3.61 -23.83 -12.25
CA SER A 94 5.04 -23.75 -12.51
C SER A 94 5.32 -23.21 -13.91
N GLY A 95 4.96 -23.99 -14.92
CA GLY A 95 5.16 -23.59 -16.29
C GLY A 95 5.70 -24.70 -17.16
N PRO A 96 4.81 -25.59 -17.62
CA PRO A 96 5.17 -26.73 -18.47
C PRO A 96 5.60 -26.29 -19.86
N SER A 97 5.73 -27.26 -20.76
CA SER A 97 6.14 -26.98 -22.13
C SER A 97 4.94 -27.03 -23.08
N SER A 98 3.77 -27.35 -22.53
CA SER A 98 2.55 -27.44 -23.33
C SER A 98 1.72 -26.18 -23.18
N GLY A 99 1.15 -25.99 -21.98
CA GLY A 99 0.33 -24.81 -21.74
C GLY A 99 -0.63 -25.01 -20.58
N GLY A 1 3.66 -20.69 -17.40
CA GLY A 1 4.23 -19.98 -16.27
C GLY A 1 5.16 -18.85 -16.70
N SER A 2 4.63 -17.64 -16.75
CA SER A 2 5.42 -16.48 -17.15
C SER A 2 6.23 -15.93 -15.98
N SER A 3 7.38 -15.35 -16.29
CA SER A 3 8.26 -14.80 -15.25
C SER A 3 7.52 -13.74 -14.43
N GLY A 4 8.02 -13.47 -13.24
CA GLY A 4 7.40 -12.49 -12.37
C GLY A 4 7.39 -12.92 -10.92
N SER A 5 6.44 -12.38 -10.16
CA SER A 5 6.32 -12.72 -8.75
C SER A 5 5.23 -13.78 -8.53
N SER A 6 5.56 -14.79 -7.72
CA SER A 6 4.62 -15.87 -7.44
C SER A 6 3.75 -15.53 -6.23
N GLY A 7 4.40 -15.21 -5.11
CA GLY A 7 3.67 -14.86 -3.91
C GLY A 7 4.57 -14.66 -2.72
N SER A 8 4.05 -14.01 -1.68
CA SER A 8 4.83 -13.75 -0.47
C SER A 8 6.23 -13.23 -0.82
N LYS A 9 6.28 -12.36 -1.82
CA LYS A 9 7.55 -11.78 -2.25
C LYS A 9 7.76 -10.40 -1.62
N SER A 10 6.67 -9.66 -1.46
CA SER A 10 6.74 -8.32 -0.88
C SER A 10 5.45 -7.98 -0.13
N ASN A 11 5.47 -6.88 0.61
CA ASN A 11 4.31 -6.44 1.36
C ASN A 11 3.92 -5.01 1.00
N LYS A 12 3.20 -4.86 -0.10
CA LYS A 12 2.77 -3.54 -0.57
C LYS A 12 1.27 -3.53 -0.82
N ILE A 13 0.62 -2.42 -0.46
CA ILE A 13 -0.81 -2.28 -0.66
C ILE A 13 -1.13 -1.07 -1.54
N PHE A 14 -2.24 -1.15 -2.26
CA PHE A 14 -2.66 -0.07 -3.15
C PHE A 14 -3.76 0.76 -2.50
N VAL A 15 -3.41 1.95 -2.04
CA VAL A 15 -4.37 2.85 -1.40
C VAL A 15 -4.88 3.90 -2.38
N GLY A 16 -6.19 3.92 -2.58
CA GLY A 16 -6.79 4.88 -3.50
C GLY A 16 -7.90 5.67 -2.86
N GLY A 17 -8.44 6.64 -3.60
CA GLY A 17 -9.52 7.46 -3.08
C GLY A 17 -9.09 8.30 -1.88
N ILE A 18 -7.79 8.47 -1.73
CA ILE A 18 -7.25 9.25 -0.62
C ILE A 18 -7.65 10.71 -0.73
N PRO A 19 -8.05 11.31 0.39
CA PRO A 19 -8.46 12.72 0.45
C PRO A 19 -7.29 13.67 0.24
N HIS A 20 -7.59 14.92 -0.10
CA HIS A 20 -6.56 15.93 -0.31
C HIS A 20 -5.98 16.40 1.01
N ASN A 21 -6.46 15.83 2.10
CA ASN A 21 -5.99 16.20 3.43
C ASN A 21 -5.11 15.11 4.02
N CYS A 22 -5.28 13.89 3.53
CA CYS A 22 -4.51 12.74 4.01
C CYS A 22 -3.13 12.72 3.35
N GLY A 23 -2.09 12.62 4.18
CA GLY A 23 -0.73 12.58 3.67
C GLY A 23 0.07 11.44 4.25
N GLU A 24 1.32 11.30 3.78
CA GLU A 24 2.19 10.24 4.26
C GLU A 24 1.98 9.99 5.75
N THR A 25 2.22 11.02 6.56
CA THR A 25 2.06 10.91 8.00
C THR A 25 0.73 10.24 8.36
N GLU A 26 -0.37 10.84 7.94
CA GLU A 26 -1.69 10.31 8.21
C GLU A 26 -1.76 8.83 7.83
N LEU A 27 -1.56 8.54 6.55
CA LEU A 27 -1.61 7.16 6.05
C LEU A 27 -1.03 6.20 7.08
N ARG A 28 0.20 6.45 7.50
CA ARG A 28 0.86 5.61 8.48
C ARG A 28 0.10 5.61 9.80
N GLU A 29 -0.11 6.81 10.35
CA GLU A 29 -0.83 6.95 11.61
C GLU A 29 -2.07 6.06 11.65
N TYR A 30 -2.63 5.81 10.47
CA TYR A 30 -3.83 4.97 10.37
C TYR A 30 -3.46 3.55 9.97
N PHE A 31 -2.34 3.41 9.26
CA PHE A 31 -1.88 2.11 8.81
C PHE A 31 -0.86 1.53 9.78
N LYS A 32 -0.77 2.13 10.96
CA LYS A 32 0.16 1.67 11.99
C LYS A 32 -0.52 0.69 12.95
N LYS A 33 -1.84 0.59 12.84
CA LYS A 33 -2.60 -0.32 13.69
C LYS A 33 -2.61 -1.73 13.12
N PHE A 34 -2.66 -1.84 11.80
CA PHE A 34 -2.66 -3.14 11.14
C PHE A 34 -1.36 -3.87 11.38
N GLY A 35 -0.26 -3.12 11.44
CA GLY A 35 1.04 -3.72 11.66
C GLY A 35 2.14 -2.68 11.88
N VAL A 36 2.93 -2.45 10.84
CA VAL A 36 4.01 -1.48 10.92
C VAL A 36 4.41 -0.98 9.53
N VAL A 37 4.03 0.25 9.21
CA VAL A 37 4.35 0.84 7.92
C VAL A 37 5.85 1.05 7.78
N THR A 38 6.44 0.40 6.78
CA THR A 38 7.87 0.53 6.53
C THR A 38 8.16 1.52 5.41
N GLU A 39 7.29 1.53 4.39
CA GLU A 39 7.44 2.44 3.27
C GLU A 39 6.12 3.08 2.89
N VAL A 40 6.18 4.31 2.39
CA VAL A 40 4.97 5.04 1.99
C VAL A 40 5.13 5.65 0.61
N VAL A 41 4.67 4.92 -0.40
CA VAL A 41 4.76 5.40 -1.78
C VAL A 41 3.52 6.19 -2.17
N MET A 42 3.73 7.30 -2.88
CA MET A 42 2.62 8.15 -3.31
C MET A 42 2.83 8.61 -4.76
N ILE A 43 1.76 8.56 -5.54
CA ILE A 43 1.82 8.96 -6.94
C ILE A 43 1.32 10.39 -7.12
N TYR A 44 2.05 11.17 -7.91
CA TYR A 44 1.69 12.55 -8.16
C TYR A 44 2.60 13.17 -9.22
N ASP A 45 2.18 14.32 -9.76
CA ASP A 45 2.96 15.00 -10.78
C ASP A 45 4.05 15.88 -10.13
N ALA A 46 5.29 15.49 -10.35
CA ALA A 46 6.43 16.23 -9.79
C ALA A 46 6.13 17.73 -9.73
N GLU A 47 5.92 18.33 -10.89
CA GLU A 47 5.61 19.76 -10.98
C GLU A 47 4.70 20.19 -9.84
N LYS A 48 3.68 19.37 -9.56
CA LYS A 48 2.74 19.66 -8.49
C LYS A 48 3.31 19.29 -7.13
N GLN A 49 4.06 18.19 -7.09
CA GLN A 49 4.67 17.73 -5.85
C GLN A 49 3.62 17.56 -4.75
N ARG A 50 2.58 16.80 -5.06
CA ARG A 50 1.51 16.56 -4.11
C ARG A 50 0.64 15.39 -4.54
N PRO A 51 0.27 14.52 -3.58
CA PRO A 51 -0.56 13.34 -3.85
C PRO A 51 -1.99 13.71 -4.20
N ARG A 52 -2.40 13.38 -5.42
CA ARG A 52 -3.76 13.67 -5.89
C ARG A 52 -4.79 13.01 -4.99
N GLY A 53 -4.66 11.69 -4.83
CA GLY A 53 -5.61 10.96 -4.01
C GLY A 53 -5.47 9.46 -4.18
N PHE A 54 -4.23 8.98 -4.29
CA PHE A 54 -3.96 7.56 -4.46
C PHE A 54 -2.48 7.25 -4.30
N GLY A 55 -2.16 5.98 -4.13
CA GLY A 55 -0.77 5.58 -3.96
C GLY A 55 -0.63 4.19 -3.39
N PHE A 56 0.56 3.87 -2.89
CA PHE A 56 0.82 2.56 -2.32
C PHE A 56 1.54 2.69 -0.98
N ILE A 57 1.50 1.61 -0.19
CA ILE A 57 2.16 1.61 1.12
C ILE A 57 2.65 0.22 1.48
N THR A 58 3.86 0.14 2.03
CA THR A 58 4.45 -1.13 2.42
C THR A 58 4.43 -1.30 3.93
N PHE A 59 4.20 -2.53 4.39
CA PHE A 59 4.16 -2.83 5.81
C PHE A 59 5.35 -3.69 6.22
N GLU A 60 5.46 -3.96 7.52
CA GLU A 60 6.55 -4.76 8.05
C GLU A 60 6.30 -6.25 7.79
N ASP A 61 5.08 -6.69 8.05
CA ASP A 61 4.71 -8.09 7.84
C ASP A 61 3.55 -8.21 6.86
N GLU A 62 3.72 -9.04 5.85
CA GLU A 62 2.68 -9.25 4.85
C GLU A 62 1.31 -9.33 5.50
N GLN A 63 1.28 -9.70 6.77
CA GLN A 63 0.03 -9.82 7.50
C GLN A 63 -0.84 -8.59 7.30
N SER A 64 -0.27 -7.42 7.57
CA SER A 64 -1.00 -6.16 7.43
C SER A 64 -1.69 -6.09 6.07
N VAL A 65 -0.91 -6.25 5.00
CA VAL A 65 -1.45 -6.20 3.65
C VAL A 65 -2.82 -6.87 3.59
N ASP A 66 -2.89 -8.11 4.02
CA ASP A 66 -4.14 -8.86 4.01
C ASP A 66 -5.18 -8.19 4.90
N GLN A 67 -4.77 -7.81 6.11
CA GLN A 67 -5.65 -7.16 7.07
C GLN A 67 -6.35 -5.97 6.42
N ALA A 68 -5.57 -5.08 5.83
CA ALA A 68 -6.12 -3.89 5.18
C ALA A 68 -7.00 -4.27 4.00
N VAL A 69 -6.44 -5.02 3.06
CA VAL A 69 -7.17 -5.46 1.88
C VAL A 69 -8.57 -5.96 2.25
N ASN A 70 -8.61 -6.94 3.15
CA ASN A 70 -9.88 -7.50 3.59
C ASN A 70 -10.94 -6.42 3.72
N MET A 71 -10.76 -5.53 4.70
CA MET A 71 -11.71 -4.45 4.92
C MET A 71 -12.04 -3.73 3.62
N HIS A 72 -11.01 -3.42 2.84
CA HIS A 72 -11.20 -2.74 1.56
C HIS A 72 -11.82 -1.36 1.77
N PHE A 73 -11.58 -0.78 2.94
CA PHE A 73 -12.12 0.54 3.26
C PHE A 73 -11.54 1.06 4.57
N HIS A 74 -11.45 2.37 4.70
CA HIS A 74 -10.90 3.01 5.89
C HIS A 74 -11.41 4.43 6.04
N ASP A 75 -11.50 4.90 7.28
CA ASP A 75 -11.97 6.25 7.55
C ASP A 75 -10.82 7.15 8.00
N ILE A 76 -10.29 7.93 7.07
CA ILE A 76 -9.19 8.83 7.38
C ILE A 76 -9.57 10.28 7.11
N MET A 77 -9.47 11.12 8.14
CA MET A 77 -9.81 12.53 8.01
C MET A 77 -11.21 12.71 7.46
N GLY A 78 -12.15 11.89 7.95
CA GLY A 78 -13.53 11.97 7.49
C GLY A 78 -13.66 11.66 6.02
N LYS A 79 -12.96 10.63 5.56
CA LYS A 79 -13.01 10.23 4.16
C LYS A 79 -12.80 8.72 4.01
N LYS A 80 -13.43 8.14 3.00
CA LYS A 80 -13.31 6.71 2.74
C LYS A 80 -12.11 6.41 1.86
N VAL A 81 -11.07 5.84 2.46
CA VAL A 81 -9.86 5.49 1.71
C VAL A 81 -9.88 4.04 1.27
N GLU A 82 -9.97 3.83 -0.05
CA GLU A 82 -10.01 2.48 -0.60
C GLU A 82 -8.62 1.84 -0.56
N VAL A 83 -8.58 0.53 -0.43
CA VAL A 83 -7.33 -0.21 -0.38
C VAL A 83 -7.46 -1.59 -1.01
N LYS A 84 -6.48 -1.96 -1.82
CA LYS A 84 -6.50 -3.26 -2.50
C LYS A 84 -5.11 -3.88 -2.50
N ARG A 85 -5.05 -5.21 -2.52
CA ARG A 85 -3.78 -5.92 -2.53
C ARG A 85 -3.01 -5.65 -3.83
N ALA A 86 -1.77 -5.18 -3.69
CA ALA A 86 -0.94 -4.89 -4.85
C ALA A 86 -0.30 -6.15 -5.40
N GLU A 87 -0.73 -7.30 -4.90
CA GLU A 87 -0.21 -8.58 -5.35
C GLU A 87 -1.00 -9.12 -6.53
N PRO A 88 -0.31 -9.89 -7.40
CA PRO A 88 -0.94 -10.48 -8.59
C PRO A 88 -1.93 -11.58 -8.24
N ARG A 89 -2.82 -11.89 -9.17
CA ARG A 89 -3.83 -12.93 -8.96
C ARG A 89 -3.16 -14.25 -8.60
N ASP A 90 -3.89 -15.10 -7.89
CA ASP A 90 -3.37 -16.40 -7.49
C ASP A 90 -3.25 -17.33 -8.69
N SER A 91 -2.26 -18.21 -8.65
CA SER A 91 -2.02 -19.16 -9.74
C SER A 91 -1.77 -20.56 -9.20
N LYS A 92 -2.23 -21.57 -9.95
CA LYS A 92 -2.06 -22.96 -9.54
C LYS A 92 -0.66 -23.19 -8.96
N SER A 93 -0.55 -24.18 -8.09
CA SER A 93 0.73 -24.50 -7.46
C SER A 93 0.73 -25.92 -6.92
N SER A 94 1.91 -26.44 -6.62
CA SER A 94 2.04 -27.80 -6.10
C SER A 94 2.31 -27.77 -4.60
N GLY A 95 1.30 -28.15 -3.82
CA GLY A 95 1.44 -28.17 -2.37
C GLY A 95 1.29 -26.80 -1.77
N PRO A 96 1.62 -26.69 -0.47
CA PRO A 96 1.52 -25.42 0.26
C PRO A 96 2.57 -24.41 -0.20
N SER A 97 3.82 -24.86 -0.31
CA SER A 97 4.91 -23.99 -0.74
C SER A 97 5.40 -24.38 -2.14
N SER A 98 6.25 -23.53 -2.71
CA SER A 98 6.79 -23.79 -4.05
C SER A 98 8.20 -23.24 -4.16
N GLY A 99 8.83 -23.46 -5.32
CA GLY A 99 10.18 -22.99 -5.54
C GLY A 99 11.21 -24.09 -5.38
N GLY A 1 -10.41 -17.58 -10.56
CA GLY A 1 -9.52 -16.64 -9.87
C GLY A 1 -8.55 -17.34 -8.95
N SER A 2 -7.29 -16.93 -9.01
CA SER A 2 -6.25 -17.53 -8.18
C SER A 2 -5.00 -16.65 -8.16
N SER A 3 -4.46 -16.42 -6.96
CA SER A 3 -3.27 -15.59 -6.81
C SER A 3 -2.02 -16.37 -7.17
N GLY A 4 -1.40 -16.02 -8.30
CA GLY A 4 -0.20 -16.71 -8.73
C GLY A 4 1.06 -15.98 -8.31
N SER A 5 1.55 -16.30 -7.11
CA SER A 5 2.76 -15.67 -6.59
C SER A 5 3.82 -15.54 -7.68
N SER A 6 4.33 -14.32 -7.86
CA SER A 6 5.34 -14.05 -8.87
C SER A 6 6.62 -13.53 -8.22
N GLY A 7 6.50 -12.45 -7.47
CA GLY A 7 7.66 -11.88 -6.81
C GLY A 7 8.21 -12.76 -5.71
N SER A 8 9.20 -12.26 -4.98
CA SER A 8 9.81 -13.02 -3.89
C SER A 8 9.17 -12.65 -2.55
N LYS A 9 9.15 -11.36 -2.26
CA LYS A 9 8.57 -10.87 -1.00
C LYS A 9 8.25 -9.38 -1.09
N SER A 10 6.99 -9.04 -0.92
CA SER A 10 6.54 -7.66 -0.99
C SER A 10 5.26 -7.45 -0.19
N ASN A 11 5.24 -6.42 0.64
CA ASN A 11 4.08 -6.11 1.46
C ASN A 11 3.48 -4.77 1.08
N LYS A 12 3.46 -4.48 -0.22
CA LYS A 12 2.92 -3.21 -0.71
C LYS A 12 1.42 -3.33 -0.98
N ILE A 13 0.70 -2.23 -0.76
CA ILE A 13 -0.74 -2.21 -0.97
C ILE A 13 -1.15 -0.99 -1.78
N PHE A 14 -2.19 -1.15 -2.59
CA PHE A 14 -2.69 -0.06 -3.42
C PHE A 14 -3.77 0.74 -2.68
N VAL A 15 -3.44 1.98 -2.33
CA VAL A 15 -4.38 2.85 -1.63
C VAL A 15 -4.89 3.96 -2.53
N GLY A 16 -6.20 3.93 -2.81
CA GLY A 16 -6.79 4.93 -3.66
C GLY A 16 -7.87 5.73 -2.96
N GLY A 17 -8.56 6.58 -3.70
CA GLY A 17 -9.62 7.40 -3.12
C GLY A 17 -9.13 8.21 -1.93
N ILE A 18 -7.83 8.47 -1.90
CA ILE A 18 -7.24 9.25 -0.81
C ILE A 18 -7.67 10.71 -0.88
N PRO A 19 -7.99 11.28 0.30
CA PRO A 19 -8.42 12.68 0.40
C PRO A 19 -7.29 13.66 0.10
N HIS A 20 -7.64 14.94 -0.02
CA HIS A 20 -6.65 15.97 -0.29
C HIS A 20 -6.04 16.50 0.99
N ASN A 21 -6.06 15.67 2.04
CA ASN A 21 -5.50 16.05 3.34
C ASN A 21 -4.64 14.93 3.91
N CYS A 22 -5.03 13.69 3.63
CA CYS A 22 -4.30 12.53 4.11
C CYS A 22 -2.92 12.45 3.45
N GLY A 23 -1.88 12.54 4.28
CA GLY A 23 -0.52 12.47 3.75
C GLY A 23 0.25 11.29 4.31
N GLU A 24 1.53 11.21 3.96
CA GLU A 24 2.38 10.12 4.41
C GLU A 24 2.15 9.84 5.90
N THR A 25 2.31 10.87 6.72
CA THR A 25 2.11 10.74 8.16
C THR A 25 0.76 10.09 8.47
N GLU A 26 -0.31 10.71 8.00
CA GLU A 26 -1.66 10.18 8.23
C GLU A 26 -1.75 8.71 7.83
N LEU A 27 -1.34 8.41 6.60
CA LEU A 27 -1.38 7.04 6.09
C LEU A 27 -0.84 6.07 7.13
N ARG A 28 0.31 6.39 7.72
CA ARG A 28 0.92 5.54 8.73
C ARG A 28 0.12 5.56 10.02
N GLU A 29 -0.12 6.76 10.54
CA GLU A 29 -0.88 6.92 11.78
C GLU A 29 -2.14 6.05 11.75
N TYR A 30 -2.61 5.73 10.55
CA TYR A 30 -3.80 4.91 10.39
C TYR A 30 -3.44 3.48 10.00
N PHE A 31 -2.38 3.34 9.21
CA PHE A 31 -1.93 2.03 8.76
C PHE A 31 -0.90 1.45 9.74
N LYS A 32 -0.85 2.02 10.93
CA LYS A 32 0.08 1.55 11.96
C LYS A 32 -0.60 0.56 12.90
N LYS A 33 -1.92 0.64 12.99
CA LYS A 33 -2.69 -0.25 13.84
C LYS A 33 -2.70 -1.68 13.28
N PHE A 34 -2.73 -1.77 11.96
CA PHE A 34 -2.74 -3.08 11.30
C PHE A 34 -1.41 -3.80 11.49
N GLY A 35 -0.33 -3.02 11.56
CA GLY A 35 0.99 -3.61 11.75
C GLY A 35 2.07 -2.56 11.88
N VAL A 36 2.94 -2.48 10.87
CA VAL A 36 4.03 -1.51 10.89
C VAL A 36 4.34 -1.02 9.47
N VAL A 37 4.02 0.24 9.21
CA VAL A 37 4.27 0.84 7.90
C VAL A 37 5.75 1.10 7.69
N THR A 38 6.37 0.28 6.86
CA THR A 38 7.80 0.42 6.57
C THR A 38 8.04 1.53 5.55
N GLU A 39 7.17 1.61 4.55
CA GLU A 39 7.30 2.64 3.51
C GLU A 39 5.92 3.11 3.05
N VAL A 40 5.88 4.32 2.51
CA VAL A 40 4.63 4.90 2.04
C VAL A 40 4.81 5.54 0.66
N VAL A 41 4.35 4.84 -0.37
CA VAL A 41 4.46 5.33 -1.74
C VAL A 41 3.30 6.26 -2.08
N MET A 42 3.59 7.30 -2.86
CA MET A 42 2.57 8.27 -3.26
C MET A 42 2.83 8.78 -4.68
N ILE A 43 1.76 8.92 -5.46
CA ILE A 43 1.87 9.39 -6.83
C ILE A 43 1.32 10.81 -6.96
N TYR A 44 2.06 11.66 -7.68
CA TYR A 44 1.65 13.05 -7.88
C TYR A 44 2.59 13.75 -8.85
N ASP A 45 2.16 14.90 -9.34
CA ASP A 45 2.96 15.68 -10.28
C ASP A 45 3.92 16.61 -9.53
N ALA A 46 5.22 16.34 -9.67
CA ALA A 46 6.24 17.15 -9.01
C ALA A 46 5.80 18.60 -8.90
N GLU A 47 5.60 19.24 -10.06
CA GLU A 47 5.19 20.64 -10.10
C GLU A 47 4.24 20.95 -8.94
N LYS A 48 3.26 20.08 -8.73
CA LYS A 48 2.28 20.27 -7.66
C LYS A 48 2.87 19.83 -6.32
N GLN A 49 3.60 18.72 -6.32
CA GLN A 49 4.20 18.20 -5.11
C GLN A 49 3.14 17.86 -4.07
N ARG A 50 2.11 17.15 -4.49
CA ARG A 50 1.02 16.77 -3.61
C ARG A 50 0.26 15.57 -4.16
N PRO A 51 -0.10 14.63 -3.27
CA PRO A 51 -0.83 13.42 -3.64
C PRO A 51 -2.27 13.73 -4.05
N ARG A 52 -2.57 13.57 -5.34
CA ARG A 52 -3.91 13.83 -5.85
C ARG A 52 -4.95 13.09 -5.03
N GLY A 53 -4.74 11.81 -4.82
CA GLY A 53 -5.68 11.01 -4.04
C GLY A 53 -5.55 9.53 -4.32
N PHE A 54 -4.31 9.05 -4.45
CA PHE A 54 -4.06 7.64 -4.72
C PHE A 54 -2.56 7.33 -4.56
N GLY A 55 -2.25 6.05 -4.41
CA GLY A 55 -0.87 5.63 -4.25
C GLY A 55 -0.75 4.23 -3.70
N PHE A 56 0.34 3.98 -2.97
CA PHE A 56 0.57 2.66 -2.38
C PHE A 56 1.31 2.79 -1.06
N ILE A 57 1.40 1.69 -0.32
CA ILE A 57 2.09 1.67 0.96
C ILE A 57 2.67 0.29 1.25
N THR A 58 3.86 0.27 1.85
CA THR A 58 4.53 -0.98 2.20
C THR A 58 4.48 -1.23 3.70
N PHE A 59 4.31 -2.50 4.07
CA PHE A 59 4.25 -2.88 5.48
C PHE A 59 5.45 -3.75 5.86
N GLU A 60 5.62 -3.97 7.16
CA GLU A 60 6.72 -4.78 7.65
C GLU A 60 6.44 -6.27 7.45
N ASP A 61 5.18 -6.66 7.66
CA ASP A 61 4.78 -8.05 7.50
C ASP A 61 3.54 -8.16 6.62
N GLU A 62 3.54 -9.12 5.71
CA GLU A 62 2.43 -9.33 4.80
C GLU A 62 1.10 -9.28 5.55
N GLN A 63 1.05 -9.96 6.70
CA GLN A 63 -0.15 -10.00 7.52
C GLN A 63 -0.89 -8.66 7.46
N SER A 64 -0.14 -7.57 7.63
CA SER A 64 -0.73 -6.24 7.61
C SER A 64 -1.53 -6.02 6.33
N VAL A 65 -0.89 -6.25 5.19
CA VAL A 65 -1.55 -6.09 3.90
C VAL A 65 -2.95 -6.68 3.91
N ASP A 66 -3.07 -7.88 4.45
CA ASP A 66 -4.36 -8.56 4.54
C ASP A 66 -5.31 -7.81 5.46
N GLN A 67 -4.81 -7.41 6.61
CA GLN A 67 -5.63 -6.67 7.59
C GLN A 67 -6.37 -5.53 6.92
N ALA A 68 -5.67 -4.78 6.09
CA ALA A 68 -6.28 -3.66 5.38
C ALA A 68 -7.15 -4.13 4.22
N VAL A 69 -6.53 -4.84 3.28
CA VAL A 69 -7.24 -5.36 2.12
C VAL A 69 -8.59 -5.95 2.52
N ASN A 70 -8.56 -6.84 3.50
CA ASN A 70 -9.79 -7.48 3.99
C ASN A 70 -10.94 -6.48 4.03
N MET A 71 -10.80 -5.46 4.86
CA MET A 71 -11.82 -4.44 5.00
C MET A 71 -12.08 -3.74 3.67
N HIS A 72 -11.02 -3.52 2.91
CA HIS A 72 -11.13 -2.86 1.61
C HIS A 72 -11.75 -1.47 1.76
N PHE A 73 -11.59 -0.88 2.93
CA PHE A 73 -12.13 0.45 3.20
C PHE A 73 -11.60 0.99 4.52
N HIS A 74 -11.54 2.31 4.63
CA HIS A 74 -11.06 2.97 5.84
C HIS A 74 -11.55 4.41 5.92
N ASP A 75 -11.55 4.96 7.12
CA ASP A 75 -12.00 6.34 7.34
C ASP A 75 -10.86 7.21 7.85
N ILE A 76 -10.13 7.82 6.92
CA ILE A 76 -9.00 8.68 7.27
C ILE A 76 -9.37 10.15 7.07
N MET A 77 -9.45 10.88 8.18
CA MET A 77 -9.79 12.29 8.13
C MET A 77 -11.17 12.52 7.52
N GLY A 78 -12.13 11.68 7.91
CA GLY A 78 -13.47 11.79 7.39
C GLY A 78 -13.54 11.53 5.90
N LYS A 79 -12.91 10.46 5.45
CA LYS A 79 -12.90 10.10 4.05
C LYS A 79 -12.76 8.59 3.87
N LYS A 80 -13.49 8.04 2.91
CA LYS A 80 -13.44 6.60 2.63
C LYS A 80 -12.27 6.27 1.70
N VAL A 81 -11.21 5.73 2.27
CA VAL A 81 -10.03 5.36 1.49
C VAL A 81 -10.10 3.90 1.05
N GLU A 82 -9.82 3.66 -0.23
CA GLU A 82 -9.85 2.30 -0.77
C GLU A 82 -8.47 1.66 -0.69
N VAL A 83 -8.45 0.35 -0.45
CA VAL A 83 -7.19 -0.39 -0.36
C VAL A 83 -7.32 -1.76 -1.01
N LYS A 84 -6.35 -2.10 -1.86
CA LYS A 84 -6.35 -3.39 -2.54
C LYS A 84 -4.93 -3.93 -2.69
N ARG A 85 -4.78 -5.23 -2.53
CA ARG A 85 -3.47 -5.87 -2.64
C ARG A 85 -2.73 -5.36 -3.87
N ALA A 86 -1.60 -4.69 -3.63
CA ALA A 86 -0.79 -4.16 -4.73
C ALA A 86 0.01 -5.27 -5.42
N GLU A 87 -0.10 -5.33 -6.74
CA GLU A 87 0.61 -6.34 -7.51
C GLU A 87 2.09 -6.41 -7.10
N PRO A 88 2.70 -7.59 -7.29
CA PRO A 88 4.10 -7.81 -6.94
C PRO A 88 5.05 -7.05 -7.86
N ARG A 89 6.01 -6.35 -7.28
CA ARG A 89 6.98 -5.59 -8.04
C ARG A 89 8.03 -6.50 -8.67
N ASP A 90 7.86 -6.79 -9.96
CA ASP A 90 8.79 -7.65 -10.67
C ASP A 90 9.50 -6.89 -11.78
N SER A 91 10.61 -6.25 -11.43
CA SER A 91 11.38 -5.47 -12.40
C SER A 91 12.86 -5.83 -12.32
N LYS A 92 13.41 -6.30 -13.44
CA LYS A 92 14.82 -6.68 -13.50
C LYS A 92 15.64 -5.61 -14.23
N SER A 93 16.94 -5.58 -13.96
CA SER A 93 17.82 -4.61 -14.58
C SER A 93 19.23 -5.18 -14.73
N SER A 94 20.12 -4.40 -15.34
CA SER A 94 21.50 -4.83 -15.54
C SER A 94 22.46 -3.89 -14.83
N GLY A 95 22.19 -2.60 -14.89
CA GLY A 95 23.04 -1.62 -14.24
C GLY A 95 22.44 -0.23 -14.25
N PRO A 96 23.32 0.79 -14.29
CA PRO A 96 22.89 2.19 -14.32
C PRO A 96 22.21 2.58 -15.63
N SER A 97 22.12 1.63 -16.54
CA SER A 97 21.51 1.87 -17.84
C SER A 97 20.14 2.51 -17.68
N SER A 98 19.87 3.53 -18.49
CA SER A 98 18.60 4.24 -18.43
C SER A 98 17.60 3.62 -19.40
N GLY A 99 18.00 3.50 -20.66
CA GLY A 99 17.12 2.92 -21.67
C GLY A 99 17.88 2.28 -22.81
N GLY A 1 0.08 -23.36 -1.15
CA GLY A 1 0.10 -24.81 -1.09
C GLY A 1 1.47 -25.40 -1.33
N SER A 2 1.68 -25.93 -2.52
CA SER A 2 2.96 -26.53 -2.88
C SER A 2 4.11 -25.76 -2.24
N SER A 3 4.93 -26.46 -1.46
CA SER A 3 6.07 -25.84 -0.80
C SER A 3 6.78 -24.86 -1.73
N GLY A 4 6.96 -23.63 -1.27
CA GLY A 4 7.62 -22.63 -2.09
C GLY A 4 8.89 -22.12 -1.43
N SER A 5 9.87 -21.74 -2.27
CA SER A 5 11.15 -21.24 -1.78
C SER A 5 11.03 -19.78 -1.34
N SER A 6 10.70 -19.57 -0.07
CA SER A 6 10.56 -18.22 0.46
C SER A 6 11.74 -17.34 0.05
N GLY A 7 11.60 -16.04 0.28
CA GLY A 7 12.66 -15.11 -0.07
C GLY A 7 12.15 -13.69 -0.23
N SER A 8 11.62 -13.38 -1.41
CA SER A 8 11.10 -12.05 -1.68
C SER A 8 9.71 -11.86 -1.07
N LYS A 9 9.63 -11.01 -0.05
CA LYS A 9 8.36 -10.75 0.63
C LYS A 9 7.82 -9.38 0.24
N SER A 10 6.73 -9.36 -0.52
CA SER A 10 6.12 -8.11 -0.96
C SER A 10 4.88 -7.79 -0.12
N ASN A 11 5.01 -6.79 0.73
CA ASN A 11 3.90 -6.38 1.60
C ASN A 11 3.40 -4.98 1.22
N LYS A 12 3.35 -4.72 -0.09
CA LYS A 12 2.88 -3.43 -0.58
C LYS A 12 1.38 -3.47 -0.87
N ILE A 13 0.70 -2.38 -0.56
CA ILE A 13 -0.75 -2.29 -0.79
C ILE A 13 -1.08 -1.06 -1.64
N PHE A 14 -2.16 -1.17 -2.40
CA PHE A 14 -2.60 -0.07 -3.25
C PHE A 14 -3.71 0.74 -2.59
N VAL A 15 -3.38 1.95 -2.16
CA VAL A 15 -4.34 2.82 -1.51
C VAL A 15 -4.88 3.88 -2.47
N GLY A 16 -6.19 3.89 -2.66
CA GLY A 16 -6.80 4.86 -3.56
C GLY A 16 -7.94 5.61 -2.90
N GLY A 17 -8.49 6.59 -3.63
CA GLY A 17 -9.60 7.37 -3.10
C GLY A 17 -9.18 8.24 -1.93
N ILE A 18 -7.88 8.37 -1.74
CA ILE A 18 -7.35 9.18 -0.64
C ILE A 18 -7.77 10.64 -0.78
N PRO A 19 -8.17 11.25 0.35
CA PRO A 19 -8.60 12.65 0.37
C PRO A 19 -7.45 13.62 0.14
N HIS A 20 -7.78 14.86 -0.19
CA HIS A 20 -6.77 15.89 -0.44
C HIS A 20 -6.21 16.41 0.88
N ASN A 21 -6.67 15.86 1.99
CA ASN A 21 -6.21 16.27 3.31
C ASN A 21 -5.29 15.20 3.92
N CYS A 22 -5.45 13.96 3.46
CA CYS A 22 -4.64 12.86 3.97
C CYS A 22 -3.26 12.86 3.31
N GLY A 23 -2.22 12.70 4.12
CA GLY A 23 -0.87 12.68 3.61
C GLY A 23 -0.08 11.48 4.08
N GLU A 24 1.24 11.52 3.90
CA GLU A 24 2.10 10.42 4.32
C GLU A 24 1.85 10.06 5.79
N THR A 25 2.23 10.95 6.68
CA THR A 25 2.05 10.73 8.11
C THR A 25 0.72 10.03 8.39
N GLU A 26 -0.38 10.75 8.16
CA GLU A 26 -1.70 10.20 8.38
C GLU A 26 -1.77 8.73 7.98
N LEU A 27 -1.52 8.46 6.70
CA LEU A 27 -1.54 7.11 6.18
C LEU A 27 -0.90 6.13 7.16
N ARG A 28 0.27 6.51 7.67
CA ARG A 28 0.98 5.67 8.63
C ARG A 28 0.26 5.62 9.96
N GLU A 29 -0.04 6.80 10.51
CA GLU A 29 -0.73 6.89 11.79
C GLU A 29 -1.99 6.04 11.79
N TYR A 30 -2.53 5.77 10.60
CA TYR A 30 -3.73 4.97 10.46
C TYR A 30 -3.39 3.54 10.06
N PHE A 31 -2.30 3.38 9.33
CA PHE A 31 -1.86 2.08 8.88
C PHE A 31 -0.84 1.47 9.85
N LYS A 32 -0.74 2.07 11.03
CA LYS A 32 0.19 1.60 12.05
C LYS A 32 -0.49 0.64 13.01
N LYS A 33 -1.82 0.60 12.95
CA LYS A 33 -2.59 -0.28 13.82
C LYS A 33 -2.62 -1.71 13.27
N PHE A 34 -2.69 -1.82 11.95
CA PHE A 34 -2.71 -3.13 11.31
C PHE A 34 -1.36 -3.83 11.45
N GLY A 35 -0.29 -3.05 11.46
CA GLY A 35 1.04 -3.62 11.59
C GLY A 35 2.10 -2.56 11.79
N VAL A 36 3.02 -2.46 10.82
CA VAL A 36 4.10 -1.48 10.90
C VAL A 36 4.48 -0.97 9.51
N VAL A 37 4.08 0.26 9.22
CA VAL A 37 4.38 0.87 7.92
C VAL A 37 5.87 1.13 7.76
N THR A 38 6.49 0.44 6.81
CA THR A 38 7.92 0.59 6.56
C THR A 38 8.17 1.59 5.43
N GLU A 39 7.33 1.54 4.40
CA GLU A 39 7.47 2.42 3.26
C GLU A 39 6.11 3.03 2.88
N VAL A 40 6.14 4.29 2.45
CA VAL A 40 4.91 4.99 2.06
C VAL A 40 5.08 5.65 0.69
N VAL A 41 4.66 4.94 -0.35
CA VAL A 41 4.75 5.47 -1.71
C VAL A 41 3.52 6.27 -2.08
N MET A 42 3.71 7.36 -2.81
CA MET A 42 2.61 8.22 -3.23
C MET A 42 2.82 8.71 -4.66
N ILE A 43 1.76 8.68 -5.45
CA ILE A 43 1.82 9.13 -6.84
C ILE A 43 1.28 10.55 -6.98
N TYR A 44 2.08 11.43 -7.58
CA TYR A 44 1.69 12.82 -7.79
C TYR A 44 2.62 13.52 -8.76
N ASP A 45 2.20 14.67 -9.25
CA ASP A 45 3.00 15.44 -10.19
C ASP A 45 4.01 16.34 -9.46
N ALA A 46 5.29 16.04 -9.61
CA ALA A 46 6.34 16.81 -8.97
C ALA A 46 5.96 18.28 -8.87
N GLU A 47 5.71 18.90 -10.02
CA GLU A 47 5.33 20.31 -10.06
C GLU A 47 4.35 20.65 -8.95
N LYS A 48 3.38 19.77 -8.74
CA LYS A 48 2.37 19.97 -7.70
C LYS A 48 2.92 19.59 -6.33
N GLN A 49 3.66 18.50 -6.29
CA GLN A 49 4.25 18.03 -5.03
C GLN A 49 3.17 17.72 -4.01
N ARG A 50 2.17 16.95 -4.42
CA ARG A 50 1.07 16.59 -3.54
C ARG A 50 0.30 15.39 -4.07
N PRO A 51 -0.06 14.46 -3.18
CA PRO A 51 -0.80 13.25 -3.55
C PRO A 51 -2.24 13.55 -3.96
N ARG A 52 -2.54 13.35 -5.24
CA ARG A 52 -3.88 13.60 -5.76
C ARG A 52 -4.93 12.87 -4.93
N GLY A 53 -4.78 11.55 -4.83
CA GLY A 53 -5.73 10.76 -4.07
C GLY A 53 -5.54 9.27 -4.28
N PHE A 54 -4.28 8.83 -4.34
CA PHE A 54 -3.97 7.43 -4.54
C PHE A 54 -2.48 7.17 -4.37
N GLY A 55 -2.11 5.90 -4.24
CA GLY A 55 -0.72 5.55 -4.06
C GLY A 55 -0.54 4.13 -3.54
N PHE A 56 0.58 3.89 -2.86
CA PHE A 56 0.86 2.56 -2.32
C PHE A 56 1.58 2.67 -0.98
N ILE A 57 1.54 1.59 -0.19
CA ILE A 57 2.19 1.56 1.10
C ILE A 57 2.68 0.17 1.45
N THR A 58 3.91 0.09 1.97
CA THR A 58 4.50 -1.20 2.34
C THR A 58 4.47 -1.39 3.85
N PHE A 59 4.24 -2.63 4.27
CA PHE A 59 4.18 -2.96 5.68
C PHE A 59 5.35 -3.84 6.09
N GLU A 60 5.55 -4.02 7.39
CA GLU A 60 6.64 -4.84 7.91
C GLU A 60 6.39 -6.32 7.61
N ASP A 61 5.14 -6.73 7.73
CA ASP A 61 4.77 -8.12 7.48
C ASP A 61 3.57 -8.20 6.55
N GLU A 62 3.57 -9.21 5.67
CA GLU A 62 2.47 -9.40 4.72
C GLU A 62 1.12 -9.38 5.44
N GLN A 63 1.05 -10.07 6.57
CA GLN A 63 -0.18 -10.12 7.35
C GLN A 63 -0.92 -8.80 7.30
N SER A 64 -0.22 -7.72 7.62
CA SER A 64 -0.81 -6.38 7.62
C SER A 64 -1.62 -6.15 6.35
N VAL A 65 -0.96 -6.33 5.20
CA VAL A 65 -1.62 -6.14 3.91
C VAL A 65 -3.04 -6.66 3.94
N ASP A 66 -3.20 -7.94 4.29
CA ASP A 66 -4.52 -8.56 4.35
C ASP A 66 -5.46 -7.74 5.24
N GLN A 67 -5.08 -7.56 6.49
CA GLN A 67 -5.89 -6.80 7.43
C GLN A 67 -6.51 -5.59 6.76
N ALA A 68 -5.75 -4.95 5.87
CA ALA A 68 -6.24 -3.78 5.16
C ALA A 68 -7.17 -4.17 4.02
N VAL A 69 -6.63 -4.86 3.03
CA VAL A 69 -7.42 -5.31 1.89
C VAL A 69 -8.77 -5.87 2.33
N ASN A 70 -8.72 -6.86 3.22
CA ASN A 70 -9.94 -7.49 3.73
C ASN A 70 -11.06 -6.47 3.85
N MET A 71 -10.84 -5.44 4.66
CA MET A 71 -11.83 -4.39 4.85
C MET A 71 -12.08 -3.61 3.56
N HIS A 72 -11.03 -3.44 2.78
CA HIS A 72 -11.13 -2.72 1.51
C HIS A 72 -11.73 -1.32 1.72
N PHE A 73 -11.54 -0.78 2.93
CA PHE A 73 -12.07 0.54 3.26
C PHE A 73 -11.46 1.05 4.56
N HIS A 74 -11.38 2.37 4.69
CA HIS A 74 -10.82 2.99 5.88
C HIS A 74 -11.29 4.44 6.01
N ASP A 75 -11.45 4.90 7.25
CA ASP A 75 -11.88 6.27 7.51
C ASP A 75 -10.70 7.13 7.95
N ILE A 76 -10.16 7.89 7.01
CA ILE A 76 -9.03 8.78 7.31
C ILE A 76 -9.37 10.23 7.00
N MET A 77 -9.21 11.09 8.01
CA MET A 77 -9.51 12.51 7.86
C MET A 77 -10.95 12.73 7.40
N GLY A 78 -11.84 11.87 7.87
CA GLY A 78 -13.24 11.98 7.51
C GLY A 78 -13.49 11.68 6.04
N LYS A 79 -12.93 10.57 5.57
CA LYS A 79 -13.09 10.17 4.17
C LYS A 79 -12.79 8.69 4.00
N LYS A 80 -13.43 8.07 3.02
CA LYS A 80 -13.23 6.65 2.74
C LYS A 80 -11.99 6.43 1.87
N VAL A 81 -11.08 5.58 2.33
CA VAL A 81 -9.86 5.29 1.60
C VAL A 81 -9.84 3.84 1.13
N GLU A 82 -9.95 3.65 -0.19
CA GLU A 82 -9.94 2.31 -0.77
C GLU A 82 -8.56 1.69 -0.69
N VAL A 83 -8.51 0.37 -0.46
CA VAL A 83 -7.25 -0.34 -0.35
C VAL A 83 -7.36 -1.74 -0.97
N LYS A 84 -6.39 -2.08 -1.81
CA LYS A 84 -6.36 -3.38 -2.47
C LYS A 84 -4.93 -3.87 -2.66
N ARG A 85 -4.74 -5.17 -2.52
CA ARG A 85 -3.42 -5.78 -2.68
C ARG A 85 -2.75 -5.27 -3.94
N ALA A 86 -1.54 -4.74 -3.79
CA ALA A 86 -0.79 -4.21 -4.92
C ALA A 86 -0.02 -5.33 -5.64
N GLU A 87 0.71 -4.97 -6.68
CA GLU A 87 1.48 -5.94 -7.45
C GLU A 87 2.96 -5.91 -7.03
N PRO A 88 3.61 -7.07 -7.14
CA PRO A 88 5.04 -7.21 -6.79
C PRO A 88 5.95 -6.47 -7.77
N ARG A 89 7.00 -5.85 -7.23
CA ARG A 89 7.95 -5.12 -8.06
C ARG A 89 9.05 -6.04 -8.58
N ASP A 90 9.86 -6.57 -7.66
CA ASP A 90 10.94 -7.46 -8.03
C ASP A 90 10.45 -8.90 -8.10
N SER A 91 10.34 -9.43 -9.32
CA SER A 91 9.88 -10.79 -9.53
C SER A 91 11.07 -11.76 -9.61
N LYS A 92 11.18 -12.62 -8.60
CA LYS A 92 12.26 -13.60 -8.55
C LYS A 92 11.84 -14.91 -9.21
N SER A 93 12.76 -15.52 -9.95
CA SER A 93 12.49 -16.78 -10.62
C SER A 93 12.84 -17.96 -9.74
N SER A 94 12.49 -19.16 -10.19
CA SER A 94 12.77 -20.38 -9.43
C SER A 94 13.86 -21.20 -10.11
N GLY A 95 14.32 -22.25 -9.43
CA GLY A 95 15.36 -23.10 -9.98
C GLY A 95 14.83 -24.08 -11.01
N PRO A 96 14.21 -25.16 -10.53
CA PRO A 96 13.64 -26.20 -11.39
C PRO A 96 12.41 -25.72 -12.16
N SER A 97 12.44 -25.87 -13.48
CA SER A 97 11.33 -25.44 -14.33
C SER A 97 10.10 -26.30 -14.08
N SER A 98 10.29 -27.62 -14.08
CA SER A 98 9.20 -28.55 -13.86
C SER A 98 9.14 -28.99 -12.40
N GLY A 99 7.93 -29.25 -11.91
CA GLY A 99 7.76 -29.67 -10.53
C GLY A 99 8.25 -31.09 -10.30
N GLY A 1 7.69 4.66 -17.59
CA GLY A 1 8.13 3.36 -17.17
C GLY A 1 8.00 3.14 -15.68
N SER A 2 6.86 2.61 -15.25
CA SER A 2 6.62 2.36 -13.83
C SER A 2 6.73 0.88 -13.51
N SER A 3 6.70 0.55 -12.23
CA SER A 3 6.80 -0.83 -11.78
C SER A 3 5.49 -1.30 -11.16
N GLY A 4 4.69 -2.03 -11.94
CA GLY A 4 3.42 -2.52 -11.45
C GLY A 4 3.40 -4.03 -11.30
N SER A 5 3.33 -4.50 -10.06
CA SER A 5 3.32 -5.93 -9.78
C SER A 5 4.61 -6.59 -10.25
N SER A 6 5.73 -5.92 -10.00
CA SER A 6 7.03 -6.43 -10.40
C SER A 6 7.85 -6.83 -9.18
N GLY A 7 7.59 -8.04 -8.66
CA GLY A 7 8.31 -8.52 -7.51
C GLY A 7 7.41 -9.19 -6.50
N SER A 8 7.94 -10.17 -5.78
CA SER A 8 7.16 -10.89 -4.78
C SER A 8 7.64 -10.56 -3.38
N LYS A 9 6.82 -10.90 -2.38
CA LYS A 9 7.17 -10.64 -0.99
C LYS A 9 7.57 -9.18 -0.80
N SER A 10 6.75 -8.27 -1.30
CA SER A 10 7.03 -6.84 -1.19
C SER A 10 6.18 -6.21 -0.08
N ASN A 11 5.06 -6.85 0.24
CA ASN A 11 4.17 -6.35 1.28
C ASN A 11 3.68 -4.95 0.94
N LYS A 12 3.37 -4.72 -0.32
CA LYS A 12 2.88 -3.42 -0.78
C LYS A 12 1.38 -3.46 -1.02
N ILE A 13 0.71 -2.35 -0.71
CA ILE A 13 -0.73 -2.25 -0.90
C ILE A 13 -1.10 -1.04 -1.75
N PHE A 14 -2.25 -1.10 -2.40
CA PHE A 14 -2.71 0.00 -3.24
C PHE A 14 -3.81 0.79 -2.54
N VAL A 15 -3.45 1.97 -2.03
CA VAL A 15 -4.41 2.83 -1.33
C VAL A 15 -4.94 3.93 -2.25
N GLY A 16 -6.24 3.93 -2.49
CA GLY A 16 -6.85 4.93 -3.34
C GLY A 16 -7.96 5.69 -2.66
N GLY A 17 -8.67 6.52 -3.41
CA GLY A 17 -9.75 7.30 -2.84
C GLY A 17 -9.31 8.15 -1.68
N ILE A 18 -8.01 8.37 -1.57
CA ILE A 18 -7.45 9.18 -0.49
C ILE A 18 -7.91 10.62 -0.59
N PRO A 19 -8.25 11.22 0.55
CA PRO A 19 -8.71 12.61 0.61
C PRO A 19 -7.59 13.61 0.31
N HIS A 20 -7.97 14.86 0.06
CA HIS A 20 -7.00 15.90 -0.24
C HIS A 20 -6.38 16.45 1.05
N ASN A 21 -6.58 15.73 2.14
CA ASN A 21 -6.02 16.13 3.43
C ASN A 21 -5.12 15.05 4.01
N CYS A 22 -5.35 13.82 3.59
CA CYS A 22 -4.55 12.69 4.06
C CYS A 22 -3.17 12.69 3.42
N GLY A 23 -2.14 12.49 4.22
CA GLY A 23 -0.78 12.48 3.70
C GLY A 23 0.01 11.28 4.20
N GLU A 24 1.33 11.38 4.11
CA GLU A 24 2.21 10.30 4.55
C GLU A 24 1.97 9.98 6.03
N THR A 25 2.26 10.94 6.89
CA THR A 25 2.08 10.77 8.33
C THR A 25 0.75 10.09 8.63
N GLU A 26 -0.35 10.73 8.21
CA GLU A 26 -1.68 10.19 8.45
C GLU A 26 -1.76 8.73 8.01
N LEU A 27 -1.58 8.50 6.71
CA LEU A 27 -1.63 7.15 6.16
C LEU A 27 -1.07 6.13 7.15
N ARG A 28 0.15 6.40 7.63
CA ARG A 28 0.82 5.52 8.58
C ARG A 28 0.08 5.49 9.91
N GLU A 29 -0.14 6.68 10.48
CA GLU A 29 -0.84 6.79 11.75
C GLU A 29 -2.13 5.97 11.75
N TYR A 30 -2.68 5.76 10.56
CA TYR A 30 -3.91 5.00 10.42
C TYR A 30 -3.62 3.57 9.95
N PHE A 31 -2.45 3.39 9.34
CA PHE A 31 -2.06 2.07 8.84
C PHE A 31 -0.98 1.47 9.73
N LYS A 32 -0.81 2.04 10.92
CA LYS A 32 0.19 1.56 11.87
C LYS A 32 -0.44 0.59 12.87
N LYS A 33 -1.77 0.61 12.96
CA LYS A 33 -2.49 -0.27 13.87
C LYS A 33 -2.58 -1.68 13.30
N PHE A 34 -2.77 -1.77 11.99
CA PHE A 34 -2.88 -3.07 11.33
C PHE A 34 -1.57 -3.83 11.42
N GLY A 35 -0.45 -3.10 11.38
CA GLY A 35 0.85 -3.73 11.45
C GLY A 35 1.96 -2.73 11.64
N VAL A 36 2.84 -2.63 10.64
CA VAL A 36 3.96 -1.70 10.70
C VAL A 36 4.32 -1.18 9.30
N VAL A 37 4.02 0.09 9.05
CA VAL A 37 4.31 0.71 7.77
C VAL A 37 5.79 0.99 7.61
N THR A 38 6.46 0.18 6.79
CA THR A 38 7.90 0.34 6.56
C THR A 38 8.16 1.44 5.53
N GLU A 39 7.26 1.58 4.57
CA GLU A 39 7.40 2.60 3.53
C GLU A 39 6.03 3.08 3.05
N VAL A 40 5.98 4.31 2.56
CA VAL A 40 4.74 4.91 2.08
C VAL A 40 4.94 5.53 0.71
N VAL A 41 4.41 4.86 -0.32
CA VAL A 41 4.53 5.36 -1.68
C VAL A 41 3.32 6.22 -2.06
N MET A 42 3.57 7.28 -2.84
CA MET A 42 2.52 8.17 -3.27
C MET A 42 2.75 8.65 -4.70
N ILE A 43 1.70 8.61 -5.51
CA ILE A 43 1.80 9.05 -6.90
C ILE A 43 1.31 10.49 -7.06
N TYR A 44 2.02 11.25 -7.88
CA TYR A 44 1.67 12.65 -8.13
C TYR A 44 2.56 13.26 -9.21
N ASP A 45 2.14 14.41 -9.72
CA ASP A 45 2.91 15.10 -10.75
C ASP A 45 3.97 16.00 -10.13
N ALA A 46 5.23 15.61 -10.30
CA ALA A 46 6.35 16.38 -9.75
C ALA A 46 6.06 17.87 -9.79
N GLU A 47 5.76 18.39 -10.98
CA GLU A 47 5.46 19.81 -11.15
C GLU A 47 4.66 20.34 -9.95
N LYS A 48 3.65 19.58 -9.55
CA LYS A 48 2.81 19.97 -8.43
C LYS A 48 3.43 19.53 -7.10
N GLN A 49 4.05 18.36 -7.11
CA GLN A 49 4.68 17.83 -5.91
C GLN A 49 3.67 17.65 -4.79
N ARG A 50 2.58 16.94 -5.09
CA ARG A 50 1.52 16.70 -4.11
C ARG A 50 0.66 15.51 -4.54
N PRO A 51 0.30 14.66 -3.55
CA PRO A 51 -0.53 13.49 -3.79
C PRO A 51 -1.97 13.85 -4.15
N ARG A 52 -2.39 13.47 -5.35
CA ARG A 52 -3.75 13.77 -5.80
C ARG A 52 -4.78 13.10 -4.90
N GLY A 53 -4.64 11.78 -4.72
CA GLY A 53 -5.56 11.04 -3.88
C GLY A 53 -5.47 9.55 -4.09
N PHE A 54 -4.25 9.05 -4.21
CA PHE A 54 -4.02 7.62 -4.42
C PHE A 54 -2.53 7.29 -4.35
N GLY A 55 -2.22 6.02 -4.16
CA GLY A 55 -0.83 5.59 -4.09
C GLY A 55 -0.69 4.18 -3.55
N PHE A 56 0.46 3.90 -2.94
CA PHE A 56 0.73 2.58 -2.38
C PHE A 56 1.45 2.70 -1.04
N ILE A 57 1.46 1.60 -0.28
CA ILE A 57 2.13 1.58 1.02
C ILE A 57 2.71 0.20 1.31
N THR A 58 3.91 0.19 1.89
CA THR A 58 4.58 -1.07 2.22
C THR A 58 4.51 -1.34 3.72
N PHE A 59 4.36 -2.61 4.08
CA PHE A 59 4.29 -3.01 5.48
C PHE A 59 5.46 -3.89 5.86
N GLU A 60 5.67 -4.09 7.16
CA GLU A 60 6.76 -4.91 7.65
C GLU A 60 6.54 -6.38 7.29
N ASP A 61 5.30 -6.85 7.44
CA ASP A 61 4.96 -8.22 7.13
C ASP A 61 3.71 -8.29 6.26
N GLU A 62 3.71 -9.21 5.29
CA GLU A 62 2.57 -9.37 4.40
C GLU A 62 1.26 -9.37 5.17
N GLN A 63 1.24 -10.11 6.28
CA GLN A 63 0.05 -10.20 7.12
C GLN A 63 -0.69 -8.87 7.15
N SER A 64 0.01 -7.82 7.55
CA SER A 64 -0.59 -6.49 7.63
C SER A 64 -1.43 -6.19 6.39
N VAL A 65 -0.84 -6.37 5.22
CA VAL A 65 -1.53 -6.13 3.96
C VAL A 65 -2.93 -6.72 3.99
N ASP A 66 -3.02 -8.01 4.28
CA ASP A 66 -4.31 -8.70 4.34
C ASP A 66 -5.27 -7.97 5.27
N GLN A 67 -4.82 -7.67 6.48
CA GLN A 67 -5.63 -6.97 7.46
C GLN A 67 -6.36 -5.79 6.82
N ALA A 68 -5.59 -4.95 6.12
CA ALA A 68 -6.16 -3.78 5.46
C ALA A 68 -7.03 -4.18 4.27
N VAL A 69 -6.46 -4.97 3.37
CA VAL A 69 -7.18 -5.43 2.19
C VAL A 69 -8.59 -5.89 2.56
N ASN A 70 -8.68 -6.92 3.39
CA ASN A 70 -9.97 -7.46 3.82
C ASN A 70 -10.99 -6.34 3.97
N MET A 71 -10.67 -5.36 4.80
CA MET A 71 -11.58 -4.23 5.03
C MET A 71 -11.88 -3.50 3.73
N HIS A 72 -10.86 -3.32 2.90
CA HIS A 72 -11.01 -2.64 1.62
C HIS A 72 -11.72 -1.30 1.81
N PHE A 73 -11.51 -0.68 2.97
CA PHE A 73 -12.12 0.61 3.26
C PHE A 73 -11.60 1.17 4.58
N HIS A 74 -11.57 2.49 4.69
CA HIS A 74 -11.08 3.15 5.89
C HIS A 74 -11.57 4.61 5.95
N ASP A 75 -11.61 5.16 7.14
CA ASP A 75 -12.06 6.55 7.33
C ASP A 75 -10.89 7.44 7.76
N ILE A 76 -10.36 8.20 6.82
CA ILE A 76 -9.24 9.09 7.09
C ILE A 76 -9.53 10.51 6.60
N MET A 77 -9.23 11.49 7.44
CA MET A 77 -9.46 12.89 7.09
C MET A 77 -10.91 13.12 6.68
N GLY A 78 -11.81 12.34 7.27
CA GLY A 78 -13.23 12.47 6.95
C GLY A 78 -13.54 12.04 5.53
N LYS A 79 -13.01 10.89 5.13
CA LYS A 79 -13.24 10.36 3.79
C LYS A 79 -12.95 8.86 3.74
N LYS A 80 -13.46 8.20 2.71
CA LYS A 80 -13.26 6.77 2.54
C LYS A 80 -11.98 6.49 1.75
N VAL A 81 -11.10 5.68 2.32
CA VAL A 81 -9.84 5.33 1.67
C VAL A 81 -9.84 3.88 1.22
N GLU A 82 -9.79 3.66 -0.09
CA GLU A 82 -9.78 2.31 -0.63
C GLU A 82 -8.39 1.67 -0.50
N VAL A 83 -8.36 0.36 -0.32
CA VAL A 83 -7.10 -0.36 -0.18
C VAL A 83 -7.20 -1.76 -0.78
N LYS A 84 -6.19 -2.13 -1.57
CA LYS A 84 -6.17 -3.44 -2.22
C LYS A 84 -4.76 -4.03 -2.19
N ARG A 85 -4.65 -5.30 -2.56
CA ARG A 85 -3.35 -5.98 -2.57
C ARG A 85 -2.55 -5.59 -3.81
N ALA A 86 -1.40 -4.96 -3.58
CA ALA A 86 -0.54 -4.54 -4.68
C ALA A 86 0.40 -5.66 -5.11
N GLU A 87 0.07 -6.88 -4.71
CA GLU A 87 0.88 -8.04 -5.05
C GLU A 87 0.05 -9.10 -5.77
N PRO A 88 0.72 -9.90 -6.62
CA PRO A 88 0.06 -10.96 -7.38
C PRO A 88 -0.41 -12.11 -6.50
N ARG A 89 -1.27 -12.96 -7.05
CA ARG A 89 -1.79 -14.10 -6.31
C ARG A 89 -0.71 -15.15 -6.09
N ASP A 90 -0.59 -15.63 -4.85
CA ASP A 90 0.41 -16.62 -4.51
C ASP A 90 0.62 -17.61 -5.66
N SER A 91 1.84 -18.11 -5.79
CA SER A 91 2.17 -19.06 -6.85
C SER A 91 2.13 -20.49 -6.34
N LYS A 92 1.27 -21.30 -6.95
CA LYS A 92 1.12 -22.70 -6.56
C LYS A 92 2.30 -23.53 -7.07
N SER A 93 2.78 -24.43 -6.22
CA SER A 93 3.90 -25.29 -6.58
C SER A 93 3.62 -26.74 -6.22
N SER A 94 4.26 -27.66 -6.94
CA SER A 94 4.07 -29.08 -6.71
C SER A 94 5.37 -29.74 -6.23
N GLY A 95 5.24 -30.80 -5.45
CA GLY A 95 6.41 -31.49 -4.95
C GLY A 95 6.52 -31.43 -3.43
N PRO A 96 6.96 -32.55 -2.82
CA PRO A 96 7.11 -32.64 -1.37
C PRO A 96 8.27 -31.79 -0.85
N SER A 97 7.93 -30.80 -0.02
CA SER A 97 8.93 -29.91 0.54
C SER A 97 8.76 -29.78 2.06
N SER A 98 9.35 -30.70 2.80
CA SER A 98 9.26 -30.69 4.25
C SER A 98 10.05 -29.52 4.83
N GLY A 99 11.30 -29.39 4.42
CA GLY A 99 12.14 -28.32 4.92
C GLY A 99 12.12 -27.10 4.02
N GLY A 1 3.05 -29.65 -3.73
CA GLY A 1 1.65 -29.90 -3.48
C GLY A 1 1.07 -28.93 -2.47
N SER A 2 0.73 -29.44 -1.28
CA SER A 2 0.16 -28.62 -0.23
C SER A 2 0.78 -27.22 -0.23
N SER A 3 2.10 -27.17 -0.32
CA SER A 3 2.82 -25.90 -0.33
C SER A 3 2.01 -24.83 -1.06
N GLY A 4 1.57 -23.82 -0.31
CA GLY A 4 0.79 -22.75 -0.89
C GLY A 4 1.51 -21.41 -0.83
N SER A 5 2.10 -21.01 -1.95
CA SER A 5 2.83 -19.74 -2.02
C SER A 5 1.96 -18.65 -2.63
N SER A 6 0.68 -18.66 -2.29
CA SER A 6 -0.25 -17.67 -2.82
C SER A 6 -0.06 -16.33 -2.13
N GLY A 7 0.91 -15.56 -2.63
CA GLY A 7 1.19 -14.25 -2.06
C GLY A 7 2.67 -13.92 -2.05
N SER A 8 3.06 -12.91 -2.82
CA SER A 8 4.45 -12.50 -2.92
C SER A 8 4.96 -12.01 -1.57
N LYS A 9 6.24 -11.65 -1.52
CA LYS A 9 6.85 -11.17 -0.30
C LYS A 9 6.58 -9.68 -0.11
N SER A 10 6.67 -8.92 -1.19
CA SER A 10 6.44 -7.48 -1.14
C SER A 10 5.12 -7.17 -0.45
N ASN A 11 5.20 -6.62 0.76
CA ASN A 11 4.01 -6.27 1.53
C ASN A 11 3.50 -4.88 1.15
N LYS A 12 3.35 -4.65 -0.15
CA LYS A 12 2.87 -3.37 -0.64
C LYS A 12 1.37 -3.42 -0.94
N ILE A 13 0.67 -2.33 -0.65
CA ILE A 13 -0.76 -2.25 -0.88
C ILE A 13 -1.11 -1.04 -1.75
N PHE A 14 -2.22 -1.15 -2.48
CA PHE A 14 -2.66 -0.06 -3.34
C PHE A 14 -3.76 0.76 -2.67
N VAL A 15 -3.40 1.96 -2.20
CA VAL A 15 -4.35 2.84 -1.53
C VAL A 15 -4.83 3.94 -2.47
N GLY A 16 -6.12 3.91 -2.80
CA GLY A 16 -6.67 4.91 -3.69
C GLY A 16 -7.83 5.67 -3.07
N GLY A 17 -8.36 6.65 -3.79
CA GLY A 17 -9.46 7.44 -3.27
C GLY A 17 -9.06 8.28 -2.07
N ILE A 18 -7.76 8.41 -1.85
CA ILE A 18 -7.25 9.20 -0.74
C ILE A 18 -7.66 10.66 -0.87
N PRO A 19 -8.08 11.26 0.26
CA PRO A 19 -8.50 12.67 0.29
C PRO A 19 -7.33 13.63 0.10
N HIS A 20 -7.66 14.89 -0.18
CA HIS A 20 -6.63 15.90 -0.39
C HIS A 20 -6.07 16.39 0.95
N ASN A 21 -6.57 15.82 2.04
CA ASN A 21 -6.13 16.19 3.37
C ASN A 21 -5.24 15.11 3.98
N CYS A 22 -5.41 13.89 3.49
CA CYS A 22 -4.63 12.75 3.98
C CYS A 22 -3.24 12.73 3.33
N GLY A 23 -2.21 12.55 4.14
CA GLY A 23 -0.86 12.50 3.63
C GLY A 23 -0.07 11.32 4.16
N GLU A 24 1.24 11.34 3.96
CA GLU A 24 2.11 10.27 4.42
C GLU A 24 1.91 10.01 5.91
N THR A 25 2.16 11.03 6.72
CA THR A 25 2.01 10.92 8.17
C THR A 25 0.70 10.24 8.53
N GLU A 26 -0.41 10.85 8.15
CA GLU A 26 -1.73 10.30 8.44
C GLU A 26 -1.80 8.82 8.06
N LEU A 27 -1.66 8.54 6.78
CA LEU A 27 -1.71 7.16 6.29
C LEU A 27 -1.04 6.21 7.28
N ARG A 28 0.22 6.47 7.57
CA ARG A 28 0.97 5.63 8.51
C ARG A 28 0.29 5.61 9.88
N GLU A 29 -0.01 6.79 10.41
CA GLU A 29 -0.65 6.90 11.71
C GLU A 29 -1.98 6.14 11.72
N TYR A 30 -2.49 5.83 10.54
CA TYR A 30 -3.75 5.11 10.42
C TYR A 30 -3.51 3.68 9.94
N PHE A 31 -2.33 3.44 9.39
CA PHE A 31 -1.98 2.11 8.90
C PHE A 31 -1.03 1.40 9.86
N LYS A 32 -0.57 2.14 10.88
CA LYS A 32 0.34 1.59 11.87
C LYS A 32 -0.39 0.68 12.85
N LYS A 33 -1.70 0.86 12.94
CA LYS A 33 -2.52 0.06 13.85
C LYS A 33 -2.63 -1.37 13.35
N PHE A 34 -2.70 -1.54 12.04
CA PHE A 34 -2.80 -2.86 11.42
C PHE A 34 -1.49 -3.63 11.57
N GLY A 35 -0.38 -2.90 11.56
CA GLY A 35 0.93 -3.53 11.70
C GLY A 35 2.04 -2.53 11.84
N VAL A 36 2.89 -2.44 10.82
CA VAL A 36 4.01 -1.50 10.83
C VAL A 36 4.36 -1.05 9.42
N VAL A 37 4.04 0.21 9.11
CA VAL A 37 4.32 0.78 7.79
C VAL A 37 5.82 1.03 7.62
N THR A 38 6.47 0.17 6.84
CA THR A 38 7.90 0.30 6.58
C THR A 38 8.17 1.33 5.50
N GLU A 39 7.30 1.38 4.50
CA GLU A 39 7.44 2.32 3.39
C GLU A 39 6.09 2.88 2.97
N VAL A 40 6.10 4.07 2.38
CA VAL A 40 4.88 4.71 1.92
C VAL A 40 5.07 5.34 0.55
N VAL A 41 4.50 4.70 -0.48
CA VAL A 41 4.60 5.20 -1.84
C VAL A 41 3.42 6.08 -2.19
N MET A 42 3.70 7.20 -2.86
CA MET A 42 2.65 8.13 -3.26
C MET A 42 2.88 8.63 -4.69
N ILE A 43 1.81 8.69 -5.47
CA ILE A 43 1.89 9.15 -6.85
C ILE A 43 1.40 10.59 -6.98
N TYR A 44 2.15 11.40 -7.72
CA TYR A 44 1.79 12.80 -7.92
C TYR A 44 2.73 13.46 -8.93
N ASP A 45 2.32 14.62 -9.42
CA ASP A 45 3.12 15.37 -10.39
C ASP A 45 4.22 16.17 -9.70
N ALA A 46 5.46 15.79 -9.95
CA ALA A 46 6.60 16.48 -9.34
C ALA A 46 6.35 17.97 -9.26
N GLU A 47 5.78 18.54 -10.32
CA GLU A 47 5.50 19.97 -10.36
C GLU A 47 4.58 20.37 -9.20
N LYS A 48 3.56 19.56 -8.95
CA LYS A 48 2.62 19.83 -7.87
C LYS A 48 3.20 19.41 -6.53
N GLN A 49 4.02 18.37 -6.54
CA GLN A 49 4.64 17.87 -5.31
C GLN A 49 3.58 17.60 -4.24
N ARG A 50 2.48 16.98 -4.65
CA ARG A 50 1.40 16.66 -3.72
C ARG A 50 0.58 15.48 -4.23
N PRO A 51 0.20 14.58 -3.31
CA PRO A 51 -0.58 13.40 -3.64
C PRO A 51 -2.02 13.74 -4.02
N ARG A 52 -2.35 13.56 -5.30
CA ARG A 52 -3.70 13.85 -5.79
C ARG A 52 -4.75 13.16 -4.94
N GLY A 53 -4.60 11.85 -4.76
CA GLY A 53 -5.55 11.09 -3.97
C GLY A 53 -5.44 9.60 -4.21
N PHE A 54 -4.22 9.10 -4.33
CA PHE A 54 -3.99 7.68 -4.55
C PHE A 54 -2.51 7.34 -4.38
N GLY A 55 -2.21 6.05 -4.24
CA GLY A 55 -0.84 5.61 -4.07
C GLY A 55 -0.75 4.21 -3.49
N PHE A 56 0.40 3.90 -2.89
CA PHE A 56 0.61 2.59 -2.29
C PHE A 56 1.33 2.71 -0.95
N ILE A 57 1.41 1.61 -0.22
CA ILE A 57 2.08 1.58 1.07
C ILE A 57 2.61 0.19 1.40
N THR A 58 3.84 0.13 1.90
CA THR A 58 4.47 -1.13 2.25
C THR A 58 4.47 -1.34 3.77
N PHE A 59 4.13 -2.55 4.20
CA PHE A 59 4.10 -2.88 5.61
C PHE A 59 5.31 -3.73 6.00
N GLU A 60 5.46 -3.99 7.30
CA GLU A 60 6.56 -4.80 7.80
C GLU A 60 6.32 -6.27 7.54
N ASP A 61 5.08 -6.71 7.72
CA ASP A 61 4.71 -8.11 7.51
C ASP A 61 3.51 -8.22 6.58
N GLU A 62 3.58 -9.17 5.66
CA GLU A 62 2.49 -9.38 4.70
C GLU A 62 1.13 -9.34 5.40
N GLN A 63 1.04 -10.02 6.53
CA GLN A 63 -0.20 -10.08 7.30
C GLN A 63 -0.92 -8.72 7.25
N SER A 64 -0.21 -7.68 7.65
CA SER A 64 -0.77 -6.33 7.66
C SER A 64 -1.53 -6.05 6.36
N VAL A 65 -0.88 -6.33 5.23
CA VAL A 65 -1.48 -6.11 3.93
C VAL A 65 -2.90 -6.70 3.88
N ASP A 66 -3.03 -7.94 4.33
CA ASP A 66 -4.32 -8.61 4.33
C ASP A 66 -5.32 -7.88 5.23
N GLN A 67 -4.90 -7.58 6.45
CA GLN A 67 -5.75 -6.87 7.40
C GLN A 67 -6.41 -5.67 6.75
N ALA A 68 -5.61 -4.86 6.07
CA ALA A 68 -6.13 -3.67 5.39
C ALA A 68 -6.90 -4.03 4.13
N VAL A 69 -6.35 -4.96 3.36
CA VAL A 69 -6.98 -5.40 2.13
C VAL A 69 -8.40 -5.90 2.38
N ASN A 70 -8.51 -6.96 3.18
CA ASN A 70 -9.82 -7.53 3.51
C ASN A 70 -10.86 -6.44 3.67
N MET A 71 -10.60 -5.48 4.54
CA MET A 71 -11.52 -4.38 4.78
C MET A 71 -11.85 -3.65 3.48
N HIS A 72 -10.83 -3.40 2.68
CA HIS A 72 -11.01 -2.71 1.41
C HIS A 72 -11.64 -1.34 1.61
N PHE A 73 -11.44 -0.78 2.80
CA PHE A 73 -11.99 0.53 3.13
C PHE A 73 -11.41 1.05 4.45
N HIS A 74 -11.36 2.37 4.58
CA HIS A 74 -10.84 3.00 5.79
C HIS A 74 -11.35 4.42 5.94
N ASP A 75 -11.40 4.90 7.17
CA ASP A 75 -11.88 6.25 7.45
C ASP A 75 -10.73 7.14 7.94
N ILE A 76 -10.12 7.85 7.01
CA ILE A 76 -9.01 8.74 7.35
C ILE A 76 -9.40 10.20 7.19
N MET A 77 -9.42 10.93 8.30
CA MET A 77 -9.78 12.34 8.28
C MET A 77 -11.20 12.54 7.77
N GLY A 78 -12.08 11.60 8.12
CA GLY A 78 -13.47 11.69 7.68
C GLY A 78 -13.63 11.47 6.20
N LYS A 79 -13.03 10.39 5.69
CA LYS A 79 -13.11 10.07 4.27
C LYS A 79 -12.85 8.58 4.04
N LYS A 80 -13.50 8.02 3.03
CA LYS A 80 -13.34 6.61 2.69
C LYS A 80 -12.13 6.40 1.79
N VAL A 81 -11.15 5.66 2.28
CA VAL A 81 -9.94 5.38 1.51
C VAL A 81 -9.93 3.94 1.01
N GLU A 82 -9.89 3.79 -0.31
CA GLU A 82 -9.87 2.47 -0.92
C GLU A 82 -8.50 1.83 -0.80
N VAL A 83 -8.48 0.52 -0.57
CA VAL A 83 -7.22 -0.22 -0.43
C VAL A 83 -7.36 -1.64 -0.97
N LYS A 84 -6.44 -2.00 -1.86
CA LYS A 84 -6.45 -3.34 -2.45
C LYS A 84 -5.05 -3.93 -2.50
N ARG A 85 -4.97 -5.25 -2.34
CA ARG A 85 -3.68 -5.94 -2.35
C ARG A 85 -2.92 -5.64 -3.65
N ALA A 86 -1.85 -4.85 -3.53
CA ALA A 86 -1.04 -4.50 -4.68
C ALA A 86 -0.31 -5.71 -5.25
N GLU A 87 -0.20 -5.78 -6.56
CA GLU A 87 0.48 -6.89 -7.22
C GLU A 87 1.98 -6.64 -7.31
N PRO A 88 2.77 -7.73 -7.34
CA PRO A 88 4.22 -7.65 -7.43
C PRO A 88 4.70 -7.14 -8.78
N ARG A 89 5.41 -6.02 -8.77
CA ARG A 89 5.93 -5.43 -10.00
C ARG A 89 7.10 -6.25 -10.54
N ASP A 90 6.80 -7.20 -11.43
CA ASP A 90 7.83 -8.04 -12.02
C ASP A 90 7.28 -8.80 -13.23
N SER A 91 7.90 -8.58 -14.39
CA SER A 91 7.48 -9.24 -15.62
C SER A 91 8.21 -10.57 -15.81
N LYS A 92 8.23 -11.38 -14.76
CA LYS A 92 8.90 -12.67 -14.81
C LYS A 92 10.37 -12.51 -15.24
N SER A 93 11.03 -11.52 -14.66
CA SER A 93 12.43 -11.26 -14.98
C SER A 93 13.23 -12.56 -15.01
N SER A 94 13.89 -12.81 -16.14
CA SER A 94 14.69 -14.02 -16.31
C SER A 94 16.16 -13.74 -16.07
N GLY A 95 16.75 -14.43 -15.10
CA GLY A 95 18.15 -14.24 -14.78
C GLY A 95 18.90 -15.55 -14.63
N PRO A 96 20.17 -15.56 -15.05
CA PRO A 96 21.02 -16.76 -14.95
C PRO A 96 21.38 -17.11 -13.52
N SER A 97 20.74 -18.15 -12.98
CA SER A 97 21.00 -18.58 -11.61
C SER A 97 20.44 -19.99 -11.38
N SER A 98 21.29 -20.88 -10.88
CA SER A 98 20.89 -22.25 -10.61
C SER A 98 20.92 -22.54 -9.11
N GLY A 99 19.90 -23.25 -8.63
CA GLY A 99 19.83 -23.59 -7.23
C GLY A 99 19.19 -24.94 -6.99
N GLY A 1 -4.89 5.57 -18.33
CA GLY A 1 -5.46 4.56 -19.18
C GLY A 1 -5.32 3.16 -18.61
N SER A 2 -5.98 2.92 -17.49
CA SER A 2 -5.92 1.62 -16.83
C SER A 2 -4.48 1.17 -16.64
N SER A 3 -3.62 2.11 -16.24
CA SER A 3 -2.21 1.81 -16.03
C SER A 3 -2.02 0.90 -14.83
N GLY A 4 -1.89 -0.40 -15.09
CA GLY A 4 -1.69 -1.35 -14.01
C GLY A 4 -0.24 -1.73 -13.81
N SER A 5 0.35 -1.26 -12.72
CA SER A 5 1.74 -1.54 -12.42
C SER A 5 1.91 -2.98 -11.93
N SER A 6 3.05 -3.58 -12.26
CA SER A 6 3.34 -4.96 -11.85
C SER A 6 4.12 -4.98 -10.55
N GLY A 7 5.10 -4.09 -10.42
CA GLY A 7 5.91 -4.03 -9.22
C GLY A 7 6.53 -5.38 -8.87
N SER A 8 6.69 -5.63 -7.57
CA SER A 8 7.28 -6.88 -7.10
C SER A 8 6.47 -7.45 -5.94
N LYS A 9 6.37 -8.77 -5.89
CA LYS A 9 5.64 -9.44 -4.82
C LYS A 9 6.23 -9.10 -3.46
N SER A 10 5.60 -8.17 -2.76
CA SER A 10 6.05 -7.75 -1.45
C SER A 10 4.89 -7.31 -0.57
N ASN A 11 5.20 -6.82 0.63
CA ASN A 11 4.17 -6.36 1.55
C ASN A 11 3.71 -4.95 1.20
N LYS A 12 3.26 -4.78 -0.04
CA LYS A 12 2.78 -3.48 -0.51
C LYS A 12 1.28 -3.51 -0.74
N ILE A 13 0.64 -2.36 -0.58
CA ILE A 13 -0.79 -2.24 -0.78
C ILE A 13 -1.14 -1.05 -1.66
N PHE A 14 -2.29 -1.13 -2.34
CA PHE A 14 -2.73 -0.06 -3.21
C PHE A 14 -3.83 0.76 -2.55
N VAL A 15 -3.46 1.95 -2.06
CA VAL A 15 -4.42 2.83 -1.41
C VAL A 15 -4.94 3.89 -2.37
N GLY A 16 -6.24 3.85 -2.65
CA GLY A 16 -6.84 4.81 -3.55
C GLY A 16 -7.96 5.60 -2.89
N GLY A 17 -8.48 6.59 -3.62
CA GLY A 17 -9.56 7.40 -3.09
C GLY A 17 -9.14 8.21 -1.89
N ILE A 18 -7.84 8.51 -1.81
CA ILE A 18 -7.30 9.30 -0.70
C ILE A 18 -7.69 10.77 -0.82
N PRO A 19 -8.07 11.37 0.32
CA PRO A 19 -8.48 12.78 0.37
C PRO A 19 -7.31 13.72 0.13
N HIS A 20 -7.63 14.95 -0.27
CA HIS A 20 -6.60 15.96 -0.53
C HIS A 20 -6.01 16.48 0.78
N ASN A 21 -6.44 15.90 1.90
CA ASN A 21 -5.95 16.31 3.21
C ASN A 21 -5.03 15.26 3.79
N CYS A 22 -5.35 13.99 3.55
CA CYS A 22 -4.54 12.88 4.05
C CYS A 22 -3.18 12.85 3.37
N GLY A 23 -2.13 12.62 4.15
CA GLY A 23 -0.78 12.57 3.60
C GLY A 23 0.02 11.42 4.15
N GLU A 24 1.26 11.29 3.69
CA GLU A 24 2.13 10.21 4.14
C GLU A 24 1.90 9.90 5.61
N THR A 25 2.29 10.82 6.48
CA THR A 25 2.12 10.63 7.92
C THR A 25 0.78 10.01 8.24
N GLU A 26 -0.30 10.69 7.85
CA GLU A 26 -1.64 10.20 8.10
C GLU A 26 -1.76 8.72 7.76
N LEU A 27 -1.59 8.40 6.49
CA LEU A 27 -1.67 7.02 6.03
C LEU A 27 -1.09 6.07 7.08
N ARG A 28 0.09 6.41 7.60
CA ARG A 28 0.74 5.58 8.61
C ARG A 28 -0.04 5.59 9.91
N GLU A 29 -0.20 6.78 10.50
CA GLU A 29 -0.93 6.93 11.75
C GLU A 29 -2.19 6.06 11.75
N TYR A 30 -2.71 5.79 10.56
CA TYR A 30 -3.91 4.97 10.42
C TYR A 30 -3.57 3.55 9.98
N PHE A 31 -2.41 3.40 9.34
CA PHE A 31 -1.97 2.09 8.88
C PHE A 31 -0.94 1.49 9.84
N LYS A 32 -0.88 2.04 11.05
CA LYS A 32 0.04 1.56 12.07
C LYS A 32 -0.63 0.55 12.99
N LYS A 33 -1.96 0.51 12.95
CA LYS A 33 -2.73 -0.41 13.78
C LYS A 33 -2.71 -1.81 13.19
N PHE A 34 -2.77 -1.90 11.86
CA PHE A 34 -2.78 -3.19 11.18
C PHE A 34 -1.43 -3.88 11.34
N GLY A 35 -0.38 -3.09 11.57
CA GLY A 35 0.95 -3.64 11.74
C GLY A 35 2.01 -2.58 11.91
N VAL A 36 2.92 -2.48 10.95
CA VAL A 36 3.99 -1.49 11.00
C VAL A 36 4.34 -0.98 9.60
N VAL A 37 4.03 0.29 9.35
CA VAL A 37 4.31 0.89 8.06
C VAL A 37 5.80 1.19 7.91
N THR A 38 6.44 0.51 6.97
CA THR A 38 7.86 0.70 6.72
C THR A 38 8.10 1.73 5.63
N GLU A 39 7.23 1.73 4.62
CA GLU A 39 7.35 2.66 3.50
C GLU A 39 5.97 3.15 3.06
N VAL A 40 5.93 4.36 2.50
CA VAL A 40 4.68 4.95 2.04
C VAL A 40 4.85 5.57 0.66
N VAL A 41 4.41 4.85 -0.37
CA VAL A 41 4.51 5.32 -1.74
C VAL A 41 3.33 6.21 -2.10
N MET A 42 3.58 7.25 -2.89
CA MET A 42 2.53 8.17 -3.30
C MET A 42 2.77 8.66 -4.73
N ILE A 43 1.72 8.62 -5.55
CA ILE A 43 1.82 9.05 -6.94
C ILE A 43 1.30 10.48 -7.10
N TYR A 44 2.05 11.30 -7.83
CA TYR A 44 1.67 12.69 -8.06
C TYR A 44 2.60 13.35 -9.07
N ASP A 45 2.17 14.49 -9.60
CA ASP A 45 2.97 15.21 -10.59
C ASP A 45 3.98 16.13 -9.89
N ALA A 46 5.26 15.85 -10.09
CA ALA A 46 6.32 16.64 -9.48
C ALA A 46 5.94 18.12 -9.42
N GLU A 47 5.63 18.69 -10.58
CA GLU A 47 5.25 20.10 -10.66
C GLU A 47 4.29 20.46 -9.52
N LYS A 48 3.35 19.58 -9.25
CA LYS A 48 2.36 19.79 -8.19
C LYS A 48 2.96 19.47 -6.83
N GLN A 49 3.71 18.37 -6.76
CA GLN A 49 4.34 17.96 -5.51
C GLN A 49 3.28 17.69 -4.44
N ARG A 50 2.28 16.88 -4.80
CA ARG A 50 1.21 16.55 -3.87
C ARG A 50 0.41 15.35 -4.38
N PRO A 51 0.05 14.44 -3.46
CA PRO A 51 -0.71 13.23 -3.79
C PRO A 51 -2.15 13.55 -4.17
N ARG A 52 -2.47 13.39 -5.45
CA ARG A 52 -3.82 13.66 -5.93
C ARG A 52 -4.86 12.98 -5.06
N GLY A 53 -4.69 11.69 -4.83
CA GLY A 53 -5.63 10.94 -4.02
C GLY A 53 -5.50 9.44 -4.22
N PHE A 54 -4.28 8.95 -4.36
CA PHE A 54 -4.04 7.53 -4.57
C PHE A 54 -2.54 7.22 -4.49
N GLY A 55 -2.23 5.95 -4.24
CA GLY A 55 -0.84 5.54 -4.14
C GLY A 55 -0.69 4.13 -3.58
N PHE A 56 0.46 3.86 -2.97
CA PHE A 56 0.73 2.55 -2.39
C PHE A 56 1.45 2.68 -1.06
N ILE A 57 1.42 1.62 -0.26
CA ILE A 57 2.07 1.62 1.04
C ILE A 57 2.65 0.25 1.36
N THR A 58 3.83 0.22 1.98
CA THR A 58 4.47 -1.03 2.36
C THR A 58 4.45 -1.23 3.87
N PHE A 59 4.24 -2.47 4.29
CA PHE A 59 4.21 -2.79 5.71
C PHE A 59 5.42 -3.63 6.11
N GLU A 60 5.51 -3.95 7.40
CA GLU A 60 6.62 -4.75 7.91
C GLU A 60 6.41 -6.23 7.63
N ASP A 61 5.17 -6.68 7.80
CA ASP A 61 4.83 -8.08 7.58
C ASP A 61 3.64 -8.20 6.63
N GLU A 62 3.64 -9.25 5.81
CA GLU A 62 2.56 -9.49 4.87
C GLU A 62 1.21 -9.42 5.55
N GLN A 63 1.09 -10.11 6.69
CA GLN A 63 -0.16 -10.13 7.44
C GLN A 63 -0.86 -8.78 7.39
N SER A 64 -0.09 -7.71 7.57
CA SER A 64 -0.64 -6.36 7.54
C SER A 64 -1.41 -6.11 6.25
N VAL A 65 -0.81 -6.47 5.12
CA VAL A 65 -1.45 -6.30 3.83
C VAL A 65 -2.85 -6.90 3.82
N ASP A 66 -2.97 -8.11 4.32
CA ASP A 66 -4.26 -8.80 4.37
C ASP A 66 -5.32 -7.91 5.01
N GLN A 67 -5.15 -7.61 6.30
CA GLN A 67 -6.09 -6.77 7.01
C GLN A 67 -6.51 -5.57 6.18
N ALA A 68 -5.52 -4.82 5.69
CA ALA A 68 -5.80 -3.65 4.87
C ALA A 68 -6.73 -3.99 3.72
N VAL A 69 -6.45 -5.11 3.03
CA VAL A 69 -7.27 -5.54 1.91
C VAL A 69 -8.64 -6.02 2.39
N ASN A 70 -8.65 -7.09 3.17
CA ASN A 70 -9.91 -7.64 3.69
C ASN A 70 -10.92 -6.54 3.97
N MET A 71 -10.45 -5.45 4.57
CA MET A 71 -11.32 -4.32 4.89
C MET A 71 -11.77 -3.61 3.61
N HIS A 72 -10.82 -3.34 2.72
CA HIS A 72 -11.12 -2.67 1.46
C HIS A 72 -11.80 -1.32 1.72
N PHE A 73 -11.52 -0.73 2.88
CA PHE A 73 -12.10 0.55 3.24
C PHE A 73 -11.50 1.08 4.55
N HIS A 74 -11.47 2.40 4.69
CA HIS A 74 -10.93 3.01 5.89
C HIS A 74 -11.45 4.44 6.05
N ASP A 75 -11.34 4.98 7.27
CA ASP A 75 -11.81 6.32 7.56
C ASP A 75 -10.66 7.22 7.98
N ILE A 76 -9.99 7.83 7.00
CA ILE A 76 -8.87 8.71 7.26
C ILE A 76 -9.25 10.16 7.05
N MET A 77 -9.01 11.00 8.06
CA MET A 77 -9.32 12.41 7.98
C MET A 77 -10.78 12.62 7.55
N GLY A 78 -11.67 11.80 8.08
CA GLY A 78 -13.08 11.90 7.73
C GLY A 78 -13.33 11.66 6.26
N LYS A 79 -12.76 10.59 5.73
CA LYS A 79 -12.93 10.24 4.33
C LYS A 79 -12.73 8.75 4.11
N LYS A 80 -13.46 8.19 3.15
CA LYS A 80 -13.36 6.77 2.83
C LYS A 80 -12.15 6.49 1.94
N VAL A 81 -11.21 5.71 2.45
CA VAL A 81 -10.01 5.36 1.69
C VAL A 81 -10.03 3.90 1.27
N GLU A 82 -9.98 3.67 -0.04
CA GLU A 82 -9.99 2.31 -0.57
C GLU A 82 -8.60 1.69 -0.49
N VAL A 83 -8.56 0.35 -0.42
CA VAL A 83 -7.30 -0.36 -0.33
C VAL A 83 -7.40 -1.75 -0.99
N LYS A 84 -6.44 -2.06 -1.85
CA LYS A 84 -6.43 -3.34 -2.54
C LYS A 84 -5.01 -3.88 -2.66
N ARG A 85 -4.87 -5.20 -2.56
CA ARG A 85 -3.56 -5.84 -2.66
C ARG A 85 -2.77 -5.28 -3.83
N ALA A 86 -1.57 -4.79 -3.55
CA ALA A 86 -0.71 -4.22 -4.58
C ALA A 86 0.08 -5.32 -5.30
N GLU A 87 -0.31 -6.56 -5.06
CA GLU A 87 0.36 -7.70 -5.69
C GLU A 87 -0.16 -7.93 -7.11
N PRO A 88 0.69 -8.48 -7.97
CA PRO A 88 0.35 -8.76 -9.36
C PRO A 88 -0.66 -9.90 -9.49
N ARG A 89 -1.74 -9.65 -10.22
CA ARG A 89 -2.78 -10.65 -10.41
C ARG A 89 -2.34 -11.70 -11.43
N ASP A 90 -1.91 -12.85 -10.92
CA ASP A 90 -1.45 -13.94 -11.79
C ASP A 90 -1.15 -15.19 -10.96
N SER A 91 -0.87 -16.29 -11.66
CA SER A 91 -0.56 -17.55 -10.99
C SER A 91 0.95 -17.80 -10.97
N LYS A 92 1.54 -17.80 -9.78
CA LYS A 92 2.97 -18.03 -9.63
C LYS A 92 3.29 -19.51 -9.70
N SER A 93 4.58 -19.83 -9.72
CA SER A 93 5.03 -21.22 -9.78
C SER A 93 5.85 -21.59 -8.55
N SER A 94 6.92 -20.85 -8.32
CA SER A 94 7.79 -21.11 -7.18
C SER A 94 8.35 -19.80 -6.62
N GLY A 95 8.01 -19.50 -5.37
CA GLY A 95 8.50 -18.28 -4.75
C GLY A 95 9.71 -18.53 -3.86
N PRO A 96 9.84 -17.72 -2.79
CA PRO A 96 10.95 -17.83 -1.85
C PRO A 96 10.86 -19.10 -1.00
N SER A 97 11.81 -20.01 -1.21
CA SER A 97 11.85 -21.27 -0.48
C SER A 97 11.87 -21.01 1.03
N SER A 98 12.90 -20.29 1.49
CA SER A 98 13.04 -19.99 2.90
C SER A 98 11.69 -19.65 3.53
N GLY A 99 11.55 -19.96 4.81
CA GLY A 99 10.31 -19.70 5.50
C GLY A 99 9.11 -20.38 4.86
N GLY A 1 24.20 1.49 2.58
CA GLY A 1 22.97 1.08 3.25
C GLY A 1 23.12 -0.24 3.98
N SER A 2 22.02 -0.71 4.55
CA SER A 2 22.03 -1.97 5.30
C SER A 2 21.02 -2.96 4.71
N SER A 3 21.48 -3.78 3.78
CA SER A 3 20.62 -4.77 3.14
C SER A 3 21.11 -6.18 3.41
N GLY A 4 20.73 -6.73 4.56
CA GLY A 4 21.15 -8.07 4.92
C GLY A 4 20.32 -9.14 4.24
N SER A 5 19.41 -9.75 4.98
CA SER A 5 18.56 -10.81 4.44
C SER A 5 17.13 -10.68 4.97
N SER A 6 16.17 -10.89 4.09
CA SER A 6 14.76 -10.79 4.48
C SER A 6 13.87 -11.57 3.50
N GLY A 7 12.58 -11.63 3.80
CA GLY A 7 11.66 -12.35 2.94
C GLY A 7 11.67 -11.85 1.51
N SER A 8 10.79 -12.39 0.68
CA SER A 8 10.71 -12.00 -0.72
C SER A 8 9.34 -11.38 -1.03
N LYS A 9 8.30 -11.92 -0.39
CA LYS A 9 6.95 -11.43 -0.60
C LYS A 9 6.89 -9.90 -0.50
N SER A 10 6.00 -9.30 -1.28
CA SER A 10 5.86 -7.84 -1.28
C SER A 10 4.67 -7.43 -0.42
N ASN A 11 4.96 -6.71 0.67
CA ASN A 11 3.92 -6.25 1.57
C ASN A 11 3.42 -4.86 1.17
N LYS A 12 3.28 -4.66 -0.14
CA LYS A 12 2.81 -3.37 -0.66
C LYS A 12 1.30 -3.42 -0.94
N ILE A 13 0.62 -2.34 -0.62
CA ILE A 13 -0.82 -2.25 -0.83
C ILE A 13 -1.18 -1.04 -1.69
N PHE A 14 -2.31 -1.12 -2.39
CA PHE A 14 -2.76 -0.04 -3.24
C PHE A 14 -3.83 0.80 -2.53
N VAL A 15 -3.43 1.97 -2.06
CA VAL A 15 -4.35 2.86 -1.36
C VAL A 15 -4.83 3.98 -2.29
N GLY A 16 -6.11 3.94 -2.63
CA GLY A 16 -6.68 4.95 -3.51
C GLY A 16 -7.81 5.72 -2.86
N GLY A 17 -8.48 6.57 -3.64
CA GLY A 17 -9.58 7.35 -3.11
C GLY A 17 -9.16 8.23 -1.94
N ILE A 18 -7.85 8.36 -1.75
CA ILE A 18 -7.32 9.17 -0.65
C ILE A 18 -7.83 10.62 -0.75
N PRO A 19 -8.18 11.19 0.41
CA PRO A 19 -8.68 12.56 0.48
C PRO A 19 -7.61 13.59 0.20
N HIS A 20 -8.00 14.86 0.09
CA HIS A 20 -7.07 15.94 -0.18
C HIS A 20 -6.43 16.44 1.11
N ASN A 21 -6.51 15.63 2.16
CA ASN A 21 -5.94 15.99 3.45
C ASN A 21 -5.03 14.88 3.98
N CYS A 22 -5.35 13.64 3.60
CA CYS A 22 -4.57 12.49 4.04
C CYS A 22 -3.19 12.51 3.41
N GLY A 23 -2.16 12.37 4.25
CA GLY A 23 -0.79 12.37 3.74
C GLY A 23 0.05 11.27 4.37
N GLU A 24 1.27 11.11 3.87
CA GLU A 24 2.18 10.09 4.38
C GLU A 24 1.99 9.90 5.88
N THR A 25 2.32 10.93 6.65
CA THR A 25 2.19 10.87 8.10
C THR A 25 0.89 10.18 8.51
N GLU A 26 -0.23 10.74 8.10
CA GLU A 26 -1.53 10.18 8.43
C GLU A 26 -1.61 8.72 7.98
N LEU A 27 -1.46 8.48 6.69
CA LEU A 27 -1.52 7.14 6.13
C LEU A 27 -0.94 6.12 7.11
N ARG A 28 0.22 6.45 7.68
CA ARG A 28 0.88 5.57 8.64
C ARG A 28 0.10 5.52 9.95
N GLU A 29 -0.12 6.68 10.54
CA GLU A 29 -0.85 6.77 11.80
C GLU A 29 -2.11 5.91 11.76
N TYR A 30 -2.62 5.68 10.56
CA TYR A 30 -3.83 4.88 10.38
C TYR A 30 -3.47 3.46 9.94
N PHE A 31 -2.37 3.32 9.23
CA PHE A 31 -1.92 2.02 8.74
C PHE A 31 -0.90 1.41 9.69
N LYS A 32 -0.82 1.96 10.90
CA LYS A 32 0.13 1.47 11.90
C LYS A 32 -0.54 0.48 12.84
N LYS A 33 -1.86 0.58 12.97
CA LYS A 33 -2.62 -0.30 13.83
C LYS A 33 -2.66 -1.71 13.26
N PHE A 34 -2.78 -1.82 11.94
CA PHE A 34 -2.82 -3.11 11.27
C PHE A 34 -1.49 -3.84 11.41
N GLY A 35 -0.40 -3.07 11.47
CA GLY A 35 0.91 -3.66 11.60
C GLY A 35 2.00 -2.62 11.78
N VAL A 36 2.90 -2.52 10.81
CA VAL A 36 3.99 -1.57 10.86
C VAL A 36 4.35 -1.06 9.48
N VAL A 37 3.97 0.18 9.19
CA VAL A 37 4.25 0.80 7.89
C VAL A 37 5.73 1.10 7.74
N THR A 38 6.40 0.35 6.87
CA THR A 38 7.83 0.53 6.63
C THR A 38 8.07 1.60 5.58
N GLU A 39 7.23 1.60 4.54
CA GLU A 39 7.36 2.57 3.45
C GLU A 39 5.98 3.06 3.01
N VAL A 40 5.94 4.28 2.50
CA VAL A 40 4.69 4.87 2.02
C VAL A 40 4.87 5.53 0.66
N VAL A 41 4.42 4.85 -0.39
CA VAL A 41 4.54 5.37 -1.75
C VAL A 41 3.34 6.25 -2.10
N MET A 42 3.58 7.28 -2.89
CA MET A 42 2.52 8.20 -3.30
C MET A 42 2.77 8.71 -4.72
N ILE A 43 1.73 8.69 -5.53
CA ILE A 43 1.82 9.16 -6.91
C ILE A 43 1.37 10.60 -7.04
N TYR A 44 2.08 11.37 -7.86
CA TYR A 44 1.75 12.78 -8.06
C TYR A 44 2.65 13.40 -9.13
N ASP A 45 2.27 14.58 -9.59
CA ASP A 45 3.05 15.28 -10.61
C ASP A 45 4.14 16.14 -9.97
N ALA A 46 5.39 15.75 -10.19
CA ALA A 46 6.52 16.48 -9.64
C ALA A 46 6.22 17.97 -9.56
N GLU A 47 5.95 18.59 -10.70
CA GLU A 47 5.65 20.01 -10.76
C GLU A 47 4.79 20.44 -9.57
N LYS A 48 3.77 19.63 -9.28
CA LYS A 48 2.87 19.92 -8.16
C LYS A 48 3.50 19.51 -6.83
N GLN A 49 4.17 18.36 -6.83
CA GLN A 49 4.82 17.86 -5.63
C GLN A 49 3.80 17.62 -4.52
N ARG A 50 2.68 17.00 -4.87
CA ARG A 50 1.62 16.72 -3.91
C ARG A 50 0.77 15.54 -4.36
N PRO A 51 0.43 14.65 -3.41
CA PRO A 51 -0.39 13.47 -3.69
C PRO A 51 -1.84 13.82 -4.02
N ARG A 52 -2.24 13.52 -5.24
CA ARG A 52 -3.60 13.81 -5.69
C ARG A 52 -4.62 13.11 -4.80
N GLY A 53 -4.50 11.79 -4.70
CA GLY A 53 -5.42 11.02 -3.88
C GLY A 53 -5.35 9.54 -4.15
N PHE A 54 -4.13 9.03 -4.30
CA PHE A 54 -3.92 7.60 -4.58
C PHE A 54 -2.43 7.26 -4.54
N GLY A 55 -2.14 5.98 -4.32
CA GLY A 55 -0.76 5.54 -4.27
C GLY A 55 -0.62 4.14 -3.69
N PHE A 56 0.53 3.87 -3.06
CA PHE A 56 0.78 2.57 -2.48
C PHE A 56 1.46 2.71 -1.12
N ILE A 57 1.45 1.63 -0.35
CA ILE A 57 2.07 1.63 0.98
C ILE A 57 2.64 0.25 1.32
N THR A 58 3.86 0.24 1.85
CA THR A 58 4.52 -1.00 2.22
C THR A 58 4.47 -1.22 3.73
N PHE A 59 4.30 -2.47 4.13
CA PHE A 59 4.24 -2.81 5.55
C PHE A 59 5.45 -3.65 5.96
N GLU A 60 5.55 -3.92 7.26
CA GLU A 60 6.66 -4.71 7.79
C GLU A 60 6.49 -6.18 7.45
N ASP A 61 5.25 -6.66 7.52
CA ASP A 61 4.95 -8.06 7.21
C ASP A 61 3.72 -8.17 6.33
N GLU A 62 3.67 -9.22 5.52
CA GLU A 62 2.54 -9.45 4.62
C GLU A 62 1.22 -9.37 5.38
N GLN A 63 1.12 -10.11 6.47
CA GLN A 63 -0.08 -10.13 7.29
C GLN A 63 -0.75 -8.76 7.30
N SER A 64 0.00 -7.74 7.67
CA SER A 64 -0.52 -6.38 7.73
C SER A 64 -1.41 -6.09 6.52
N VAL A 65 -0.84 -6.22 5.33
CA VAL A 65 -1.57 -5.97 4.09
C VAL A 65 -2.97 -6.58 4.16
N ASP A 66 -3.04 -7.87 4.45
CA ASP A 66 -4.32 -8.56 4.54
C ASP A 66 -5.31 -7.77 5.39
N GLN A 67 -4.97 -7.57 6.65
CA GLN A 67 -5.83 -6.83 7.57
C GLN A 67 -6.51 -5.66 6.85
N ALA A 68 -5.71 -4.85 6.17
CA ALA A 68 -6.22 -3.70 5.44
C ALA A 68 -7.11 -4.14 4.28
N VAL A 69 -6.51 -4.78 3.28
CA VAL A 69 -7.23 -5.25 2.11
C VAL A 69 -8.59 -5.82 2.52
N ASN A 70 -8.57 -6.84 3.37
CA ASN A 70 -9.79 -7.47 3.84
C ASN A 70 -10.92 -6.45 3.95
N MET A 71 -10.69 -5.40 4.73
CA MET A 71 -11.70 -4.36 4.92
C MET A 71 -12.03 -3.67 3.60
N HIS A 72 -10.99 -3.35 2.83
CA HIS A 72 -11.18 -2.69 1.54
C HIS A 72 -11.84 -1.33 1.72
N PHE A 73 -11.67 -0.74 2.90
CA PHE A 73 -12.24 0.56 3.19
C PHE A 73 -11.74 1.10 4.54
N HIS A 74 -11.62 2.41 4.63
CA HIS A 74 -11.15 3.05 5.86
C HIS A 74 -11.63 4.50 5.93
N ASP A 75 -11.54 5.08 7.13
CA ASP A 75 -11.96 6.46 7.34
C ASP A 75 -10.79 7.31 7.81
N ILE A 76 -10.09 7.92 6.85
CA ILE A 76 -8.94 8.77 7.17
C ILE A 76 -9.24 10.23 6.86
N MET A 77 -9.18 11.07 7.89
CA MET A 77 -9.45 12.49 7.73
C MET A 77 -10.86 12.73 7.20
N GLY A 78 -11.81 11.94 7.70
CA GLY A 78 -13.19 12.09 7.26
C GLY A 78 -13.36 11.80 5.78
N LYS A 79 -12.91 10.63 5.35
CA LYS A 79 -13.01 10.24 3.95
C LYS A 79 -12.81 8.73 3.79
N LYS A 80 -13.53 8.15 2.84
CA LYS A 80 -13.43 6.71 2.58
C LYS A 80 -12.22 6.40 1.69
N VAL A 81 -11.21 5.77 2.28
CA VAL A 81 -10.00 5.42 1.55
C VAL A 81 -10.05 3.97 1.09
N GLU A 82 -9.82 3.75 -0.20
CA GLU A 82 -9.83 2.41 -0.76
C GLU A 82 -8.46 1.75 -0.66
N VAL A 83 -8.45 0.47 -0.34
CA VAL A 83 -7.20 -0.27 -0.21
C VAL A 83 -7.32 -1.67 -0.81
N LYS A 84 -6.29 -2.07 -1.56
CA LYS A 84 -6.29 -3.38 -2.19
C LYS A 84 -4.87 -3.96 -2.22
N ARG A 85 -4.76 -5.21 -2.67
CA ARG A 85 -3.47 -5.88 -2.75
C ARG A 85 -2.71 -5.45 -4.00
N ALA A 86 -1.52 -4.87 -3.79
CA ALA A 86 -0.69 -4.41 -4.90
C ALA A 86 0.13 -5.57 -5.49
N GLU A 87 0.84 -5.29 -6.57
CA GLU A 87 1.66 -6.30 -7.22
C GLU A 87 3.12 -6.18 -6.78
N PRO A 88 3.85 -7.31 -6.84
CA PRO A 88 5.27 -7.36 -6.44
C PRO A 88 6.16 -6.61 -7.42
N ARG A 89 5.55 -6.04 -8.45
CA ARG A 89 6.31 -5.29 -9.47
C ARG A 89 7.41 -6.16 -10.06
N ASP A 90 7.07 -7.38 -10.46
CA ASP A 90 8.03 -8.30 -11.04
C ASP A 90 7.63 -8.68 -12.46
N SER A 91 8.45 -8.31 -13.43
CA SER A 91 8.17 -8.61 -14.82
C SER A 91 9.25 -9.51 -15.41
N LYS A 92 9.06 -10.82 -15.27
CA LYS A 92 10.00 -11.80 -15.79
C LYS A 92 11.44 -11.35 -15.54
N SER A 93 11.68 -10.80 -14.36
CA SER A 93 13.01 -10.31 -14.00
C SER A 93 14.01 -11.47 -13.95
N SER A 94 14.82 -11.59 -14.99
CA SER A 94 15.83 -12.66 -15.07
C SER A 94 17.23 -12.09 -14.88
N GLY A 95 17.89 -12.51 -13.80
CA GLY A 95 19.23 -12.03 -13.53
C GLY A 95 19.96 -12.92 -12.53
N PRO A 96 20.98 -12.34 -11.87
CA PRO A 96 21.78 -13.06 -10.87
C PRO A 96 20.99 -13.35 -9.60
N SER A 97 20.44 -14.56 -9.51
CA SER A 97 19.66 -14.95 -8.35
C SER A 97 20.44 -15.93 -7.47
N SER A 98 21.72 -15.63 -7.26
CA SER A 98 22.59 -16.48 -6.44
C SER A 98 22.00 -16.68 -5.04
N GLY A 99 22.40 -17.76 -4.39
CA GLY A 99 21.90 -18.05 -3.06
C GLY A 99 21.87 -16.81 -2.18
N GLY A 1 12.48 -7.10 -18.11
CA GLY A 1 12.82 -7.26 -16.71
C GLY A 1 12.19 -8.49 -16.10
N SER A 2 12.94 -9.21 -15.28
CA SER A 2 12.45 -10.42 -14.64
C SER A 2 11.46 -10.08 -13.52
N SER A 3 10.19 -9.95 -13.90
CA SER A 3 9.14 -9.61 -12.94
C SER A 3 8.71 -10.85 -12.16
N GLY A 4 9.31 -11.05 -10.98
CA GLY A 4 8.97 -12.19 -10.16
C GLY A 4 8.29 -11.79 -8.86
N SER A 5 7.13 -12.40 -8.60
CA SER A 5 6.38 -12.09 -7.39
C SER A 5 6.62 -13.16 -6.33
N SER A 6 6.34 -14.41 -6.67
CA SER A 6 6.52 -15.52 -5.74
C SER A 6 7.87 -15.41 -5.03
N GLY A 7 8.95 -15.45 -5.82
CA GLY A 7 10.28 -15.37 -5.25
C GLY A 7 10.42 -14.23 -4.27
N SER A 8 10.20 -13.00 -4.75
CA SER A 8 10.32 -11.81 -3.91
C SER A 8 8.94 -11.38 -3.40
N LYS A 9 8.73 -11.50 -2.11
CA LYS A 9 7.46 -11.12 -1.49
C LYS A 9 7.49 -9.66 -1.06
N SER A 10 6.45 -8.91 -1.44
CA SER A 10 6.36 -7.50 -1.09
C SER A 10 5.05 -7.21 -0.38
N ASN A 11 5.15 -6.59 0.80
CA ASN A 11 3.97 -6.25 1.58
C ASN A 11 3.42 -4.89 1.17
N LYS A 12 3.36 -4.64 -0.13
CA LYS A 12 2.86 -3.37 -0.65
C LYS A 12 1.36 -3.45 -0.89
N ILE A 13 0.66 -2.35 -0.61
CA ILE A 13 -0.79 -2.29 -0.80
C ILE A 13 -1.17 -1.07 -1.63
N PHE A 14 -2.25 -1.22 -2.41
CA PHE A 14 -2.74 -0.14 -3.25
C PHE A 14 -3.82 0.67 -2.53
N VAL A 15 -3.51 1.93 -2.25
CA VAL A 15 -4.46 2.81 -1.58
C VAL A 15 -4.96 3.91 -2.50
N GLY A 16 -6.27 3.90 -2.76
CA GLY A 16 -6.85 4.89 -3.64
C GLY A 16 -7.96 5.67 -2.97
N GLY A 17 -8.52 6.65 -3.69
CA GLY A 17 -9.60 7.45 -3.14
C GLY A 17 -9.15 8.27 -1.94
N ILE A 18 -7.86 8.56 -1.87
CA ILE A 18 -7.31 9.33 -0.76
C ILE A 18 -7.72 10.80 -0.86
N PRO A 19 -8.08 11.40 0.29
CA PRO A 19 -8.49 12.79 0.35
C PRO A 19 -7.33 13.76 0.10
N HIS A 20 -7.66 15.02 -0.16
CA HIS A 20 -6.65 16.03 -0.41
C HIS A 20 -6.03 16.52 0.90
N ASN A 21 -6.32 15.82 1.98
CA ASN A 21 -5.79 16.17 3.29
C ASN A 21 -4.90 15.05 3.84
N CYS A 22 -5.27 13.81 3.54
CA CYS A 22 -4.51 12.66 4.01
C CYS A 22 -3.14 12.59 3.32
N GLY A 23 -2.08 12.61 4.12
CA GLY A 23 -0.74 12.55 3.57
C GLY A 23 0.05 11.37 4.10
N GLU A 24 1.35 11.36 3.82
CA GLU A 24 2.21 10.27 4.27
C GLU A 24 2.00 9.99 5.76
N THR A 25 2.23 11.00 6.58
CA THR A 25 2.06 10.87 8.02
C THR A 25 0.75 10.18 8.37
N GLU A 26 -0.36 10.81 7.97
CA GLU A 26 -1.68 10.26 8.25
C GLU A 26 -1.75 8.78 7.87
N LEU A 27 -1.61 8.51 6.57
CA LEU A 27 -1.64 7.13 6.08
C LEU A 27 -1.04 6.17 7.09
N ARG A 28 0.15 6.50 7.58
CA ARG A 28 0.84 5.66 8.56
C ARG A 28 0.11 5.69 9.90
N GLU A 29 -0.12 6.89 10.42
CA GLU A 29 -0.81 7.06 11.70
C GLU A 29 -2.05 6.18 11.77
N TYR A 30 -2.58 5.83 10.60
CA TYR A 30 -3.78 5.00 10.52
C TYR A 30 -3.41 3.57 10.13
N PHE A 31 -2.40 3.42 9.29
CA PHE A 31 -1.95 2.11 8.85
C PHE A 31 -0.86 1.56 9.77
N LYS A 32 -0.76 2.14 10.96
CA LYS A 32 0.24 1.72 11.94
C LYS A 32 -0.36 0.73 12.93
N LYS A 33 -1.67 0.78 13.08
CA LYS A 33 -2.38 -0.12 13.99
C LYS A 33 -2.41 -1.54 13.44
N PHE A 34 -2.60 -1.66 12.13
CA PHE A 34 -2.65 -2.97 11.48
C PHE A 34 -1.34 -3.72 11.68
N GLY A 35 -0.24 -2.99 11.68
CA GLY A 35 1.07 -3.60 11.84
C GLY A 35 2.18 -2.58 11.98
N VAL A 36 3.00 -2.45 10.95
CA VAL A 36 4.11 -1.50 10.95
C VAL A 36 4.45 -1.04 9.55
N VAL A 37 4.12 0.20 9.23
CA VAL A 37 4.39 0.76 7.92
C VAL A 37 5.89 0.99 7.72
N THR A 38 6.50 0.16 6.88
CA THR A 38 7.93 0.25 6.61
C THR A 38 8.20 1.33 5.55
N GLU A 39 7.32 1.42 4.57
CA GLU A 39 7.46 2.40 3.50
C GLU A 39 6.11 2.94 3.06
N VAL A 40 6.11 4.15 2.51
CA VAL A 40 4.88 4.79 2.05
C VAL A 40 5.07 5.41 0.67
N VAL A 41 4.56 4.74 -0.36
CA VAL A 41 4.66 5.22 -1.72
C VAL A 41 3.48 6.12 -2.08
N MET A 42 3.75 7.16 -2.87
CA MET A 42 2.71 8.09 -3.28
C MET A 42 2.95 8.57 -4.71
N ILE A 43 1.89 8.60 -5.51
CA ILE A 43 1.98 9.05 -6.90
C ILE A 43 1.46 10.47 -7.05
N TYR A 44 2.21 11.29 -7.80
CA TYR A 44 1.81 12.67 -8.03
C TYR A 44 2.75 13.34 -9.03
N ASP A 45 2.33 14.48 -9.56
CA ASP A 45 3.14 15.22 -10.53
C ASP A 45 4.14 16.12 -9.82
N ALA A 46 5.42 15.78 -9.92
CA ALA A 46 6.48 16.56 -9.29
C ALA A 46 6.14 18.05 -9.31
N GLU A 47 5.92 18.59 -10.50
CA GLU A 47 5.59 20.00 -10.65
C GLU A 47 4.77 20.51 -9.47
N LYS A 48 3.74 19.76 -9.10
CA LYS A 48 2.89 20.12 -7.98
C LYS A 48 3.44 19.56 -6.67
N GLN A 49 4.04 18.38 -6.74
CA GLN A 49 4.62 17.75 -5.55
C GLN A 49 3.56 17.53 -4.49
N ARG A 50 2.48 16.85 -4.87
CA ARG A 50 1.38 16.56 -3.94
C ARG A 50 0.56 15.38 -4.42
N PRO A 51 0.20 14.49 -3.47
CA PRO A 51 -0.59 13.30 -3.76
C PRO A 51 -2.03 13.63 -4.15
N ARG A 52 -2.36 13.42 -5.42
CA ARG A 52 -3.70 13.70 -5.91
C ARG A 52 -4.75 13.03 -5.04
N GLY A 53 -4.55 11.74 -4.75
CA GLY A 53 -5.48 11.00 -3.93
C GLY A 53 -5.37 9.50 -4.14
N PHE A 54 -4.15 9.02 -4.32
CA PHE A 54 -3.92 7.60 -4.54
C PHE A 54 -2.45 7.25 -4.38
N GLY A 55 -2.15 5.96 -4.30
CA GLY A 55 -0.77 5.53 -4.15
C GLY A 55 -0.66 4.13 -3.57
N PHE A 56 0.48 3.83 -2.96
CA PHE A 56 0.71 2.52 -2.36
C PHE A 56 1.44 2.65 -1.02
N ILE A 57 1.46 1.56 -0.26
CA ILE A 57 2.12 1.56 1.04
C ILE A 57 2.66 0.17 1.37
N THR A 58 3.87 0.13 1.93
CA THR A 58 4.50 -1.12 2.29
C THR A 58 4.49 -1.32 3.82
N PHE A 59 4.25 -2.57 4.24
CA PHE A 59 4.21 -2.88 5.66
C PHE A 59 5.41 -3.76 6.05
N GLU A 60 5.52 -4.06 7.35
CA GLU A 60 6.61 -4.88 7.84
C GLU A 60 6.36 -6.36 7.55
N ASP A 61 5.14 -6.80 7.80
CA ASP A 61 4.76 -8.19 7.57
C ASP A 61 3.56 -8.28 6.64
N GLU A 62 3.64 -9.17 5.64
CA GLU A 62 2.55 -9.34 4.70
C GLU A 62 1.20 -9.33 5.40
N GLN A 63 1.12 -10.01 6.54
CA GLN A 63 -0.11 -10.07 7.31
C GLN A 63 -0.82 -8.73 7.31
N SER A 64 -0.07 -7.67 7.58
CA SER A 64 -0.63 -6.32 7.62
C SER A 64 -1.43 -6.03 6.35
N VAL A 65 -0.83 -6.31 5.20
CA VAL A 65 -1.49 -6.08 3.93
C VAL A 65 -2.92 -6.64 3.93
N ASP A 66 -3.03 -7.95 4.10
CA ASP A 66 -4.34 -8.60 4.13
C ASP A 66 -5.31 -7.82 5.00
N GLN A 67 -4.93 -7.56 6.24
CA GLN A 67 -5.77 -6.81 7.17
C GLN A 67 -6.37 -5.58 6.50
N ALA A 68 -5.51 -4.82 5.82
CA ALA A 68 -5.95 -3.61 5.12
C ALA A 68 -6.83 -3.95 3.92
N VAL A 69 -6.28 -4.76 3.02
CA VAL A 69 -7.01 -5.17 1.82
C VAL A 69 -8.41 -5.67 2.17
N ASN A 70 -8.46 -6.75 2.94
CA ASN A 70 -9.73 -7.34 3.36
C ASN A 70 -10.79 -6.26 3.55
N MET A 71 -10.55 -5.36 4.51
CA MET A 71 -11.48 -4.28 4.80
C MET A 71 -11.86 -3.55 3.52
N HIS A 72 -10.87 -3.29 2.67
CA HIS A 72 -11.12 -2.59 1.41
C HIS A 72 -11.78 -1.24 1.65
N PHE A 73 -11.55 -0.68 2.84
CA PHE A 73 -12.13 0.61 3.20
C PHE A 73 -11.52 1.13 4.50
N HIS A 74 -11.54 2.45 4.66
CA HIS A 74 -10.98 3.08 5.86
C HIS A 74 -11.53 4.49 6.02
N ASP A 75 -11.56 4.97 7.27
CA ASP A 75 -12.05 6.31 7.56
C ASP A 75 -10.92 7.22 8.04
N ILE A 76 -10.25 7.87 7.10
CA ILE A 76 -9.16 8.77 7.43
C ILE A 76 -9.57 10.23 7.29
N MET A 77 -9.69 10.92 8.41
CA MET A 77 -10.08 12.33 8.41
C MET A 77 -11.47 12.50 7.81
N GLY A 78 -12.39 11.63 8.20
CA GLY A 78 -13.75 11.71 7.69
C GLY A 78 -13.82 11.49 6.19
N LYS A 79 -13.21 10.41 5.72
CA LYS A 79 -13.20 10.07 4.30
C LYS A 79 -12.98 8.59 4.09
N LYS A 80 -13.63 8.04 3.06
CA LYS A 80 -13.50 6.62 2.75
C LYS A 80 -12.31 6.37 1.82
N VAL A 81 -11.30 5.69 2.34
CA VAL A 81 -10.11 5.39 1.56
C VAL A 81 -10.11 3.93 1.08
N GLU A 82 -10.09 3.74 -0.23
CA GLU A 82 -10.10 2.41 -0.81
C GLU A 82 -8.71 1.78 -0.76
N VAL A 83 -8.66 0.49 -0.46
CA VAL A 83 -7.39 -0.23 -0.38
C VAL A 83 -7.50 -1.61 -1.01
N LYS A 84 -6.45 -2.02 -1.71
CA LYS A 84 -6.44 -3.33 -2.37
C LYS A 84 -5.03 -3.94 -2.30
N ARG A 85 -4.96 -5.25 -2.52
CA ARG A 85 -3.69 -5.96 -2.48
C ARG A 85 -2.90 -5.73 -3.77
N ALA A 86 -1.70 -5.19 -3.63
CA ALA A 86 -0.85 -4.93 -4.79
C ALA A 86 -0.12 -6.18 -5.23
N GLU A 87 -0.59 -7.33 -4.76
CA GLU A 87 0.03 -8.60 -5.11
C GLU A 87 -0.97 -9.51 -5.84
N PRO A 88 -0.44 -10.38 -6.72
CA PRO A 88 -1.26 -11.31 -7.49
C PRO A 88 -1.88 -12.40 -6.62
N ARG A 89 -3.06 -12.11 -6.07
CA ARG A 89 -3.75 -13.07 -5.22
C ARG A 89 -3.90 -14.42 -5.92
N ASP A 90 -3.49 -15.49 -5.24
CA ASP A 90 -3.59 -16.82 -5.81
C ASP A 90 -4.52 -17.71 -4.97
N SER A 91 -5.67 -18.04 -5.53
CA SER A 91 -6.64 -18.87 -4.82
C SER A 91 -6.32 -20.36 -5.02
N LYS A 92 -5.57 -20.92 -4.08
CA LYS A 92 -5.19 -22.33 -4.15
C LYS A 92 -5.79 -23.10 -2.97
N SER A 93 -5.55 -24.41 -2.96
CA SER A 93 -6.07 -25.26 -1.90
C SER A 93 -4.99 -25.58 -0.88
N SER A 94 -4.78 -24.67 0.07
CA SER A 94 -3.76 -24.85 1.10
C SER A 94 -3.71 -26.31 1.55
N GLY A 95 -2.52 -26.75 1.96
CA GLY A 95 -2.35 -28.13 2.41
C GLY A 95 -1.30 -28.25 3.48
N PRO A 96 -1.70 -28.01 4.74
CA PRO A 96 -0.79 -28.10 5.89
C PRO A 96 -0.36 -29.53 6.19
N SER A 97 -0.86 -30.47 5.39
CA SER A 97 -0.53 -31.88 5.57
C SER A 97 0.98 -32.10 5.50
N SER A 98 1.47 -33.03 6.31
CA SER A 98 2.90 -33.33 6.34
C SER A 98 3.18 -34.69 5.69
N GLY A 99 4.28 -34.77 4.95
CA GLY A 99 4.65 -36.00 4.28
C GLY A 99 3.72 -36.33 3.13
N GLY A 1 8.43 5.17 -11.45
CA GLY A 1 8.13 3.75 -11.61
C GLY A 1 9.36 2.88 -11.43
N SER A 2 9.83 2.80 -10.19
CA SER A 2 11.01 1.99 -9.88
C SER A 2 10.66 0.50 -9.84
N SER A 3 11.32 -0.28 -10.68
CA SER A 3 11.07 -1.71 -10.74
C SER A 3 11.88 -2.45 -9.67
N GLY A 4 11.24 -3.45 -9.06
CA GLY A 4 11.91 -4.21 -8.03
C GLY A 4 10.93 -4.98 -7.15
N SER A 5 10.02 -4.26 -6.51
CA SER A 5 9.02 -4.88 -5.64
C SER A 5 7.84 -5.41 -6.45
N SER A 6 8.02 -6.59 -7.03
CA SER A 6 6.97 -7.21 -7.84
C SER A 6 7.11 -8.73 -7.85
N GLY A 7 6.00 -9.42 -8.00
CA GLY A 7 6.03 -10.88 -8.03
C GLY A 7 6.41 -11.48 -6.69
N SER A 8 7.71 -11.56 -6.43
CA SER A 8 8.20 -12.12 -5.18
C SER A 8 7.46 -11.53 -3.99
N LYS A 9 7.67 -12.14 -2.83
CA LYS A 9 7.02 -11.67 -1.60
C LYS A 9 7.04 -10.15 -1.52
N SER A 10 5.88 -9.55 -1.31
CA SER A 10 5.76 -8.10 -1.22
C SER A 10 4.64 -7.71 -0.27
N ASN A 11 4.93 -6.75 0.62
CA ASN A 11 3.93 -6.27 1.58
C ASN A 11 3.40 -4.91 1.19
N LYS A 12 3.48 -4.59 -0.10
CA LYS A 12 3.00 -3.31 -0.61
C LYS A 12 1.51 -3.36 -0.91
N ILE A 13 0.81 -2.26 -0.63
CA ILE A 13 -0.62 -2.19 -0.87
C ILE A 13 -0.97 -0.99 -1.74
N PHE A 14 -2.13 -1.04 -2.39
CA PHE A 14 -2.58 0.05 -3.24
C PHE A 14 -3.68 0.85 -2.56
N VAL A 15 -3.33 2.05 -2.08
CA VAL A 15 -4.28 2.91 -1.42
C VAL A 15 -4.77 4.02 -2.35
N GLY A 16 -6.06 3.97 -2.67
CA GLY A 16 -6.64 4.97 -3.56
C GLY A 16 -7.77 5.73 -2.91
N GLY A 17 -8.49 6.51 -3.71
CA GLY A 17 -9.61 7.28 -3.20
C GLY A 17 -9.20 8.17 -2.04
N ILE A 18 -7.90 8.33 -1.84
CA ILE A 18 -7.38 9.16 -0.76
C ILE A 18 -7.91 10.59 -0.86
N PRO A 19 -8.27 11.17 0.29
CA PRO A 19 -8.80 12.53 0.36
C PRO A 19 -7.73 13.58 0.06
N HIS A 20 -8.09 14.85 0.22
CA HIS A 20 -7.16 15.94 -0.03
C HIS A 20 -6.51 16.41 1.27
N ASN A 21 -6.82 15.72 2.36
CA ASN A 21 -6.27 16.06 3.66
C ASN A 21 -5.39 14.93 4.20
N CYS A 22 -5.45 13.78 3.53
CA CYS A 22 -4.66 12.62 3.93
C CYS A 22 -3.27 12.66 3.29
N GLY A 23 -2.24 12.57 4.13
CA GLY A 23 -0.88 12.60 3.62
C GLY A 23 -0.08 11.39 4.05
N GLU A 24 1.22 11.40 3.76
CA GLU A 24 2.09 10.29 4.11
C GLU A 24 1.94 9.92 5.58
N THR A 25 2.33 10.82 6.46
CA THR A 25 2.25 10.59 7.90
C THR A 25 0.91 9.98 8.27
N GLU A 26 -0.17 10.73 8.03
CA GLU A 26 -1.52 10.26 8.35
C GLU A 26 -1.68 8.79 7.98
N LEU A 27 -1.45 8.48 6.71
CA LEU A 27 -1.58 7.10 6.23
C LEU A 27 -0.98 6.12 7.23
N ARG A 28 0.21 6.43 7.71
CA ARG A 28 0.89 5.57 8.69
C ARG A 28 0.13 5.55 10.01
N GLU A 29 0.01 6.72 10.63
CA GLU A 29 -0.69 6.83 11.91
C GLU A 29 -1.98 6.02 11.90
N TYR A 30 -2.51 5.78 10.70
CA TYR A 30 -3.75 5.02 10.55
C TYR A 30 -3.45 3.58 10.14
N PHE A 31 -2.38 3.40 9.36
CA PHE A 31 -2.00 2.08 8.88
C PHE A 31 -0.97 1.45 9.82
N LYS A 32 -0.84 2.02 11.01
CA LYS A 32 0.11 1.52 12.00
C LYS A 32 -0.58 0.55 12.97
N LYS A 33 -1.90 0.63 13.04
CA LYS A 33 -2.68 -0.23 13.92
C LYS A 33 -2.72 -1.66 13.38
N PHE A 34 -2.66 -1.80 12.06
CA PHE A 34 -2.69 -3.10 11.42
C PHE A 34 -1.36 -3.83 11.60
N GLY A 35 -0.27 -3.07 11.54
CA GLY A 35 1.05 -3.65 11.70
C GLY A 35 2.13 -2.61 11.84
N VAL A 36 2.98 -2.49 10.82
CA VAL A 36 4.07 -1.52 10.84
C VAL A 36 4.37 -1.00 9.43
N VAL A 37 4.09 0.28 9.21
CA VAL A 37 4.33 0.90 7.92
C VAL A 37 5.82 1.15 7.69
N THR A 38 6.45 0.27 6.93
CA THR A 38 7.87 0.39 6.63
C THR A 38 8.12 1.49 5.61
N GLU A 39 7.28 1.55 4.58
CA GLU A 39 7.42 2.56 3.55
C GLU A 39 6.05 3.05 3.08
N VAL A 40 6.02 4.27 2.55
CA VAL A 40 4.78 4.86 2.06
C VAL A 40 4.97 5.51 0.70
N VAL A 41 4.49 4.85 -0.36
CA VAL A 41 4.62 5.37 -1.71
C VAL A 41 3.42 6.23 -2.08
N MET A 42 3.66 7.28 -2.85
CA MET A 42 2.60 8.19 -3.28
C MET A 42 2.84 8.67 -4.71
N ILE A 43 1.78 8.65 -5.52
CA ILE A 43 1.88 9.10 -6.90
C ILE A 43 1.41 10.54 -7.06
N TYR A 44 2.18 11.34 -7.77
CA TYR A 44 1.83 12.74 -8.00
C TYR A 44 2.75 13.36 -9.05
N ASP A 45 2.35 14.53 -9.55
CA ASP A 45 3.12 15.24 -10.56
C ASP A 45 4.26 16.02 -9.92
N ALA A 46 5.49 15.57 -10.14
CA ALA A 46 6.66 16.24 -9.58
C ALA A 46 6.46 17.75 -9.51
N GLU A 47 6.19 18.36 -10.66
CA GLU A 47 5.96 19.80 -10.72
C GLU A 47 5.08 20.27 -9.57
N LYS A 48 4.02 19.51 -9.31
CA LYS A 48 3.10 19.85 -8.23
C LYS A 48 3.68 19.46 -6.88
N GLN A 49 4.32 18.30 -6.82
CA GLN A 49 4.91 17.82 -5.58
C GLN A 49 3.86 17.65 -4.50
N ARG A 50 2.77 16.95 -4.84
CA ARG A 50 1.69 16.72 -3.90
C ARG A 50 0.81 15.56 -4.35
N PRO A 51 0.42 14.69 -3.40
CA PRO A 51 -0.43 13.53 -3.69
C PRO A 51 -1.85 13.93 -4.05
N ARG A 52 -2.28 13.52 -5.25
CA ARG A 52 -3.63 13.83 -5.72
C ARG A 52 -4.68 13.14 -4.85
N GLY A 53 -4.55 11.82 -4.71
CA GLY A 53 -5.50 11.07 -3.91
C GLY A 53 -5.38 9.57 -4.15
N PHE A 54 -4.16 9.09 -4.32
CA PHE A 54 -3.92 7.67 -4.55
C PHE A 54 -2.44 7.33 -4.42
N GLY A 55 -2.13 6.05 -4.25
CA GLY A 55 -0.76 5.63 -4.11
C GLY A 55 -0.64 4.22 -3.54
N PHE A 56 0.49 3.94 -2.91
CA PHE A 56 0.73 2.63 -2.31
C PHE A 56 1.43 2.76 -0.97
N ILE A 57 1.50 1.65 -0.23
CA ILE A 57 2.15 1.64 1.08
C ILE A 57 2.72 0.26 1.40
N THR A 58 3.93 0.24 1.92
CA THR A 58 4.59 -1.00 2.27
C THR A 58 4.54 -1.24 3.78
N PHE A 59 4.33 -2.49 4.17
CA PHE A 59 4.25 -2.86 5.57
C PHE A 59 5.45 -3.72 5.97
N GLU A 60 5.57 -3.99 7.27
CA GLU A 60 6.66 -4.81 7.79
C GLU A 60 6.47 -6.27 7.43
N ASP A 61 5.21 -6.70 7.42
CA ASP A 61 4.89 -8.09 7.09
C ASP A 61 3.67 -8.16 6.17
N GLU A 62 3.60 -9.22 5.38
CA GLU A 62 2.48 -9.40 4.46
C GLU A 62 1.15 -9.39 5.21
N GLN A 63 1.07 -10.18 6.27
CA GLN A 63 -0.14 -10.26 7.07
C GLN A 63 -0.85 -8.91 7.13
N SER A 64 -0.08 -7.86 7.41
CA SER A 64 -0.63 -6.51 7.50
C SER A 64 -1.52 -6.21 6.30
N VAL A 65 -0.97 -6.37 5.10
CA VAL A 65 -1.71 -6.11 3.87
C VAL A 65 -3.12 -6.68 3.95
N ASP A 66 -3.22 -7.95 4.35
CA ASP A 66 -4.52 -8.61 4.48
C ASP A 66 -5.45 -7.81 5.37
N GLN A 67 -5.05 -7.64 6.63
CA GLN A 67 -5.86 -6.90 7.59
C GLN A 67 -6.57 -5.73 6.91
N ALA A 68 -5.82 -4.98 6.11
CA ALA A 68 -6.37 -3.83 5.40
C ALA A 68 -7.34 -4.27 4.31
N VAL A 69 -6.82 -5.00 3.31
CA VAL A 69 -7.64 -5.48 2.21
C VAL A 69 -8.98 -6.02 2.71
N ASN A 70 -8.92 -6.96 3.65
CA ASN A 70 -10.12 -7.56 4.21
C ASN A 70 -11.24 -6.54 4.31
N MET A 71 -10.94 -5.39 4.91
CA MET A 71 -11.92 -4.32 5.06
C MET A 71 -12.18 -3.61 3.74
N HIS A 72 -11.10 -3.40 2.98
CA HIS A 72 -11.21 -2.73 1.68
C HIS A 72 -11.79 -1.33 1.84
N PHE A 73 -11.58 -0.73 3.01
CA PHE A 73 -12.08 0.61 3.30
C PHE A 73 -11.50 1.15 4.60
N HIS A 74 -11.40 2.47 4.69
CA HIS A 74 -10.86 3.11 5.88
C HIS A 74 -11.34 4.57 5.97
N ASP A 75 -11.43 5.06 7.20
CA ASP A 75 -11.88 6.43 7.44
C ASP A 75 -10.71 7.32 7.87
N ILE A 76 -10.09 7.98 6.89
CA ILE A 76 -8.96 8.87 7.16
C ILE A 76 -9.29 10.31 6.81
N MET A 77 -9.24 11.18 7.80
CA MET A 77 -9.53 12.60 7.60
C MET A 77 -10.92 12.78 7.02
N GLY A 78 -11.91 12.10 7.61
CA GLY A 78 -13.27 12.21 7.11
C GLY A 78 -13.40 11.85 5.65
N LYS A 79 -12.95 10.65 5.30
CA LYS A 79 -13.01 10.18 3.91
C LYS A 79 -12.79 8.68 3.84
N LYS A 80 -13.41 8.04 2.85
CA LYS A 80 -13.28 6.60 2.67
C LYS A 80 -12.11 6.28 1.74
N VAL A 81 -11.05 5.70 2.31
CA VAL A 81 -9.87 5.34 1.54
C VAL A 81 -9.93 3.88 1.09
N GLU A 82 -9.68 3.65 -0.19
CA GLU A 82 -9.70 2.30 -0.74
C GLU A 82 -8.33 1.64 -0.62
N VAL A 83 -8.34 0.33 -0.41
CA VAL A 83 -7.10 -0.43 -0.27
C VAL A 83 -7.19 -1.78 -0.97
N LYS A 84 -6.24 -2.07 -1.84
CA LYS A 84 -6.21 -3.32 -2.57
C LYS A 84 -4.79 -3.84 -2.74
N ARG A 85 -4.61 -5.15 -2.67
CA ARG A 85 -3.30 -5.76 -2.81
C ARG A 85 -2.55 -5.18 -4.01
N ALA A 86 -1.26 -4.95 -3.84
CA ALA A 86 -0.43 -4.39 -4.91
C ALA A 86 0.47 -5.47 -5.52
N GLU A 87 0.14 -6.72 -5.26
CA GLU A 87 0.92 -7.84 -5.78
C GLU A 87 0.03 -8.83 -6.53
N PRO A 88 0.61 -9.53 -7.51
CA PRO A 88 -0.12 -10.52 -8.31
C PRO A 88 -0.48 -11.76 -7.51
N ARG A 89 -1.40 -12.55 -8.05
CA ARG A 89 -1.84 -13.77 -7.38
C ARG A 89 -0.89 -14.93 -7.71
N ASP A 90 -1.05 -16.03 -6.97
CA ASP A 90 -0.21 -17.20 -7.18
C ASP A 90 -0.51 -17.86 -8.53
N SER A 91 0.54 -18.11 -9.29
CA SER A 91 0.39 -18.73 -10.61
C SER A 91 0.80 -20.20 -10.57
N LYS A 92 2.02 -20.46 -10.15
CA LYS A 92 2.53 -21.83 -10.06
C LYS A 92 2.04 -22.51 -8.79
N SER A 93 1.63 -23.77 -8.92
CA SER A 93 1.13 -24.53 -7.78
C SER A 93 2.13 -25.61 -7.38
N SER A 94 2.81 -25.38 -6.25
CA SER A 94 3.80 -26.32 -5.75
C SER A 94 3.27 -27.06 -4.53
N GLY A 95 2.92 -26.31 -3.50
CA GLY A 95 2.40 -26.90 -2.27
C GLY A 95 3.36 -26.76 -1.11
N PRO A 96 3.00 -27.36 0.04
CA PRO A 96 3.82 -27.31 1.25
C PRO A 96 5.11 -28.11 1.11
N SER A 97 5.98 -28.00 2.11
CA SER A 97 7.25 -28.73 2.10
C SER A 97 7.04 -30.20 1.76
N SER A 98 6.08 -30.82 2.44
CA SER A 98 5.78 -32.23 2.22
C SER A 98 7.06 -33.04 2.09
N GLY A 99 8.04 -32.76 2.95
CA GLY A 99 9.30 -33.46 2.92
C GLY A 99 10.27 -32.97 3.97
#